data_8OQ6
#
_entry.id   8OQ6
#
_cell.length_a   1.00
_cell.length_b   1.00
_cell.length_c   1.00
_cell.angle_alpha   90.00
_cell.angle_beta   90.00
_cell.angle_gamma   90.00
#
_symmetry.space_group_name_H-M   'P 1'
#
loop_
_entity.id
_entity.type
_entity.pdbx_description
1 polymer 'Gamma-aminobutyric acid receptor subunit rho-1'
2 non-polymer 2-acetamido-2-deoxy-beta-D-glucopyranose
3 non-polymer N-OCTANE
4 non-polymer DECANE
5 non-polymer '[(2R)-2-heptanoyloxy-3-phosphonooxy-propyl] nonanoate'
6 non-polymer 'CHLORIDE ION'
7 water water
#
_entity_poly.entity_id   1
_entity_poly.type   'polypeptide(L)'
_entity_poly.pdbx_seq_one_letter_code
;MLAVPNMRFGIFLLWWGWVLATESRMHWPGREVHEMSKKGRPQRQRREVHEDAHKQVSPILRRSPDITKSPLTKSEQLLR
IDDHDFSMRPGFGGPAIPVGVDVQVESLDSISEVDMDFTMTLYLRHYWKDERLSFPSTNNLSMTFDGRLVKKIWVPDMFF
VHSKRSFIHDTTTDNVMLRVQPDGKVLYSLRVTVTAMCNMDFSRFPLDTQTCSLEIESYAYTEDDLMLYWKKGNDSLKTD
ERISLSQFLIQEFHTTTKLAFYSSTGWYNRLYINFTLRRHIFFFLLQTYFPATLMVMLSWVSFWIDRRAVPARVPLGITT
VLTMSTIITGVNASMPRVSYIKAVDIYLWVSFVFVFLSVLEYAAVNYLTTVQERKEQKLREKLPCTSGLPPPRTAMLDGN
YSDGEVNDLDNYMPENGEKPDRMMVQLTLASERSSPQRKSQRSSYVSMRIDTHAIDKYSRIIFPAAYILFNLIYWSIFS
;
_entity_poly.pdbx_strand_id   A,B,C,D,E
#
loop_
_chem_comp.id
_chem_comp.type
_chem_comp.name
_chem_comp.formula
7P9 non-polymer '[(2R)-2-heptanoyloxy-3-phosphonooxy-propyl] nonanoate' 'C19 H37 O8 P'
CL non-polymer 'CHLORIDE ION' 'Cl -1'
D10 non-polymer DECANE 'C10 H22'
NAG D-saccharide, beta linking 2-acetamido-2-deoxy-beta-D-glucopyranose 'C8 H15 N O6'
OCT non-polymer N-OCTANE 'C8 H18'
#
# COMPACT_ATOMS: atom_id res chain seq x y z
N LYS A 74 -35.79 18.01 -35.67
CA LYS A 74 -34.97 17.89 -34.48
C LYS A 74 -35.83 17.66 -33.25
N SER A 75 -35.45 16.68 -32.43
CA SER A 75 -36.24 16.35 -31.25
C SER A 75 -36.21 17.46 -30.22
N GLU A 76 -35.11 18.22 -30.13
CA GLU A 76 -35.02 19.30 -29.16
C GLU A 76 -35.85 20.51 -29.55
N GLN A 77 -36.36 20.56 -30.79
CA GLN A 77 -37.25 21.65 -31.19
C GLN A 77 -38.69 21.40 -30.79
N LEU A 78 -39.04 20.16 -30.41
CA LEU A 78 -40.37 19.91 -29.87
C LEU A 78 -40.52 20.50 -28.48
N LEU A 79 -39.42 20.52 -27.71
CA LEU A 79 -39.40 21.16 -26.41
C LEU A 79 -38.90 22.59 -26.59
N ARG A 80 -39.71 23.57 -26.19
CA ARG A 80 -39.38 24.98 -26.38
C ARG A 80 -38.29 25.36 -25.39
N ILE A 81 -37.06 24.93 -25.70
CA ILE A 81 -35.92 25.19 -24.82
C ILE A 81 -35.63 26.68 -24.76
N ASP A 82 -35.64 27.36 -25.91
CA ASP A 82 -35.27 28.77 -25.97
C ASP A 82 -36.39 29.70 -25.54
N ASP A 83 -37.60 29.18 -25.30
CA ASP A 83 -38.73 30.00 -24.90
C ASP A 83 -38.93 30.04 -23.39
N HIS A 84 -38.06 29.38 -22.61
CA HIS A 84 -38.21 29.33 -21.17
C HIS A 84 -36.86 29.50 -20.51
N ASP A 85 -36.88 29.98 -19.27
CA ASP A 85 -35.68 30.16 -18.47
C ASP A 85 -35.49 28.92 -17.62
N PHE A 86 -34.40 28.18 -17.87
CA PHE A 86 -34.12 26.94 -17.16
C PHE A 86 -33.13 27.12 -16.02
N SER A 87 -32.88 28.35 -15.59
CA SER A 87 -32.06 28.61 -14.42
C SER A 87 -32.86 28.62 -13.13
N MET A 88 -34.20 28.56 -13.21
CA MET A 88 -35.06 28.58 -12.04
C MET A 88 -35.83 27.26 -11.93
N ARG A 89 -36.21 26.91 -10.71
CA ARG A 89 -36.94 25.69 -10.48
C ARG A 89 -38.37 25.81 -10.98
N PRO A 90 -39.02 24.68 -11.32
CA PRO A 90 -40.43 24.73 -11.71
C PRO A 90 -41.29 25.28 -10.57
N GLY A 91 -42.30 26.05 -10.94
CA GLY A 91 -43.16 26.64 -9.92
C GLY A 91 -42.49 27.72 -9.10
N PHE A 92 -41.54 28.44 -9.69
CA PHE A 92 -40.82 29.48 -8.97
C PHE A 92 -41.79 30.54 -8.45
N GLY A 93 -41.62 30.91 -7.19
CA GLY A 93 -42.49 31.87 -6.54
C GLY A 93 -43.72 31.28 -5.89
N GLY A 94 -43.95 29.98 -6.02
CA GLY A 94 -45.11 29.35 -5.43
C GLY A 94 -44.74 28.25 -4.45
N PRO A 95 -45.61 27.25 -4.32
CA PRO A 95 -45.30 26.13 -3.43
C PRO A 95 -44.11 25.33 -3.91
N ALA A 96 -43.42 24.70 -2.96
CA ALA A 96 -42.27 23.88 -3.28
C ALA A 96 -42.68 22.67 -4.10
N ILE A 97 -41.78 22.24 -4.98
CA ILE A 97 -42.01 21.09 -5.85
C ILE A 97 -41.57 19.81 -5.16
N PRO A 98 -42.41 18.77 -5.11
CA PRO A 98 -41.97 17.50 -4.53
C PRO A 98 -41.05 16.75 -5.47
N VAL A 99 -40.02 16.13 -4.90
CA VAL A 99 -39.06 15.32 -5.63
C VAL A 99 -38.92 13.98 -4.92
N GLY A 100 -39.16 12.89 -5.65
CA GLY A 100 -39.04 11.56 -5.11
C GLY A 100 -37.72 10.91 -5.49
N VAL A 101 -37.20 10.07 -4.60
CA VAL A 101 -35.90 9.45 -4.77
C VAL A 101 -36.04 7.94 -4.57
N ASP A 102 -35.48 7.17 -5.51
CA ASP A 102 -35.39 5.72 -5.40
C ASP A 102 -33.94 5.30 -5.53
N VAL A 103 -33.51 4.35 -4.69
CA VAL A 103 -32.13 3.92 -4.63
C VAL A 103 -32.08 2.41 -4.74
N GLN A 104 -31.19 1.91 -5.60
CA GLN A 104 -30.90 0.48 -5.70
C GLN A 104 -29.42 0.28 -5.45
N VAL A 105 -29.09 -0.52 -4.44
CA VAL A 105 -27.70 -0.76 -4.06
C VAL A 105 -27.18 -1.92 -4.90
N GLU A 106 -26.09 -1.67 -5.63
CA GLU A 106 -25.53 -2.68 -6.52
C GLU A 106 -24.51 -3.56 -5.81
N SER A 107 -23.58 -2.97 -5.07
CA SER A 107 -22.58 -3.74 -4.35
C SER A 107 -21.90 -2.85 -3.33
N LEU A 108 -21.24 -3.49 -2.36
CA LEU A 108 -20.35 -2.84 -1.41
C LEU A 108 -18.93 -3.20 -1.78
N ASP A 109 -18.11 -2.20 -2.09
CA ASP A 109 -16.80 -2.47 -2.66
C ASP A 109 -15.79 -2.89 -1.60
N SER A 110 -15.65 -2.11 -0.53
CA SER A 110 -14.67 -2.39 0.50
C SER A 110 -15.00 -1.56 1.73
N ILE A 111 -14.38 -1.95 2.85
CA ILE A 111 -14.54 -1.25 4.12
C ILE A 111 -13.17 -1.13 4.77
N SER A 112 -12.88 0.05 5.32
CA SER A 112 -11.59 0.33 5.95
C SER A 112 -11.81 0.65 7.42
N GLU A 113 -11.27 -0.21 8.30
CA GLU A 113 -11.44 -0.01 9.73
C GLU A 113 -10.53 1.10 10.26
N VAL A 114 -9.32 1.23 9.71
CA VAL A 114 -8.39 2.24 10.21
C VAL A 114 -8.90 3.64 9.88
N ASP A 115 -9.34 3.86 8.65
CA ASP A 115 -9.84 5.17 8.23
C ASP A 115 -11.35 5.34 8.46
N MET A 116 -12.04 4.27 8.86
CA MET A 116 -13.46 4.32 9.23
C MET A 116 -14.32 4.87 8.08
N ASP A 117 -14.35 4.11 6.99
CA ASP A 117 -15.17 4.45 5.84
C ASP A 117 -15.52 3.18 5.07
N PHE A 118 -16.50 3.31 4.17
CA PHE A 118 -16.92 2.22 3.31
C PHE A 118 -17.26 2.77 1.93
N THR A 119 -17.23 1.88 0.94
CA THR A 119 -17.47 2.24 -0.44
C THR A 119 -18.69 1.49 -0.96
N MET A 120 -19.60 2.21 -1.63
CA MET A 120 -20.83 1.64 -2.13
C MET A 120 -21.07 2.10 -3.56
N THR A 121 -21.64 1.22 -4.37
CA THR A 121 -22.06 1.53 -5.74
C THR A 121 -23.57 1.37 -5.83
N LEU A 122 -24.25 2.36 -6.41
CA LEU A 122 -25.70 2.40 -6.35
C LEU A 122 -26.26 3.12 -7.57
N TYR A 123 -27.56 2.93 -7.78
CA TYR A 123 -28.33 3.68 -8.79
C TYR A 123 -29.20 4.70 -8.07
N LEU A 124 -29.15 5.95 -8.55
CA LEU A 124 -29.94 7.03 -7.98
C LEU A 124 -30.95 7.53 -9.00
N ARG A 125 -32.21 7.59 -8.60
CA ARG A 125 -33.29 8.01 -9.50
C ARG A 125 -34.09 9.14 -8.87
N HIS A 126 -34.51 10.09 -9.70
CA HIS A 126 -35.28 11.25 -9.27
C HIS A 126 -36.55 11.35 -10.10
N TYR A 127 -37.63 11.77 -9.47
CA TYR A 127 -38.92 11.93 -10.13
C TYR A 127 -39.49 13.30 -9.82
N TRP A 128 -39.85 14.05 -10.86
CA TRP A 128 -40.50 15.35 -10.68
C TRP A 128 -41.24 15.69 -11.96
N LYS A 129 -42.11 16.69 -11.87
CA LYS A 129 -42.95 17.12 -12.97
C LYS A 129 -42.63 18.56 -13.34
N ASP A 130 -42.57 18.82 -14.65
CA ASP A 130 -42.28 20.16 -15.17
C ASP A 130 -43.19 20.40 -16.37
N GLU A 131 -44.10 21.37 -16.25
CA GLU A 131 -45.01 21.67 -17.34
C GLU A 131 -44.31 22.29 -18.54
N ARG A 132 -43.11 22.85 -18.34
CA ARG A 132 -42.40 23.50 -19.45
C ARG A 132 -41.87 22.50 -20.46
N LEU A 133 -41.81 21.22 -20.13
CA LEU A 133 -41.31 20.18 -21.02
C LEU A 133 -42.42 19.43 -21.74
N SER A 134 -43.68 19.83 -21.56
CA SER A 134 -44.77 19.15 -22.24
C SER A 134 -44.71 19.42 -23.74
N PHE A 135 -44.96 18.37 -24.53
CA PHE A 135 -44.93 18.48 -25.98
C PHE A 135 -46.14 17.77 -26.57
N PRO A 136 -46.70 18.29 -27.66
CA PRO A 136 -47.86 17.64 -28.28
C PRO A 136 -47.46 16.33 -28.94
N SER A 137 -48.42 15.40 -28.97
CA SER A 137 -48.21 14.11 -29.60
C SER A 137 -49.55 13.52 -29.98
N THR A 138 -49.52 12.63 -30.96
CA THR A 138 -50.70 11.90 -31.40
C THR A 138 -50.84 10.54 -30.72
N ASN A 139 -49.94 10.23 -29.78
CA ASN A 139 -49.96 8.97 -29.05
C ASN A 139 -49.36 9.22 -27.67
N ASN A 140 -49.01 8.15 -26.97
CA ASN A 140 -48.50 8.24 -25.60
C ASN A 140 -47.07 7.73 -25.50
N LEU A 141 -46.25 7.98 -26.52
CA LEU A 141 -44.85 7.57 -26.50
C LEU A 141 -43.99 8.67 -25.87
N SER A 142 -42.93 8.25 -25.19
CA SER A 142 -42.00 9.14 -24.51
C SER A 142 -40.70 9.25 -25.29
N MET A 143 -39.93 10.29 -24.95
CA MET A 143 -38.64 10.56 -25.57
C MET A 143 -37.52 10.38 -24.55
N THR A 144 -36.46 9.70 -24.97
CA THR A 144 -35.32 9.41 -24.11
C THR A 144 -34.12 10.23 -24.56
N PHE A 145 -33.48 10.90 -23.61
CA PHE A 145 -32.31 11.74 -23.88
C PHE A 145 -31.17 11.31 -22.99
N ASP A 146 -29.94 11.56 -23.47
CA ASP A 146 -28.74 11.19 -22.74
C ASP A 146 -28.28 12.35 -21.87
N GLY A 147 -27.04 12.28 -21.39
CA GLY A 147 -26.50 13.28 -20.49
C GLY A 147 -26.30 14.65 -21.11
N ARG A 148 -26.34 14.75 -22.44
CA ARG A 148 -26.11 16.04 -23.09
C ARG A 148 -27.26 17.02 -22.86
N LEU A 149 -28.46 16.53 -22.55
CA LEU A 149 -29.59 17.42 -22.30
C LEU A 149 -29.62 17.96 -20.89
N VAL A 150 -28.78 17.42 -19.99
CA VAL A 150 -28.81 17.86 -18.59
C VAL A 150 -28.42 19.33 -18.49
N LYS A 151 -27.42 19.75 -19.26
CA LYS A 151 -26.93 21.13 -19.20
C LYS A 151 -27.94 22.15 -19.75
N LYS A 152 -29.00 21.70 -20.43
CA LYS A 152 -29.97 22.61 -21.01
C LYS A 152 -31.26 22.71 -20.19
N ILE A 153 -31.44 21.87 -19.17
CA ILE A 153 -32.65 21.87 -18.35
C ILE A 153 -32.25 21.93 -16.89
N TRP A 154 -33.26 22.05 -16.03
CA TRP A 154 -33.07 22.08 -14.59
C TRP A 154 -33.16 20.68 -14.01
N VAL A 155 -32.19 20.31 -13.19
CA VAL A 155 -32.18 19.00 -12.53
C VAL A 155 -31.86 19.18 -11.05
N PRO A 156 -32.36 18.31 -10.17
CA PRO A 156 -32.07 18.43 -8.74
C PRO A 156 -30.59 18.27 -8.43
N ASP A 157 -30.12 19.05 -7.45
CA ASP A 157 -28.71 19.07 -7.06
C ASP A 157 -28.50 18.28 -5.77
N MET A 158 -28.72 16.97 -5.87
CA MET A 158 -28.49 16.09 -4.73
C MET A 158 -26.99 15.85 -4.52
N PHE A 159 -26.59 15.69 -3.26
CA PHE A 159 -25.22 15.35 -2.95
C PHE A 159 -25.21 14.48 -1.70
N PHE A 160 -24.11 13.75 -1.51
CA PHE A 160 -23.98 12.81 -0.41
C PHE A 160 -23.31 13.48 0.78
N VAL A 161 -23.96 13.44 1.92
CA VAL A 161 -23.45 14.10 3.13
C VAL A 161 -22.42 13.22 3.80
N HIS A 162 -21.38 13.84 4.36
CA HIS A 162 -20.31 13.15 5.06
C HIS A 162 -19.61 12.12 4.16
N SER A 163 -19.41 12.49 2.91
CA SER A 163 -18.66 11.66 1.97
C SER A 163 -17.24 12.20 1.82
N LYS A 164 -16.35 11.32 1.38
CA LYS A 164 -14.94 11.67 1.16
C LYS A 164 -14.58 11.81 -0.31
N ARG A 165 -15.11 10.94 -1.16
CA ARG A 165 -14.85 11.02 -2.59
C ARG A 165 -15.93 10.24 -3.32
N SER A 166 -16.24 10.68 -4.54
CA SER A 166 -17.27 10.04 -5.35
C SER A 166 -17.06 10.41 -6.81
N PHE A 167 -17.61 9.58 -7.69
CA PHE A 167 -17.52 9.82 -9.12
C PHE A 167 -18.66 9.13 -9.83
N ILE A 168 -18.92 9.56 -11.06
CA ILE A 168 -19.95 9.00 -11.92
C ILE A 168 -19.26 8.25 -13.06
N HIS A 169 -19.65 7.01 -13.28
CA HIS A 169 -19.02 6.18 -14.31
C HIS A 169 -19.30 6.74 -15.70
N ASP A 170 -18.29 6.67 -16.58
CA ASP A 170 -18.39 7.27 -17.90
C ASP A 170 -17.85 6.33 -18.98
N THR A 171 -18.04 5.03 -18.84
CA THR A 171 -17.61 4.06 -19.83
C THR A 171 -18.81 3.22 -20.27
N THR A 172 -19.06 3.17 -21.58
CA THR A 172 -18.26 3.83 -22.59
C THR A 172 -18.66 5.29 -22.78
N THR A 173 -19.75 5.68 -22.11
CA THR A 173 -20.20 7.06 -22.08
C THR A 173 -20.81 7.33 -20.71
N ASP A 174 -21.21 8.58 -20.49
CA ASP A 174 -21.80 8.94 -19.20
C ASP A 174 -23.03 8.11 -18.92
N ASN A 175 -23.09 7.54 -17.71
CA ASN A 175 -24.22 6.71 -17.31
C ASN A 175 -25.34 7.58 -16.73
N VAL A 176 -25.90 8.41 -17.60
CA VAL A 176 -26.98 9.33 -17.25
C VAL A 176 -28.11 9.13 -18.26
N MET A 177 -29.33 9.01 -17.75
CA MET A 177 -30.50 8.78 -18.60
C MET A 177 -31.61 9.75 -18.21
N LEU A 178 -32.31 10.27 -19.21
CA LEU A 178 -33.44 11.16 -19.01
C LEU A 178 -34.62 10.67 -19.84
N ARG A 179 -35.78 10.55 -19.21
CA ARG A 179 -37.00 10.15 -19.89
C ARG A 179 -38.08 11.19 -19.60
N VAL A 180 -38.70 11.71 -20.64
CA VAL A 180 -39.69 12.78 -20.51
C VAL A 180 -41.01 12.28 -21.04
N GLN A 181 -42.05 12.36 -20.20
CA GLN A 181 -43.40 12.00 -20.59
C GLN A 181 -44.07 13.16 -21.31
N PRO A 182 -45.10 12.87 -22.13
CA PRO A 182 -45.80 13.96 -22.83
C PRO A 182 -46.40 15.00 -21.90
N ASP A 183 -46.82 14.61 -20.70
CA ASP A 183 -47.43 15.55 -19.76
C ASP A 183 -46.42 16.26 -18.88
N GLY A 184 -45.12 16.02 -19.09
CA GLY A 184 -44.08 16.74 -18.39
C GLY A 184 -43.41 16.00 -17.26
N LYS A 185 -43.76 14.74 -17.01
CA LYS A 185 -43.09 13.96 -15.97
C LYS A 185 -41.70 13.58 -16.43
N VAL A 186 -40.72 13.73 -15.54
CA VAL A 186 -39.30 13.55 -15.87
C VAL A 186 -38.71 12.52 -14.94
N LEU A 187 -37.97 11.57 -15.50
CA LEU A 187 -37.19 10.59 -14.75
C LEU A 187 -35.71 10.81 -15.03
N TYR A 188 -34.93 10.94 -13.97
CA TYR A 188 -33.50 11.25 -14.07
C TYR A 188 -32.73 10.21 -13.27
N SER A 189 -31.95 9.39 -13.96
CA SER A 189 -31.25 8.27 -13.34
C SER A 189 -29.77 8.32 -13.68
N LEU A 190 -28.94 7.98 -12.69
CA LEU A 190 -27.50 7.96 -12.89
C LEU A 190 -26.88 6.92 -11.96
N ARG A 191 -25.71 6.43 -12.37
CA ARG A 191 -24.98 5.40 -11.64
C ARG A 191 -23.73 6.01 -11.04
N VAL A 192 -23.57 5.87 -9.72
CA VAL A 192 -22.56 6.60 -8.97
C VAL A 192 -21.89 5.66 -7.96
N THR A 193 -20.62 5.95 -7.66
CA THR A 193 -19.86 5.28 -6.62
C THR A 193 -19.43 6.32 -5.58
N VAL A 194 -19.66 6.02 -4.31
CA VAL A 194 -19.45 7.00 -3.24
C VAL A 194 -18.72 6.33 -2.08
N THR A 195 -17.79 7.06 -1.47
CA THR A 195 -17.10 6.65 -0.25
C THR A 195 -17.55 7.57 0.88
N ALA A 196 -18.06 6.98 1.96
CA ALA A 196 -18.64 7.74 3.06
C ALA A 196 -18.02 7.31 4.37
N MET A 197 -17.98 8.25 5.32
CA MET A 197 -17.42 7.98 6.63
C MET A 197 -18.41 7.22 7.50
N CYS A 198 -17.87 6.48 8.48
CA CYS A 198 -18.70 5.76 9.44
C CYS A 198 -17.88 5.55 10.70
N ASN A 199 -18.23 6.26 11.77
CA ASN A 199 -17.53 6.12 13.04
C ASN A 199 -17.76 4.73 13.62
N MET A 200 -16.70 4.13 14.13
CA MET A 200 -16.74 2.78 14.67
C MET A 200 -16.15 2.75 16.06
N ASP A 201 -16.59 1.78 16.85
CA ASP A 201 -16.10 1.57 18.21
C ASP A 201 -15.62 0.14 18.34
N PHE A 202 -14.35 -0.04 18.68
CA PHE A 202 -13.74 -1.37 18.77
C PHE A 202 -13.47 -1.79 20.20
N SER A 203 -14.17 -1.20 21.17
CA SER A 203 -13.95 -1.55 22.56
C SER A 203 -14.30 -2.99 22.84
N ARG A 204 -15.39 -3.49 22.24
CA ARG A 204 -15.86 -4.85 22.45
C ARG A 204 -15.36 -5.82 21.38
N PHE A 205 -14.32 -5.43 20.64
CA PHE A 205 -13.76 -6.31 19.62
C PHE A 205 -13.29 -7.61 20.26
N PRO A 206 -13.53 -8.77 19.62
CA PRO A 206 -14.20 -8.96 18.33
C PRO A 206 -15.72 -9.19 18.40
N LEU A 207 -16.35 -8.86 19.52
CA LEU A 207 -17.79 -9.01 19.67
C LEU A 207 -18.53 -7.71 19.43
N ASP A 208 -17.93 -6.79 18.67
CA ASP A 208 -18.53 -5.49 18.43
C ASP A 208 -19.53 -5.52 17.28
N THR A 209 -20.47 -4.59 17.31
CA THR A 209 -21.49 -4.40 16.29
C THR A 209 -21.42 -2.97 15.81
N GLN A 210 -21.39 -2.77 14.49
CA GLN A 210 -21.24 -1.45 13.90
C GLN A 210 -22.41 -1.15 12.97
N THR A 211 -22.95 0.06 13.08
CA THR A 211 -24.05 0.53 12.25
C THR A 211 -23.59 1.72 11.44
N CYS A 212 -23.64 1.58 10.11
CA CYS A 212 -23.25 2.63 9.18
C CYS A 212 -24.45 3.09 8.37
N SER A 213 -24.40 4.35 7.93
CA SER A 213 -25.51 4.94 7.19
C SER A 213 -24.98 5.76 6.02
N LEU A 214 -25.85 5.99 5.05
CA LEU A 214 -25.57 6.82 3.88
C LEU A 214 -26.64 7.89 3.79
N GLU A 215 -26.21 9.14 3.58
CA GLU A 215 -27.10 10.29 3.67
C GLU A 215 -27.15 11.03 2.35
N ILE A 216 -28.35 11.47 1.98
CA ILE A 216 -28.60 12.20 0.73
C ILE A 216 -29.35 13.48 1.08
N GLU A 217 -28.89 14.60 0.53
CA GLU A 217 -29.49 15.89 0.85
C GLU A 217 -29.32 16.83 -0.33
N SER A 218 -30.28 17.75 -0.49
CA SER A 218 -30.15 18.81 -1.48
C SER A 218 -29.12 19.84 -1.03
N TYR A 219 -28.36 20.37 -1.99
CA TYR A 219 -27.27 21.26 -1.64
C TYR A 219 -27.74 22.70 -1.46
N ALA A 220 -28.47 23.25 -2.43
CA ALA A 220 -28.76 24.67 -2.45
C ALA A 220 -30.24 25.01 -2.23
N TYR A 221 -31.12 24.02 -2.13
CA TYR A 221 -32.55 24.26 -2.01
C TYR A 221 -33.04 23.79 -0.64
N THR A 222 -33.72 24.69 0.08
CA THR A 222 -34.26 24.37 1.39
C THR A 222 -35.64 23.71 1.25
N GLU A 223 -36.26 23.41 2.38
CA GLU A 223 -37.57 22.77 2.38
C GLU A 223 -38.66 23.68 1.83
N ASP A 224 -38.43 24.99 1.80
CA ASP A 224 -39.42 25.92 1.25
C ASP A 224 -39.44 25.90 -0.27
N ASP A 225 -38.37 25.45 -0.92
CA ASP A 225 -38.30 25.41 -2.37
C ASP A 225 -38.28 24.00 -2.95
N LEU A 226 -37.70 23.03 -2.25
CA LEU A 226 -37.62 21.66 -2.75
C LEU A 226 -37.96 20.71 -1.61
N MET A 227 -38.95 19.86 -1.82
CA MET A 227 -39.40 18.90 -0.82
C MET A 227 -38.95 17.51 -1.26
N LEU A 228 -38.05 16.91 -0.46
CA LEU A 228 -37.43 15.64 -0.79
C LEU A 228 -38.04 14.52 0.05
N TYR A 229 -38.33 13.40 -0.60
CA TYR A 229 -38.97 12.29 0.10
C TYR A 229 -38.71 11.00 -0.65
N TRP A 230 -38.92 9.87 0.04
CA TRP A 230 -38.88 8.56 -0.60
C TRP A 230 -40.17 8.35 -1.38
N LYS A 231 -40.05 7.95 -2.65
CA LYS A 231 -41.20 7.90 -3.52
C LYS A 231 -42.24 6.88 -3.05
N LYS A 232 -41.78 5.70 -2.61
CA LYS A 232 -42.67 4.63 -2.19
C LYS A 232 -42.42 4.18 -0.75
N GLY A 233 -42.03 5.12 0.11
CA GLY A 233 -41.80 4.77 1.50
C GLY A 233 -40.64 3.80 1.65
N ASN A 234 -40.87 2.71 2.38
CA ASN A 234 -39.83 1.74 2.64
C ASN A 234 -39.56 0.81 1.46
N ASP A 235 -40.39 0.84 0.43
CA ASP A 235 -40.19 0.03 -0.76
C ASP A 235 -39.27 0.69 -1.78
N SER A 236 -38.76 1.89 -1.48
CA SER A 236 -37.92 2.63 -2.42
C SER A 236 -36.46 2.20 -2.39
N LEU A 237 -36.09 1.29 -1.49
CA LEU A 237 -34.73 0.79 -1.40
C LEU A 237 -34.70 -0.68 -1.82
N LYS A 238 -33.87 -0.99 -2.80
CA LYS A 238 -33.66 -2.36 -3.27
C LYS A 238 -32.18 -2.70 -3.19
N THR A 239 -31.89 -3.94 -2.82
CA THR A 239 -30.51 -4.40 -2.68
C THR A 239 -30.28 -5.64 -3.53
N ASP A 240 -29.05 -5.80 -3.98
CA ASP A 240 -28.68 -6.96 -4.78
C ASP A 240 -28.75 -8.23 -3.94
N GLU A 241 -29.06 -9.35 -4.60
CA GLU A 241 -29.16 -10.62 -3.90
C GLU A 241 -27.80 -11.14 -3.44
N ARG A 242 -26.72 -10.75 -4.13
CA ARG A 242 -25.39 -11.29 -3.87
C ARG A 242 -24.45 -10.26 -3.25
N ILE A 243 -24.99 -9.29 -2.52
CA ILE A 243 -24.16 -8.33 -1.82
C ILE A 243 -23.57 -8.99 -0.59
N SER A 244 -22.25 -8.87 -0.41
CA SER A 244 -21.57 -9.50 0.70
C SER A 244 -20.24 -8.82 0.95
N LEU A 245 -19.68 -9.09 2.12
CA LEU A 245 -18.35 -8.60 2.50
C LEU A 245 -17.49 -9.78 2.93
N SER A 246 -16.18 -9.63 2.74
CA SER A 246 -15.27 -10.74 3.02
C SER A 246 -15.25 -11.09 4.50
N GLN A 247 -15.15 -10.07 5.37
CA GLN A 247 -14.99 -10.30 6.81
C GLN A 247 -16.17 -9.75 7.62
N PHE A 248 -17.27 -9.36 6.99
CA PHE A 248 -18.42 -8.81 7.68
C PHE A 248 -19.70 -9.43 7.18
N LEU A 249 -20.73 -9.38 8.03
CA LEU A 249 -22.08 -9.80 7.69
C LEU A 249 -22.98 -8.58 7.64
N ILE A 250 -23.74 -8.43 6.55
CA ILE A 250 -24.56 -7.25 6.30
C ILE A 250 -26.02 -7.62 6.47
N GLN A 251 -26.76 -6.80 7.20
CA GLN A 251 -28.15 -7.10 7.50
C GLN A 251 -28.89 -5.82 7.88
N GLU A 252 -30.22 -5.93 7.93
CA GLU A 252 -31.10 -4.88 8.44
C GLU A 252 -30.95 -3.58 7.66
N PHE A 253 -31.30 -3.65 6.38
CA PHE A 253 -31.39 -2.48 5.52
C PHE A 253 -32.75 -1.81 5.68
N HIS A 254 -32.75 -0.51 5.98
CA HIS A 254 -33.99 0.23 6.09
C HIS A 254 -33.70 1.71 5.86
N THR A 255 -34.77 2.47 5.61
CA THR A 255 -34.67 3.87 5.24
C THR A 255 -35.39 4.74 6.26
N THR A 256 -34.79 5.90 6.57
CA THR A 256 -35.37 6.86 7.49
C THR A 256 -35.12 8.27 6.96
N THR A 257 -35.85 9.23 7.51
CA THR A 257 -35.73 10.63 7.14
C THR A 257 -35.62 11.49 8.41
N LYS A 258 -34.95 12.63 8.27
CA LYS A 258 -34.80 13.55 9.39
C LYS A 258 -34.51 14.95 8.84
N LEU A 259 -35.05 15.96 9.52
CA LEU A 259 -34.84 17.35 9.13
C LEU A 259 -33.57 17.88 9.76
N ALA A 260 -32.75 18.56 8.97
CA ALA A 260 -31.50 19.16 9.43
C ALA A 260 -31.57 20.67 9.28
N PHE A 261 -30.94 21.38 10.22
CA PHE A 261 -30.96 22.84 10.24
C PHE A 261 -29.57 23.38 10.02
N TYR A 262 -29.46 24.38 9.14
CA TYR A 262 -28.23 25.13 8.95
C TYR A 262 -28.50 26.60 9.22
N SER A 263 -27.69 27.21 10.10
CA SER A 263 -27.93 28.59 10.47
C SER A 263 -27.75 29.55 9.30
N SER A 264 -26.95 29.16 8.30
CA SER A 264 -26.70 30.06 7.18
C SER A 264 -27.91 30.16 6.25
N THR A 265 -28.62 29.06 6.05
CA THR A 265 -29.70 29.06 5.06
C THR A 265 -31.04 28.61 5.62
N GLY A 266 -31.05 27.65 6.53
CA GLY A 266 -32.30 27.17 7.08
C GLY A 266 -32.41 25.66 7.05
N TRP A 267 -33.63 25.14 7.00
CA TRP A 267 -33.89 23.72 7.17
C TRP A 267 -33.74 22.97 5.84
N TYR A 268 -33.33 21.71 5.95
CA TYR A 268 -33.18 20.82 4.80
C TYR A 268 -33.77 19.46 5.13
N ASN A 269 -34.19 18.75 4.09
CA ASN A 269 -34.67 17.38 4.21
C ASN A 269 -33.52 16.43 3.88
N ARG A 270 -33.35 15.41 4.72
CA ARG A 270 -32.26 14.45 4.57
C ARG A 270 -32.81 13.04 4.58
N LEU A 271 -32.26 12.19 3.71
CA LEU A 271 -32.64 10.80 3.60
C LEU A 271 -31.50 9.90 4.06
N TYR A 272 -31.84 8.79 4.68
CA TYR A 272 -30.86 7.88 5.27
C TYR A 272 -31.04 6.47 4.73
N ILE A 273 -29.93 5.76 4.60
CA ILE A 273 -29.92 4.33 4.30
C ILE A 273 -29.06 3.65 5.35
N ASN A 274 -29.68 2.79 6.16
CA ASN A 274 -29.02 2.20 7.32
C ASN A 274 -28.80 0.71 7.15
N PHE A 275 -27.69 0.22 7.68
CA PHE A 275 -27.39 -1.21 7.69
C PHE A 275 -26.45 -1.51 8.86
N THR A 276 -26.36 -2.80 9.19
CA THR A 276 -25.62 -3.26 10.36
C THR A 276 -24.56 -4.28 9.95
N LEU A 277 -23.42 -4.25 10.63
CA LEU A 277 -22.29 -5.12 10.34
C LEU A 277 -21.95 -5.99 11.54
N ARG A 278 -21.62 -7.26 11.29
CA ARG A 278 -21.22 -8.21 12.31
C ARG A 278 -20.08 -9.06 11.79
N ARG A 279 -19.33 -9.66 12.73
CA ARG A 279 -18.17 -10.48 12.40
C ARG A 279 -18.48 -11.96 12.56
N HIS A 280 -17.46 -12.78 12.33
CA HIS A 280 -17.51 -14.22 12.55
C HIS A 280 -16.83 -14.52 13.87
N ILE A 281 -17.63 -14.89 14.88
CA ILE A 281 -17.10 -15.03 16.23
C ILE A 281 -16.20 -16.26 16.35
N PHE A 282 -16.59 -17.38 15.75
CA PHE A 282 -15.88 -18.63 15.97
C PHE A 282 -14.46 -18.58 15.43
N PHE A 283 -14.25 -17.88 14.32
CA PHE A 283 -12.89 -17.76 13.78
C PHE A 283 -11.97 -17.09 14.78
N PHE A 284 -12.39 -15.95 15.33
CA PHE A 284 -11.57 -15.24 16.30
C PHE A 284 -11.38 -16.06 17.57
N LEU A 285 -12.44 -16.73 18.02
CA LEU A 285 -12.33 -17.59 19.19
C LEU A 285 -11.25 -18.64 18.98
N LEU A 286 -11.33 -19.39 17.88
CA LEU A 286 -10.36 -20.45 17.61
C LEU A 286 -8.95 -19.88 17.44
N GLN A 287 -8.82 -18.73 16.79
CA GLN A 287 -7.49 -18.19 16.51
C GLN A 287 -6.83 -17.59 17.74
N THR A 288 -7.62 -17.06 18.69
CA THR A 288 -7.04 -16.31 19.79
C THR A 288 -7.27 -16.95 21.15
N TYR A 289 -8.52 -17.24 21.51
CA TYR A 289 -8.81 -17.67 22.88
C TYR A 289 -8.35 -19.09 23.14
N PHE A 290 -8.40 -19.94 22.12
CA PHE A 290 -7.99 -21.34 22.28
C PHE A 290 -6.52 -21.49 22.62
N PRO A 291 -5.56 -20.91 21.89
CA PRO A 291 -4.15 -21.08 22.26
C PRO A 291 -3.80 -20.55 23.63
N ALA A 292 -4.37 -19.41 24.03
CA ALA A 292 -4.07 -18.84 25.34
C ALA A 292 -4.55 -19.76 26.46
N THR A 293 -5.77 -20.29 26.33
CA THR A 293 -6.28 -21.21 27.33
C THR A 293 -5.45 -22.49 27.36
N LEU A 294 -5.05 -22.99 26.20
CA LEU A 294 -4.22 -24.20 26.16
C LEU A 294 -2.88 -23.97 26.84
N MET A 295 -2.25 -22.81 26.62
CA MET A 295 -0.98 -22.53 27.26
C MET A 295 -1.13 -22.35 28.76
N VAL A 296 -2.22 -21.70 29.20
CA VAL A 296 -2.43 -21.55 30.64
C VAL A 296 -2.63 -22.90 31.31
N MET A 297 -3.43 -23.78 30.67
CA MET A 297 -3.62 -25.11 31.23
C MET A 297 -2.33 -25.93 31.19
N LEU A 298 -1.49 -25.70 30.18
CA LEU A 298 -0.20 -26.38 30.12
C LEU A 298 0.74 -25.92 31.21
N SER A 299 0.64 -24.65 31.62
CA SER A 299 1.49 -24.14 32.69
C SER A 299 1.18 -24.78 34.04
N TRP A 300 0.00 -25.39 34.20
CA TRP A 300 -0.35 -26.06 35.46
C TRP A 300 0.22 -27.47 35.55
N VAL A 301 0.86 -27.96 34.49
CA VAL A 301 1.43 -29.30 34.53
C VAL A 301 2.56 -29.39 35.55
N SER A 302 3.34 -28.31 35.70
CA SER A 302 4.51 -28.34 36.56
C SER A 302 4.17 -28.58 38.02
N PHE A 303 2.92 -28.34 38.43
CA PHE A 303 2.55 -28.58 39.83
C PHE A 303 2.51 -30.06 40.17
N TRP A 304 2.51 -30.94 39.17
CA TRP A 304 2.46 -32.38 39.38
C TRP A 304 3.82 -33.05 39.19
N ILE A 305 4.88 -32.26 39.03
CA ILE A 305 6.23 -32.78 38.83
C ILE A 305 6.99 -32.67 40.14
N ASP A 306 7.90 -33.62 40.36
CA ASP A 306 8.69 -33.64 41.59
C ASP A 306 9.51 -32.36 41.72
N ARG A 307 9.53 -31.80 42.94
CA ARG A 307 10.26 -30.56 43.18
C ARG A 307 11.76 -30.73 43.06
N ARG A 308 12.26 -31.97 43.14
CA ARG A 308 13.70 -32.21 43.09
C ARG A 308 14.28 -32.14 41.68
N ALA A 309 13.43 -32.06 40.65
CA ALA A 309 13.89 -31.99 39.26
C ALA A 309 13.85 -30.52 38.82
N VAL A 310 14.83 -29.76 39.30
CA VAL A 310 14.94 -28.36 38.90
C VAL A 310 15.17 -28.19 37.40
N PRO A 311 16.11 -28.92 36.76
CA PRO A 311 16.32 -28.74 35.32
C PRO A 311 15.12 -29.14 34.46
N ALA A 312 14.07 -29.70 35.05
CA ALA A 312 12.83 -29.95 34.33
C ALA A 312 11.75 -28.93 34.65
N ARG A 313 11.72 -28.42 35.88
CA ARG A 313 10.72 -27.44 36.28
C ARG A 313 11.01 -26.06 35.71
N VAL A 314 12.28 -25.62 35.74
CA VAL A 314 12.62 -24.26 35.35
C VAL A 314 12.49 -24.05 33.84
N PRO A 315 13.13 -24.87 32.99
CA PRO A 315 12.99 -24.66 31.54
C PRO A 315 11.56 -24.74 31.06
N LEU A 316 10.73 -25.59 31.66
CA LEU A 316 9.33 -25.67 31.26
C LEU A 316 8.63 -24.34 31.47
N GLY A 317 8.81 -23.73 32.64
CA GLY A 317 8.17 -22.46 32.91
C GLY A 317 8.66 -21.34 32.01
N ILE A 318 9.99 -21.26 31.82
CA ILE A 318 10.50 -20.16 31.00
C ILE A 318 10.10 -20.32 29.54
N THR A 319 10.06 -21.57 29.04
CA THR A 319 9.63 -21.79 27.67
C THR A 319 8.14 -21.55 27.50
N THR A 320 7.34 -21.83 28.53
CA THR A 320 5.92 -21.49 28.46
C THR A 320 5.73 -19.97 28.39
N VAL A 321 6.52 -19.22 29.16
CA VAL A 321 6.46 -17.77 29.07
C VAL A 321 6.83 -17.29 27.68
N LEU A 322 7.90 -17.85 27.11
CA LEU A 322 8.31 -17.48 25.75
C LEU A 322 7.22 -17.78 24.73
N THR A 323 6.59 -18.96 24.83
CA THR A 323 5.55 -19.33 23.90
C THR A 323 4.34 -18.40 24.00
N MET A 324 3.96 -18.05 25.23
CA MET A 324 2.85 -17.11 25.41
C MET A 324 3.18 -15.75 24.82
N SER A 325 4.41 -15.28 25.01
CA SER A 325 4.80 -14.00 24.45
C SER A 325 4.75 -14.02 22.93
N THR A 326 5.24 -15.11 22.31
CA THR A 326 5.18 -15.20 20.85
C THR A 326 3.74 -15.24 20.34
N ILE A 327 2.87 -15.97 21.05
CA ILE A 327 1.46 -16.02 20.66
C ILE A 327 0.82 -14.64 20.73
N ILE A 328 1.09 -13.91 21.81
CA ILE A 328 0.51 -12.57 21.96
C ILE A 328 1.00 -11.65 20.85
N THR A 329 2.31 -11.70 20.54
CA THR A 329 2.84 -10.85 19.48
C THR A 329 2.22 -11.19 18.12
N GLY A 330 2.08 -12.48 17.80
CA GLY A 330 1.47 -12.84 16.52
C GLY A 330 0.01 -12.42 16.42
N VAL A 331 -0.73 -12.54 17.52
CA VAL A 331 -2.12 -12.10 17.52
C VAL A 331 -2.18 -10.60 17.31
N ASN A 332 -1.30 -9.85 18.00
CA ASN A 332 -1.34 -8.40 17.82
C ASN A 332 -0.97 -8.02 16.39
N ALA A 333 -0.05 -8.77 15.78
CA ALA A 333 0.41 -8.44 14.43
C ALA A 333 -0.68 -8.64 13.39
N SER A 334 -1.70 -9.45 13.69
CA SER A 334 -2.73 -9.73 12.69
C SER A 334 -4.02 -8.93 12.89
N MET A 335 -4.09 -8.06 13.89
CA MET A 335 -5.27 -7.24 14.16
C MET A 335 -5.14 -5.86 13.55
N PRO A 336 -6.28 -5.18 13.31
CA PRO A 336 -6.22 -3.80 12.81
C PRO A 336 -5.51 -2.89 13.81
N ARG A 337 -4.77 -1.92 13.28
CA ARG A 337 -3.95 -1.02 14.09
C ARG A 337 -4.87 0.03 14.73
N VAL A 338 -5.51 -0.38 15.81
CA VAL A 338 -6.37 0.48 16.61
C VAL A 338 -5.72 0.63 17.97
N SER A 339 -5.44 1.88 18.36
CA SER A 339 -4.60 2.16 19.51
C SER A 339 -5.43 2.48 20.76
N TYR A 340 -6.17 1.48 21.23
CA TYR A 340 -6.73 1.51 22.57
C TYR A 340 -7.07 0.09 23.00
N ILE A 341 -7.31 -0.07 24.30
CA ILE A 341 -7.43 -1.39 24.90
C ILE A 341 -8.74 -2.04 24.48
N LYS A 342 -8.66 -3.31 24.10
CA LYS A 342 -9.81 -4.12 23.73
C LYS A 342 -9.89 -5.34 24.65
N ALA A 343 -11.00 -6.08 24.52
CA ALA A 343 -11.23 -7.22 25.42
C ALA A 343 -10.18 -8.31 25.23
N VAL A 344 -9.80 -8.56 23.99
CA VAL A 344 -8.83 -9.63 23.71
C VAL A 344 -7.50 -9.33 24.39
N ASP A 345 -7.10 -8.06 24.43
CA ASP A 345 -5.88 -7.68 25.13
C ASP A 345 -5.97 -8.00 26.62
N ILE A 346 -7.13 -7.73 27.22
CA ILE A 346 -7.33 -8.04 28.63
C ILE A 346 -7.15 -9.54 28.87
N TYR A 347 -7.78 -10.35 28.02
CA TYR A 347 -7.67 -11.80 28.16
C TYR A 347 -6.22 -12.27 28.05
N LEU A 348 -5.50 -11.79 27.03
CA LEU A 348 -4.14 -12.24 26.79
C LEU A 348 -3.20 -11.83 27.92
N TRP A 349 -3.35 -10.61 28.43
CA TRP A 349 -2.44 -10.15 29.48
C TRP A 349 -2.75 -10.80 30.83
N VAL A 350 -4.02 -11.13 31.09
CA VAL A 350 -4.33 -11.91 32.28
C VAL A 350 -3.69 -13.30 32.19
N SER A 351 -3.74 -13.92 31.00
CA SER A 351 -3.06 -15.20 30.82
C SER A 351 -1.56 -15.09 31.06
N PHE A 352 -0.95 -14.01 30.54
CA PHE A 352 0.48 -13.80 30.75
C PHE A 352 0.81 -13.66 32.24
N VAL A 353 -0.03 -12.94 32.98
CA VAL A 353 0.17 -12.80 34.41
C VAL A 353 0.07 -14.15 35.12
N PHE A 354 -0.89 -14.98 34.69
CA PHE A 354 -1.03 -16.32 35.27
C PHE A 354 0.24 -17.15 35.08
N VAL A 355 0.82 -17.12 33.89
CA VAL A 355 2.04 -17.89 33.64
C VAL A 355 3.20 -17.35 34.47
N PHE A 356 3.27 -16.02 34.62
CA PHE A 356 4.30 -15.41 35.45
C PHE A 356 4.19 -15.89 36.90
N LEU A 357 2.98 -15.90 37.45
CA LEU A 357 2.79 -16.39 38.81
C LEU A 357 3.12 -17.87 38.94
N SER A 358 2.81 -18.66 37.91
CA SER A 358 3.17 -20.07 37.94
C SER A 358 4.67 -20.27 37.99
N VAL A 359 5.46 -19.33 37.47
CA VAL A 359 6.91 -19.44 37.60
C VAL A 359 7.38 -19.00 38.98
N LEU A 360 6.82 -17.90 39.51
CA LEU A 360 7.20 -17.45 40.85
C LEU A 360 6.90 -18.52 41.90
N GLU A 361 5.83 -19.29 41.70
CA GLU A 361 5.45 -20.30 42.67
C GLU A 361 6.54 -21.36 42.84
N TYR A 362 7.07 -21.89 41.73
CA TYR A 362 8.14 -22.86 41.85
C TYR A 362 9.42 -22.22 42.35
N ALA A 363 9.68 -20.96 42.02
CA ALA A 363 10.84 -20.29 42.60
C ALA A 363 10.77 -20.32 44.13
N ALA A 364 9.61 -19.95 44.68
CA ALA A 364 9.44 -19.94 46.13
C ALA A 364 9.58 -21.34 46.71
N VAL A 365 8.99 -22.34 46.04
CA VAL A 365 9.08 -23.71 46.54
C VAL A 365 10.53 -24.17 46.60
N ASN A 366 11.29 -23.90 45.55
CA ASN A 366 12.69 -24.30 45.51
C ASN A 366 13.50 -23.62 46.60
N TYR A 367 13.28 -22.31 46.80
CA TYR A 367 14.03 -21.62 47.85
C TYR A 367 13.71 -22.20 49.22
N LEU A 368 12.43 -22.46 49.51
CA LEU A 368 12.06 -23.00 50.80
C LEU A 368 12.66 -24.39 51.01
N THR A 369 12.65 -25.22 49.97
CA THR A 369 13.23 -26.56 50.09
C THR A 369 14.72 -26.49 50.40
N THR A 370 15.44 -25.60 49.70
CA THR A 370 16.87 -25.44 49.96
C THR A 370 17.13 -24.98 51.39
N VAL A 371 16.34 -24.02 51.87
CA VAL A 371 16.52 -23.52 53.23
C VAL A 371 16.30 -24.64 54.24
N GLN A 372 15.22 -25.42 54.06
CA GLN A 372 14.93 -26.49 55.00
C GLN A 372 16.04 -27.54 55.01
N GLU A 373 16.52 -27.94 53.83
CA GLU A 373 17.59 -28.94 53.79
C GLU A 373 18.86 -28.44 54.46
N ARG A 374 19.22 -27.18 54.21
CA ARG A 374 20.43 -26.63 54.84
C ARG A 374 20.29 -26.57 56.34
N LYS A 375 19.11 -26.17 56.83
CA LYS A 375 18.90 -26.12 58.28
C LYS A 375 18.99 -27.51 58.90
N GLU A 376 18.41 -28.52 58.24
CA GLU A 376 18.48 -29.88 58.76
C GLU A 376 19.92 -30.37 58.82
N GLN A 377 20.70 -30.11 57.76
CA GLN A 377 22.10 -30.54 57.76
C GLN A 377 22.89 -29.84 58.85
N LYS A 378 22.66 -28.53 59.04
CA LYS A 378 23.36 -27.81 60.09
C LYS A 378 23.01 -28.35 61.47
N LEU A 379 21.73 -28.68 61.69
CA LEU A 379 21.33 -29.26 62.97
C LEU A 379 21.98 -30.60 63.22
N ARG A 380 22.06 -31.45 62.18
CA ARG A 380 22.70 -32.76 62.33
C ARG A 380 24.20 -32.61 62.58
N ASP A 451 8.10 -36.26 50.02
CA ASP A 451 6.74 -35.76 50.18
C ASP A 451 6.50 -34.56 49.27
N THR A 452 5.25 -34.10 49.23
CA THR A 452 4.85 -32.99 48.38
C THR A 452 4.75 -31.71 49.20
N HIS A 453 5.31 -30.63 48.68
CA HIS A 453 5.26 -29.34 49.36
C HIS A 453 3.83 -28.84 49.43
N ALA A 454 3.49 -28.18 50.55
CA ALA A 454 2.13 -27.70 50.74
C ALA A 454 1.76 -26.64 49.71
N ILE A 455 2.74 -25.86 49.24
CA ILE A 455 2.45 -24.82 48.25
C ILE A 455 1.92 -25.45 46.96
N ASP A 456 2.52 -26.55 46.52
CA ASP A 456 2.02 -27.25 45.33
C ASP A 456 0.60 -27.76 45.55
N LYS A 457 0.34 -28.33 46.73
CA LYS A 457 -0.99 -28.86 47.02
C LYS A 457 -2.05 -27.77 46.96
N TYR A 458 -1.75 -26.59 47.50
CA TYR A 458 -2.72 -25.50 47.47
C TYR A 458 -2.82 -24.89 46.07
N SER A 459 -1.70 -24.80 45.35
CA SER A 459 -1.72 -24.22 44.01
C SER A 459 -2.56 -25.04 43.05
N ARG A 460 -2.45 -26.37 43.13
CA ARG A 460 -3.20 -27.25 42.24
C ARG A 460 -4.70 -26.97 42.29
N ILE A 461 -5.20 -26.50 43.42
CA ILE A 461 -6.61 -26.16 43.55
C ILE A 461 -6.86 -24.69 43.25
N ILE A 462 -5.97 -23.80 43.71
CA ILE A 462 -6.24 -22.37 43.64
C ILE A 462 -6.17 -21.87 42.21
N PHE A 463 -5.14 -22.28 41.45
CA PHE A 463 -4.97 -21.72 40.10
C PHE A 463 -6.14 -22.02 39.17
N PRO A 464 -6.59 -23.28 38.99
CA PRO A 464 -7.76 -23.50 38.12
C PRO A 464 -9.02 -22.80 38.60
N ALA A 465 -9.24 -22.74 39.92
CA ALA A 465 -10.42 -22.06 40.43
C ALA A 465 -10.38 -20.57 40.12
N ALA A 466 -9.22 -19.94 40.29
CA ALA A 466 -9.10 -18.52 39.97
C ALA A 466 -9.30 -18.28 38.48
N TYR A 467 -8.75 -19.14 37.63
CA TYR A 467 -8.93 -18.94 36.20
C TYR A 467 -10.40 -19.12 35.79
N ILE A 468 -11.08 -20.11 36.37
CA ILE A 468 -12.50 -20.31 36.05
C ILE A 468 -13.32 -19.12 36.51
N LEU A 469 -13.04 -18.59 37.70
CA LEU A 469 -13.76 -17.41 38.18
C LEU A 469 -13.52 -16.20 37.27
N PHE A 470 -12.27 -16.00 36.84
CA PHE A 470 -11.98 -14.91 35.93
C PHE A 470 -12.74 -15.07 34.61
N ASN A 471 -12.78 -16.28 34.07
CA ASN A 471 -13.50 -16.51 32.83
C ASN A 471 -14.99 -16.23 33.00
N LEU A 472 -15.57 -16.66 34.12
CA LEU A 472 -16.98 -16.39 34.37
C LEU A 472 -17.26 -14.90 34.41
N ILE A 473 -16.44 -14.14 35.16
CA ILE A 473 -16.66 -12.70 35.26
C ILE A 473 -16.48 -12.04 33.89
N TYR A 474 -15.44 -12.43 33.15
CA TYR A 474 -15.15 -11.81 31.87
C TYR A 474 -16.28 -12.06 30.86
N TRP A 475 -16.75 -13.30 30.79
CA TRP A 475 -17.81 -13.61 29.82
C TRP A 475 -19.19 -13.16 30.29
N SER A 476 -19.35 -12.84 31.57
CA SER A 476 -20.58 -12.16 31.99
C SER A 476 -20.53 -10.68 31.61
N ILE A 477 -19.36 -10.06 31.71
CA ILE A 477 -19.26 -8.64 31.36
C ILE A 477 -19.37 -8.43 29.86
N PHE A 478 -18.68 -9.26 29.08
CA PHE A 478 -18.64 -9.11 27.63
C PHE A 478 -19.62 -10.02 26.91
N SER A 479 -20.49 -10.71 27.65
CA SER A 479 -21.53 -11.58 27.07
C SER A 479 -20.94 -12.69 26.20
N LYS B 74 -35.00 36.16 -18.74
CA LYS B 74 -33.77 35.53 -18.27
C LYS B 74 -33.27 36.21 -17.00
N SER B 75 -32.90 35.39 -16.00
CA SER B 75 -32.45 35.93 -14.73
C SER B 75 -31.13 36.67 -14.85
N GLU B 76 -30.26 36.24 -15.77
CA GLU B 76 -28.98 36.90 -15.94
C GLU B 76 -29.09 38.26 -16.63
N GLN B 77 -30.25 38.58 -17.20
CA GLN B 77 -30.45 39.88 -17.80
C GLN B 77 -30.87 40.93 -16.77
N LEU B 78 -31.27 40.52 -15.57
CA LEU B 78 -31.52 41.48 -14.50
C LEU B 78 -30.22 42.07 -13.99
N LEU B 79 -29.15 41.28 -13.99
CA LEU B 79 -27.82 41.77 -13.64
C LEU B 79 -27.11 42.19 -14.91
N ARG B 80 -26.70 43.46 -14.96
CA ARG B 80 -26.07 44.01 -16.17
C ARG B 80 -24.66 43.45 -16.28
N ILE B 81 -24.58 42.19 -16.71
CA ILE B 81 -23.29 41.52 -16.82
C ILE B 81 -22.44 42.17 -17.92
N ASP B 82 -23.05 42.47 -19.06
CA ASP B 82 -22.30 43.01 -20.20
C ASP B 82 -22.01 44.50 -20.07
N ASP B 83 -22.58 45.18 -19.07
CA ASP B 83 -22.37 46.60 -18.88
C ASP B 83 -21.26 46.92 -17.90
N HIS B 84 -20.58 45.91 -17.37
CA HIS B 84 -19.53 46.13 -16.38
C HIS B 84 -18.36 45.21 -16.67
N ASP B 85 -17.18 45.63 -16.23
CA ASP B 85 -15.96 44.83 -16.37
C ASP B 85 -15.76 44.02 -15.08
N PHE B 86 -15.83 42.70 -15.21
CA PHE B 86 -15.72 41.81 -14.06
C PHE B 86 -14.32 41.22 -13.92
N SER B 87 -13.32 41.79 -14.58
CA SER B 87 -11.94 41.40 -14.38
C SER B 87 -11.26 42.17 -13.26
N MET B 88 -11.91 43.19 -12.70
CA MET B 88 -11.35 43.99 -11.63
C MET B 88 -12.19 43.83 -10.36
N ARG B 89 -11.55 44.05 -9.22
CA ARG B 89 -12.22 43.92 -7.94
C ARG B 89 -13.17 45.10 -7.73
N PRO B 90 -14.22 44.91 -6.92
CA PRO B 90 -15.11 46.04 -6.58
C PRO B 90 -14.34 47.15 -5.88
N GLY B 91 -14.70 48.39 -6.19
CA GLY B 91 -14.00 49.52 -5.60
C GLY B 91 -12.59 49.69 -6.11
N PHE B 92 -12.32 49.30 -7.35
CA PHE B 92 -10.97 49.42 -7.91
C PHE B 92 -10.50 50.87 -7.88
N GLY B 93 -9.27 51.06 -7.42
CA GLY B 93 -8.70 52.39 -7.30
C GLY B 93 -8.97 53.08 -5.99
N GLY B 94 -9.75 52.48 -5.10
CA GLY B 94 -10.07 53.08 -3.83
C GLY B 94 -9.64 52.23 -2.65
N PRO B 95 -10.36 52.35 -1.54
CA PRO B 95 -10.02 51.52 -0.37
C PRO B 95 -10.26 50.04 -0.65
N ALA B 96 -9.50 49.21 0.08
CA ALA B 96 -9.64 47.77 -0.06
C ALA B 96 -11.01 47.30 0.41
N ILE B 97 -11.52 46.24 -0.23
CA ILE B 97 -12.82 45.68 0.12
C ILE B 97 -12.66 44.62 1.21
N PRO B 98 -13.45 44.68 2.27
CA PRO B 98 -13.39 43.63 3.29
C PRO B 98 -14.07 42.36 2.82
N VAL B 99 -13.45 41.22 3.16
CA VAL B 99 -13.99 39.91 2.83
C VAL B 99 -13.98 39.06 4.10
N GLY B 100 -15.14 38.54 4.48
CA GLY B 100 -15.27 37.70 5.65
C GLY B 100 -15.30 36.23 5.29
N VAL B 101 -14.75 35.40 6.18
CA VAL B 101 -14.62 33.97 5.94
C VAL B 101 -15.21 33.21 7.12
N ASP B 102 -16.05 32.21 6.82
CA ASP B 102 -16.59 31.30 7.81
C ASP B 102 -16.27 29.87 7.39
N VAL B 103 -15.85 29.06 8.36
CA VAL B 103 -15.40 27.69 8.10
C VAL B 103 -16.16 26.74 9.02
N GLN B 104 -16.68 25.66 8.45
CA GLN B 104 -17.28 24.57 9.21
C GLN B 104 -16.55 23.29 8.88
N VAL B 105 -15.98 22.64 9.89
CA VAL B 105 -15.20 21.43 9.70
C VAL B 105 -16.16 20.23 9.72
N GLU B 106 -16.15 19.45 8.65
CA GLU B 106 -17.07 18.32 8.54
C GLU B 106 -16.48 17.05 9.14
N SER B 107 -15.24 16.73 8.78
CA SER B 107 -14.60 15.53 9.32
C SER B 107 -13.10 15.61 9.07
N LEU B 108 -12.36 14.79 9.81
CA LEU B 108 -10.94 14.56 9.57
C LEU B 108 -10.79 13.16 8.98
N ASP B 109 -10.23 13.08 7.78
CA ASP B 109 -10.24 11.82 7.05
C ASP B 109 -9.17 10.86 7.55
N SER B 110 -7.93 11.31 7.62
CA SER B 110 -6.83 10.45 8.03
C SER B 110 -5.63 11.32 8.38
N ILE B 111 -4.67 10.70 9.04
CA ILE B 111 -3.41 11.35 9.42
C ILE B 111 -2.27 10.38 9.16
N SER B 112 -1.18 10.90 8.59
CA SER B 112 -0.01 10.09 8.24
C SER B 112 1.19 10.59 9.02
N GLU B 113 1.72 9.74 9.89
CA GLU B 113 2.87 10.11 10.71
C GLU B 113 4.17 10.10 9.92
N VAL B 114 4.30 9.16 8.98
CA VAL B 114 5.55 9.06 8.21
C VAL B 114 5.72 10.26 7.29
N ASP B 115 4.65 10.64 6.58
CA ASP B 115 4.70 11.77 5.67
C ASP B 115 4.33 13.09 6.33
N MET B 116 3.86 13.06 7.58
CA MET B 116 3.57 14.26 8.37
C MET B 116 2.56 15.16 7.67
N ASP B 117 1.34 14.64 7.52
CA ASP B 117 0.24 15.39 6.93
C ASP B 117 -1.08 14.85 7.47
N PHE B 118 -2.14 15.63 7.25
CA PHE B 118 -3.49 15.25 7.64
C PHE B 118 -4.47 15.71 6.56
N THR B 119 -5.63 15.07 6.54
CA THR B 119 -6.67 15.35 5.55
C THR B 119 -7.93 15.84 6.25
N MET B 120 -8.51 16.92 5.75
CA MET B 120 -9.69 17.53 6.35
C MET B 120 -10.71 17.87 5.27
N THR B 121 -11.99 17.72 5.60
CA THR B 121 -13.09 18.12 4.73
C THR B 121 -13.88 19.23 5.43
N LEU B 122 -14.17 20.30 4.70
CA LEU B 122 -14.73 21.50 5.33
C LEU B 122 -15.59 22.27 4.34
N TYR B 123 -16.40 23.18 4.89
CA TYR B 123 -17.17 24.13 4.11
C TYR B 123 -16.52 25.50 4.22
N LEU B 124 -16.32 26.16 3.09
CA LEU B 124 -15.70 27.48 3.05
C LEU B 124 -16.71 28.49 2.52
N ARG B 125 -16.91 29.59 3.26
CA ARG B 125 -17.89 30.61 2.90
C ARG B 125 -17.22 31.97 2.86
N HIS B 126 -17.62 32.80 1.89
CA HIS B 126 -17.09 34.13 1.71
C HIS B 126 -18.23 35.13 1.68
N TYR B 127 -18.00 36.32 2.24
CA TYR B 127 -18.99 37.38 2.28
C TYR B 127 -18.36 38.67 1.79
N TRP B 128 -19.00 39.31 0.81
CA TRP B 128 -18.55 40.61 0.34
C TRP B 128 -19.72 41.30 -0.35
N LYS B 129 -19.56 42.60 -0.59
CA LYS B 129 -20.60 43.42 -1.20
C LYS B 129 -20.11 43.99 -2.53
N ASP B 130 -20.99 43.97 -3.53
CA ASP B 130 -20.67 44.49 -4.86
C ASP B 130 -21.89 45.25 -5.37
N GLU B 131 -21.74 46.56 -5.56
CA GLU B 131 -22.85 47.38 -6.04
C GLU B 131 -23.21 47.07 -7.49
N ARG B 132 -22.30 46.46 -8.25
CA ARG B 132 -22.58 46.18 -9.66
C ARG B 132 -23.60 45.06 -9.84
N LEU B 133 -23.89 44.29 -8.80
CA LEU B 133 -24.85 43.20 -8.87
C LEU B 133 -26.22 43.57 -8.33
N SER B 134 -26.44 44.83 -7.95
CA SER B 134 -27.73 45.24 -7.46
C SER B 134 -28.77 45.22 -8.58
N PHE B 135 -29.96 44.72 -8.25
CA PHE B 135 -31.03 44.63 -9.23
C PHE B 135 -32.34 45.12 -8.61
N PRO B 136 -33.20 45.78 -9.39
CA PRO B 136 -34.47 46.26 -8.83
C PRO B 136 -35.41 45.11 -8.53
N SER B 137 -36.26 45.32 -7.53
CA SER B 137 -37.24 44.32 -7.14
C SER B 137 -38.38 45.01 -6.40
N THR B 138 -39.54 44.38 -6.43
CA THR B 138 -40.71 44.85 -5.70
C THR B 138 -40.84 44.21 -4.32
N ASN B 139 -39.86 43.40 -3.93
CA ASN B 139 -39.86 42.73 -2.63
C ASN B 139 -38.41 42.52 -2.21
N ASN B 140 -38.20 41.68 -1.21
CA ASN B 140 -36.87 41.45 -0.66
C ASN B 140 -36.41 40.00 -0.86
N LEU B 141 -36.77 39.41 -1.99
CA LEU B 141 -36.33 38.05 -2.31
C LEU B 141 -34.98 38.07 -3.01
N SER B 142 -34.19 37.02 -2.77
CA SER B 142 -32.86 36.89 -3.35
C SER B 142 -32.86 35.84 -4.47
N MET B 143 -31.81 35.87 -5.26
CA MET B 143 -31.62 34.94 -6.37
C MET B 143 -30.43 34.03 -6.10
N THR B 144 -30.62 32.74 -6.36
CA THR B 144 -29.59 31.73 -6.12
C THR B 144 -29.06 31.22 -7.45
N PHE B 145 -27.74 31.20 -7.60
CA PHE B 145 -27.09 30.73 -8.81
C PHE B 145 -26.09 29.64 -8.48
N ASP B 146 -25.84 28.76 -9.44
CA ASP B 146 -24.93 27.65 -9.27
C ASP B 146 -23.52 28.05 -9.71
N GLY B 147 -22.65 27.05 -9.89
CA GLY B 147 -21.26 27.30 -10.24
C GLY B 147 -21.05 27.89 -11.62
N ARG B 148 -22.07 27.87 -12.49
CA ARG B 148 -21.89 28.40 -13.83
C ARG B 148 -21.76 29.91 -13.86
N LEU B 149 -22.25 30.61 -12.84
CA LEU B 149 -22.14 32.06 -12.80
C LEU B 149 -20.79 32.54 -12.26
N VAL B 150 -19.98 31.64 -11.72
CA VAL B 150 -18.69 32.03 -11.15
C VAL B 150 -17.78 32.60 -12.23
N LYS B 151 -17.77 31.99 -13.42
CA LYS B 151 -16.90 32.43 -14.51
C LYS B 151 -17.30 33.78 -15.09
N LYS B 152 -18.48 34.30 -14.76
CA LYS B 152 -18.94 35.56 -15.29
C LYS B 152 -18.79 36.74 -14.32
N ILE B 153 -18.44 36.47 -13.06
CA ILE B 153 -18.31 37.50 -12.05
C ILE B 153 -16.98 37.36 -11.35
N TRP B 154 -16.66 38.32 -10.48
CA TRP B 154 -15.44 38.32 -9.71
C TRP B 154 -15.67 37.61 -8.37
N VAL B 155 -14.77 36.68 -8.04
CA VAL B 155 -14.83 35.96 -6.77
C VAL B 155 -13.46 35.93 -6.11
N PRO B 156 -13.37 35.90 -4.78
CA PRO B 156 -12.07 35.89 -4.12
C PRO B 156 -11.27 34.63 -4.45
N ASP B 157 -9.96 34.80 -4.57
CA ASP B 157 -9.05 33.72 -4.94
C ASP B 157 -8.29 33.20 -3.72
N MET B 158 -9.05 32.59 -2.80
CA MET B 158 -8.45 31.99 -1.62
C MET B 158 -7.77 30.67 -1.97
N PHE B 159 -6.68 30.38 -1.27
CA PHE B 159 -6.01 29.10 -1.43
C PHE B 159 -5.41 28.69 -0.09
N PHE B 160 -5.13 27.40 0.04
CA PHE B 160 -4.63 26.84 1.29
C PHE B 160 -3.11 26.79 1.28
N VAL B 161 -2.50 27.40 2.29
CA VAL B 161 -1.06 27.49 2.37
C VAL B 161 -0.49 26.20 2.93
N HIS B 162 0.68 25.79 2.41
CA HIS B 162 1.37 24.59 2.85
C HIS B 162 0.51 23.35 2.69
N SER B 163 -0.23 23.28 1.59
CA SER B 163 -1.03 22.11 1.25
C SER B 163 -0.30 21.28 0.20
N LYS B 164 -0.66 20.00 0.13
CA LYS B 164 -0.09 19.08 -0.83
C LYS B 164 -1.02 18.73 -1.98
N ARG B 165 -2.32 18.55 -1.69
CA ARG B 165 -3.29 18.27 -2.73
C ARG B 165 -4.68 18.60 -2.21
N SER B 166 -5.56 19.01 -3.11
CA SER B 166 -6.92 19.37 -2.73
C SER B 166 -7.81 19.29 -3.97
N PHE B 167 -9.12 19.16 -3.71
CA PHE B 167 -10.08 19.09 -4.79
C PHE B 167 -11.44 19.54 -4.27
N ILE B 168 -12.32 19.90 -5.22
CA ILE B 168 -13.69 20.30 -4.93
C ILE B 168 -14.62 19.21 -5.42
N HIS B 169 -15.53 18.75 -4.56
CA HIS B 169 -16.44 17.67 -4.91
C HIS B 169 -17.40 18.10 -6.01
N ASP B 170 -17.69 17.17 -6.92
CA ASP B 170 -18.51 17.48 -8.09
C ASP B 170 -19.55 16.40 -8.37
N THR B 171 -20.09 15.79 -7.32
CA THR B 171 -21.14 14.78 -7.46
C THR B 171 -22.37 15.20 -6.67
N THR B 172 -23.53 15.25 -7.32
CA THR B 172 -23.68 14.91 -8.73
C THR B 172 -23.34 16.08 -9.64
N THR B 173 -23.11 17.25 -9.04
CA THR B 173 -22.65 18.43 -9.74
C THR B 173 -21.71 19.19 -8.83
N ASP B 174 -21.15 20.28 -9.34
CA ASP B 174 -20.22 21.08 -8.56
C ASP B 174 -20.89 21.61 -7.31
N ASN B 175 -20.22 21.42 -6.16
CA ASN B 175 -20.76 21.87 -4.88
C ASN B 175 -20.39 23.34 -4.63
N VAL B 176 -20.93 24.19 -5.48
CA VAL B 176 -20.71 25.64 -5.42
C VAL B 176 -22.06 26.33 -5.42
N MET B 177 -22.24 27.28 -4.51
CA MET B 177 -23.49 28.00 -4.38
C MET B 177 -23.23 29.49 -4.32
N LEU B 178 -24.08 30.28 -4.98
CA LEU B 178 -23.99 31.73 -4.97
C LEU B 178 -25.37 32.31 -4.66
N ARG B 179 -25.42 33.22 -3.69
CA ARG B 179 -26.65 33.90 -3.33
C ARG B 179 -26.40 35.40 -3.38
N VAL B 180 -27.26 36.12 -4.11
CA VAL B 180 -27.09 37.55 -4.32
C VAL B 180 -28.30 38.27 -3.73
N GLN B 181 -28.04 39.22 -2.84
CA GLN B 181 -29.09 40.04 -2.26
C GLN B 181 -29.41 41.21 -3.19
N PRO B 182 -30.61 41.79 -3.06
CA PRO B 182 -30.97 42.93 -3.92
C PRO B 182 -30.03 44.11 -3.79
N ASP B 183 -29.43 44.33 -2.63
CA ASP B 183 -28.54 45.46 -2.40
C ASP B 183 -27.09 45.15 -2.78
N GLY B 184 -26.81 43.95 -3.29
CA GLY B 184 -25.50 43.60 -3.79
C GLY B 184 -24.66 42.72 -2.89
N LYS B 185 -25.19 42.28 -1.74
CA LYS B 185 -24.44 41.39 -0.87
C LYS B 185 -24.38 40.00 -1.50
N VAL B 186 -23.20 39.39 -1.47
CA VAL B 186 -22.94 38.13 -2.15
C VAL B 186 -22.41 37.12 -1.14
N LEU B 187 -22.97 35.91 -1.17
CA LEU B 187 -22.50 34.78 -0.38
C LEU B 187 -22.00 33.71 -1.33
N TYR B 188 -20.76 33.26 -1.11
CA TYR B 188 -20.11 32.29 -1.98
C TYR B 188 -19.61 31.12 -1.13
N SER B 189 -20.19 29.95 -1.33
CA SER B 189 -19.93 28.78 -0.50
C SER B 189 -19.53 27.59 -1.36
N LEU B 190 -18.56 26.82 -0.89
CA LEU B 190 -18.11 25.64 -1.62
C LEU B 190 -17.59 24.60 -0.62
N ARG B 191 -17.64 23.34 -1.04
CA ARG B 191 -17.22 22.21 -0.21
C ARG B 191 -15.94 21.64 -0.78
N VAL B 192 -14.90 21.54 0.05
CA VAL B 192 -13.56 21.23 -0.41
C VAL B 192 -12.90 20.24 0.55
N THR B 193 -12.00 19.42 -0.01
CA THR B 193 -11.16 18.50 0.76
C THR B 193 -9.70 18.86 0.52
N VAL B 194 -8.93 19.00 1.59
CA VAL B 194 -7.56 19.50 1.52
C VAL B 194 -6.63 18.63 2.36
N THR B 195 -5.44 18.38 1.84
CA THR B 195 -4.37 17.70 2.57
C THR B 195 -3.25 18.70 2.83
N ALA B 196 -2.90 18.85 4.11
CA ALA B 196 -1.93 19.87 4.53
C ALA B 196 -0.83 19.23 5.35
N MET B 197 0.35 19.84 5.29
CA MET B 197 1.51 19.36 6.03
C MET B 197 1.42 19.78 7.49
N CYS B 198 2.08 19.00 8.36
CA CYS B 198 2.16 19.32 9.77
C CYS B 198 3.41 18.65 10.33
N ASN B 199 4.41 19.46 10.67
CA ASN B 199 5.64 18.92 11.24
C ASN B 199 5.38 18.33 12.63
N MET B 200 5.96 17.18 12.88
CA MET B 200 5.74 16.46 14.13
C MET B 200 7.08 16.10 14.75
N ASP B 201 7.08 15.94 16.08
CA ASP B 201 8.27 15.55 16.83
C ASP B 201 7.92 14.33 17.66
N PHE B 202 8.65 13.23 17.45
CA PHE B 202 8.38 11.96 18.12
C PHE B 202 9.42 11.64 19.18
N SER B 203 10.16 12.64 19.66
CA SER B 203 11.20 12.37 20.65
C SER B 203 10.61 11.83 21.94
N ARG B 204 9.45 12.34 22.37
CA ARG B 204 8.81 11.92 23.61
C ARG B 204 7.74 10.86 23.38
N PHE B 205 7.77 10.19 22.24
CA PHE B 205 6.81 9.13 21.95
C PHE B 205 6.92 8.04 23.01
N PRO B 206 5.80 7.50 23.50
CA PRO B 206 4.41 7.80 23.12
C PRO B 206 3.72 8.88 23.95
N LEU B 207 4.49 9.68 24.70
CA LEU B 207 3.93 10.75 25.50
C LEU B 207 4.01 12.10 24.80
N ASP B 208 4.07 12.11 23.47
CA ASP B 208 4.22 13.33 22.71
C ASP B 208 2.88 14.00 22.44
N THR B 209 2.94 15.31 22.25
CA THR B 209 1.78 16.14 21.93
C THR B 209 2.07 16.90 20.65
N GLN B 210 1.15 16.86 19.70
CA GLN B 210 1.35 17.48 18.40
C GLN B 210 0.25 18.51 18.13
N THR B 211 0.66 19.67 17.62
CA THR B 211 -0.26 20.75 17.26
C THR B 211 -0.17 21.01 15.77
N CYS B 212 -1.29 20.85 15.07
CA CYS B 212 -1.37 21.07 13.64
C CYS B 212 -2.32 22.24 13.35
N SER B 213 -2.08 22.90 12.23
CA SER B 213 -2.86 24.08 11.84
C SER B 213 -3.18 24.03 10.35
N LEU B 214 -4.21 24.78 9.98
CA LEU B 214 -4.64 24.94 8.59
C LEU B 214 -4.68 26.42 8.27
N GLU B 215 -4.10 26.80 7.14
CA GLU B 215 -3.88 28.20 6.79
C GLU B 215 -4.61 28.57 5.51
N ILE B 216 -5.21 29.75 5.50
CA ILE B 216 -5.96 30.26 4.36
C ILE B 216 -5.44 31.65 4.04
N GLU B 217 -5.16 31.92 2.77
CA GLU B 217 -4.59 33.18 2.35
C GLU B 217 -5.03 33.49 0.93
N SER B 218 -5.13 34.78 0.63
CA SER B 218 -5.38 35.23 -0.74
C SER B 218 -4.13 35.05 -1.59
N TYR B 219 -4.32 34.68 -2.85
CA TYR B 219 -3.17 34.37 -3.70
C TYR B 219 -2.59 35.61 -4.34
N ALA B 220 -3.42 36.43 -4.99
CA ALA B 220 -2.92 37.51 -5.83
C ALA B 220 -3.21 38.90 -5.30
N TYR B 221 -3.95 39.04 -4.20
CA TYR B 221 -4.35 40.34 -3.68
C TYR B 221 -3.70 40.57 -2.32
N THR B 222 -3.02 41.71 -2.19
CA THR B 222 -2.37 42.08 -0.95
C THR B 222 -3.36 42.77 -0.01
N GLU B 223 -2.86 43.20 1.16
CA GLU B 223 -3.71 43.86 2.13
C GLU B 223 -4.19 45.22 1.65
N ASP B 224 -3.53 45.82 0.67
CA ASP B 224 -3.95 47.10 0.13
C ASP B 224 -5.17 46.98 -0.78
N ASP B 225 -5.42 45.79 -1.33
CA ASP B 225 -6.56 45.58 -2.22
C ASP B 225 -7.64 44.68 -1.64
N LEU B 226 -7.28 43.70 -0.82
CA LEU B 226 -8.26 42.78 -0.24
C LEU B 226 -7.93 42.59 1.22
N MET B 227 -8.90 42.86 2.09
CA MET B 227 -8.74 42.74 3.54
C MET B 227 -9.51 41.51 4.00
N LEU B 228 -8.78 40.52 4.50
CA LEU B 228 -9.35 39.23 4.89
C LEU B 228 -9.46 39.14 6.40
N TYR B 229 -10.59 38.64 6.89
CA TYR B 229 -10.82 38.57 8.32
C TYR B 229 -11.88 37.51 8.62
N TRP B 230 -11.93 37.08 9.87
CA TRP B 230 -13.01 36.22 10.35
C TRP B 230 -14.27 37.05 10.56
N LYS B 231 -15.38 36.59 9.99
CA LYS B 231 -16.58 37.41 9.99
C LYS B 231 -17.11 37.67 11.39
N LYS B 232 -17.10 36.65 12.25
CA LYS B 232 -17.64 36.77 13.61
C LYS B 232 -16.61 36.43 14.67
N GLY B 233 -15.34 36.76 14.41
CA GLY B 233 -14.31 36.49 15.40
C GLY B 233 -14.13 35.01 15.64
N ASN B 234 -14.15 34.61 16.91
CA ASN B 234 -13.94 33.21 17.28
C ASN B 234 -15.17 32.34 17.06
N ASP B 235 -16.32 32.94 16.75
CA ASP B 235 -17.54 32.18 16.48
C ASP B 235 -17.65 31.75 15.03
N SER B 236 -16.67 32.08 14.20
CA SER B 236 -16.70 31.76 12.78
C SER B 236 -16.25 30.34 12.47
N LEU B 237 -15.81 29.59 13.46
CA LEU B 237 -15.38 28.20 13.27
C LEU B 237 -16.37 27.28 13.97
N LYS B 238 -16.92 26.33 13.23
CA LYS B 238 -17.82 25.32 13.77
C LYS B 238 -17.28 23.94 13.42
N THR B 239 -17.43 23.00 14.34
CA THR B 239 -16.93 21.64 14.16
C THR B 239 -18.07 20.64 14.37
N ASP B 240 -17.98 19.52 13.67
CA ASP B 240 -18.98 18.47 13.80
C ASP B 240 -18.91 17.85 15.19
N GLU B 241 -20.06 17.37 15.66
CA GLU B 241 -20.13 16.76 16.98
C GLU B 241 -19.44 15.40 17.02
N ARG B 242 -19.34 14.72 15.89
CA ARG B 242 -18.81 13.35 15.84
C ARG B 242 -17.47 13.26 15.14
N ILE B 243 -16.69 14.34 15.17
CA ILE B 243 -15.34 14.31 14.60
C ILE B 243 -14.43 13.55 15.55
N SER B 244 -13.68 12.59 15.01
CA SER B 244 -12.79 11.77 15.84
C SER B 244 -11.73 11.14 14.95
N LEU B 245 -10.69 10.63 15.61
CA LEU B 245 -9.62 9.89 14.95
C LEU B 245 -9.45 8.55 15.64
N SER B 246 -8.97 7.56 14.87
CA SER B 246 -8.86 6.20 15.39
C SER B 246 -7.85 6.13 16.52
N GLN B 247 -6.67 6.72 16.34
CA GLN B 247 -5.58 6.59 17.30
C GLN B 247 -5.18 7.93 17.93
N PHE B 248 -5.98 8.98 17.75
CA PHE B 248 -5.67 10.29 18.30
C PHE B 248 -6.89 10.90 18.95
N LEU B 249 -6.63 11.83 19.87
CA LEU B 249 -7.66 12.63 20.52
C LEU B 249 -7.53 14.07 20.05
N ILE B 250 -8.64 14.67 19.62
CA ILE B 250 -8.66 16.00 19.02
C ILE B 250 -9.31 16.96 20.00
N GLN B 251 -8.67 18.11 20.21
CA GLN B 251 -9.16 19.07 21.19
C GLN B 251 -8.60 20.45 20.87
N GLU B 252 -9.17 21.45 21.54
CA GLU B 252 -8.67 22.84 21.53
C GLU B 252 -8.64 23.42 20.12
N PHE B 253 -9.82 23.54 19.53
CA PHE B 253 -10.00 24.22 18.26
C PHE B 253 -10.15 25.72 18.50
N HIS B 254 -9.33 26.52 17.81
CA HIS B 254 -9.44 27.97 17.91
C HIS B 254 -8.83 28.59 16.66
N THR B 255 -9.14 29.86 16.46
CA THR B 255 -8.76 30.59 15.26
C THR B 255 -7.86 31.78 15.60
N THR B 256 -6.85 32.01 14.78
CA THR B 256 -5.94 33.13 14.93
C THR B 256 -5.62 33.71 13.56
N THR B 257 -5.06 34.93 13.57
CA THR B 257 -4.65 35.63 12.36
C THR B 257 -3.23 36.15 12.52
N LYS B 258 -2.54 36.29 11.39
CA LYS B 258 -1.19 36.81 11.39
C LYS B 258 -0.86 37.37 10.01
N LEU B 259 -0.11 38.46 9.96
CA LEU B 259 0.31 39.08 8.72
C LEU B 259 1.59 38.43 8.22
N ALA B 260 1.62 38.11 6.92
CA ALA B 260 2.77 37.51 6.28
C ALA B 260 3.31 38.45 5.21
N PHE B 261 4.63 38.45 5.04
CA PHE B 261 5.30 39.34 4.10
C PHE B 261 5.96 38.52 3.00
N TYR B 262 5.78 38.94 1.75
CA TYR B 262 6.47 38.39 0.60
C TYR B 262 7.24 39.51 -0.09
N SER B 263 8.53 39.30 -0.30
CA SER B 263 9.35 40.35 -0.90
C SER B 263 8.94 40.65 -2.33
N SER B 264 8.32 39.70 -3.02
CA SER B 264 7.95 39.92 -4.41
C SER B 264 6.76 40.87 -4.53
N THR B 265 5.79 40.77 -3.62
CA THR B 265 4.57 41.55 -3.78
C THR B 265 4.23 42.40 -2.56
N GLY B 266 4.52 41.93 -1.35
CA GLY B 266 4.19 42.69 -0.16
C GLY B 266 3.45 41.87 0.87
N TRP B 267 2.67 42.53 1.71
CA TRP B 267 2.04 41.91 2.86
C TRP B 267 0.73 41.23 2.49
N TYR B 268 0.41 40.17 3.22
CA TYR B 268 -0.82 39.42 3.05
C TYR B 268 -1.43 39.12 4.41
N ASN B 269 -2.75 38.93 4.43
CA ASN B 269 -3.47 38.51 5.61
C ASN B 269 -3.68 36.99 5.57
N ARG B 270 -3.40 36.33 6.69
CA ARG B 270 -3.48 34.88 6.77
C ARG B 270 -4.36 34.49 7.95
N LEU B 271 -5.19 33.46 7.74
CA LEU B 271 -6.06 32.93 8.78
C LEU B 271 -5.62 31.52 9.16
N TYR B 272 -5.78 31.19 10.44
CA TYR B 272 -5.31 29.93 10.98
C TYR B 272 -6.44 29.18 11.66
N ILE B 273 -6.39 27.86 11.59
CA ILE B 273 -7.27 26.98 12.34
C ILE B 273 -6.39 25.98 13.09
N ASN B 274 -6.40 26.04 14.42
CA ASN B 274 -5.48 25.27 15.24
C ASN B 274 -6.20 24.19 16.03
N PHE B 275 -5.52 23.06 16.22
CA PHE B 275 -6.03 21.98 17.04
C PHE B 275 -4.86 21.16 17.57
N THR B 276 -5.13 20.34 18.59
CA THR B 276 -4.11 19.59 19.30
C THR B 276 -4.45 18.10 19.27
N LEU B 277 -3.41 17.26 19.19
CA LEU B 277 -3.56 15.81 19.11
C LEU B 277 -2.86 15.14 20.28
N ARG B 278 -3.50 14.10 20.83
CA ARG B 278 -2.94 13.32 21.93
C ARG B 278 -3.24 11.84 21.69
N ARG B 279 -2.48 10.98 22.34
CA ARG B 279 -2.60 9.54 22.19
C ARG B 279 -3.28 8.92 23.41
N HIS B 280 -3.39 7.59 23.38
CA HIS B 280 -3.91 6.81 24.50
C HIS B 280 -2.70 6.19 25.23
N ILE B 281 -2.42 6.70 26.42
CA ILE B 281 -1.19 6.32 27.12
C ILE B 281 -1.27 4.88 27.61
N PHE B 282 -2.42 4.48 28.17
CA PHE B 282 -2.51 3.19 28.84
C PHE B 282 -2.31 2.03 27.88
N PHE B 283 -2.78 2.17 26.63
CA PHE B 283 -2.57 1.12 25.64
C PHE B 283 -1.10 0.87 25.42
N PHE B 284 -0.33 1.93 25.17
CA PHE B 284 1.11 1.77 24.95
C PHE B 284 1.81 1.26 26.20
N LEU B 285 1.41 1.75 27.37
CA LEU B 285 1.99 1.26 28.60
C LEU B 285 1.82 -0.25 28.72
N LEU B 286 0.58 -0.73 28.58
CA LEU B 286 0.31 -2.16 28.70
C LEU B 286 1.02 -2.97 27.63
N GLN B 287 1.08 -2.44 26.41
CA GLN B 287 1.67 -3.21 25.32
C GLN B 287 3.18 -3.27 25.38
N THR B 288 3.84 -2.25 25.94
CA THR B 288 5.29 -2.15 25.87
C THR B 288 5.97 -2.22 27.23
N TYR B 289 5.59 -1.37 28.17
CA TYR B 289 6.36 -1.27 29.42
C TYR B 289 6.10 -2.46 30.34
N PHE B 290 4.89 -3.02 30.30
CA PHE B 290 4.57 -4.15 31.15
C PHE B 290 5.40 -5.39 30.83
N PRO B 291 5.49 -5.88 29.58
CA PRO B 291 6.29 -7.09 29.33
C PRO B 291 7.77 -6.92 29.67
N ALA B 292 8.35 -5.75 29.40
CA ALA B 292 9.76 -5.54 29.70
C ALA B 292 10.02 -5.59 31.19
N THR B 293 9.17 -4.94 31.98
CA THR B 293 9.32 -4.99 33.43
C THR B 293 9.12 -6.41 33.96
N LEU B 294 8.15 -7.14 33.40
CA LEU B 294 7.93 -8.52 33.83
C LEU B 294 9.14 -9.39 33.52
N MET B 295 9.74 -9.23 32.34
CA MET B 295 10.92 -10.02 32.01
C MET B 295 12.11 -9.66 32.87
N VAL B 296 12.30 -8.37 33.17
CA VAL B 296 13.40 -7.97 34.04
C VAL B 296 13.23 -8.55 35.44
N MET B 297 12.00 -8.49 35.98
CA MET B 297 11.75 -9.08 37.28
C MET B 297 11.90 -10.59 37.25
N LEU B 298 11.57 -11.23 36.12
CA LEU B 298 11.75 -12.67 36.01
C LEU B 298 13.22 -13.04 35.96
N SER B 299 14.07 -12.18 35.41
CA SER B 299 15.50 -12.46 35.36
C SER B 299 16.15 -12.47 36.75
N TRP B 300 15.49 -11.87 37.75
CA TRP B 300 16.02 -11.88 39.11
C TRP B 300 15.71 -13.16 39.87
N VAL B 301 14.93 -14.06 39.28
CA VAL B 301 14.59 -15.31 39.95
C VAL B 301 15.84 -16.17 40.15
N SER B 302 16.77 -16.13 39.20
CA SER B 302 17.93 -17.01 39.24
C SER B 302 18.82 -16.75 40.44
N PHE B 303 18.72 -15.57 41.07
CA PHE B 303 19.55 -15.30 42.23
C PHE B 303 19.14 -16.11 43.45
N TRP B 304 17.96 -16.71 43.43
CA TRP B 304 17.45 -17.51 44.53
C TRP B 304 17.58 -19.01 44.28
N ILE B 305 18.26 -19.41 43.21
CA ILE B 305 18.43 -20.81 42.86
C ILE B 305 19.84 -21.24 43.25
N ASP B 306 19.98 -22.51 43.65
CA ASP B 306 21.26 -23.05 44.08
C ASP B 306 22.28 -22.93 42.96
N ARG B 307 23.50 -22.50 43.32
CA ARG B 307 24.56 -22.32 42.34
C ARG B 307 25.04 -23.65 41.73
N ARG B 308 24.75 -24.77 42.39
CA ARG B 308 25.20 -26.06 41.91
C ARG B 308 24.37 -26.62 40.76
N ALA B 309 23.24 -25.99 40.43
CA ALA B 309 22.38 -26.44 39.34
C ALA B 309 22.67 -25.58 38.11
N VAL B 310 23.81 -25.86 37.48
CA VAL B 310 24.18 -25.15 36.25
C VAL B 310 23.18 -25.38 35.12
N PRO B 311 22.74 -26.61 34.83
CA PRO B 311 21.78 -26.81 33.73
C PRO B 311 20.42 -26.17 33.98
N ALA B 312 20.18 -25.61 35.17
CA ALA B 312 18.97 -24.82 35.41
C ALA B 312 19.24 -23.33 35.38
N ARG B 313 20.42 -22.89 35.83
CA ARG B 313 20.74 -21.47 35.83
C ARG B 313 21.05 -20.94 34.44
N VAL B 314 21.80 -21.69 33.64
CA VAL B 314 22.25 -21.19 32.34
C VAL B 314 21.11 -21.09 31.32
N PRO B 315 20.34 -22.17 31.08
CA PRO B 315 19.24 -22.07 30.11
C PRO B 315 18.22 -21.01 30.48
N LEU B 316 17.95 -20.80 31.77
CA LEU B 316 17.01 -19.77 32.18
C LEU B 316 17.47 -18.39 31.71
N GLY B 317 18.75 -18.08 31.95
CA GLY B 317 19.26 -16.78 31.53
C GLY B 317 19.26 -16.59 30.02
N ILE B 318 19.71 -17.62 29.29
CA ILE B 318 19.80 -17.46 27.84
C ILE B 318 18.40 -17.36 27.23
N THR B 319 17.42 -18.11 27.77
CA THR B 319 16.06 -18.04 27.26
C THR B 319 15.41 -16.71 27.62
N THR B 320 15.74 -16.14 28.79
CA THR B 320 15.25 -14.81 29.12
C THR B 320 15.80 -13.77 28.14
N VAL B 321 17.08 -13.88 27.78
CA VAL B 321 17.64 -12.98 26.78
C VAL B 321 16.92 -13.12 25.44
N LEU B 322 16.66 -14.36 25.03
CA LEU B 322 15.95 -14.59 23.78
C LEU B 322 14.54 -14.00 23.81
N THR B 323 13.83 -14.18 24.93
CA THR B 323 12.48 -13.65 25.04
C THR B 323 12.48 -12.13 25.00
N MET B 324 13.43 -11.49 25.68
CA MET B 324 13.52 -10.03 25.64
C MET B 324 13.82 -9.54 24.23
N SER B 325 14.70 -10.23 23.51
CA SER B 325 15.00 -9.84 22.14
C SER B 325 13.77 -9.94 21.25
N THR B 326 13.00 -11.03 21.38
CA THR B 326 11.79 -11.18 20.58
C THR B 326 10.77 -10.10 20.91
N ILE B 327 10.63 -9.77 22.20
CA ILE B 327 9.69 -8.71 22.60
C ILE B 327 10.10 -7.37 21.99
N ILE B 328 11.39 -7.05 22.04
CA ILE B 328 11.87 -5.79 21.49
C ILE B 328 11.62 -5.74 19.98
N THR B 329 11.91 -6.83 19.28
CA THR B 329 11.69 -6.85 17.84
C THR B 329 10.20 -6.68 17.49
N GLY B 330 9.31 -7.36 18.22
CA GLY B 330 7.88 -7.21 17.95
C GLY B 330 7.38 -5.80 18.21
N VAL B 331 7.87 -5.18 19.29
CA VAL B 331 7.48 -3.81 19.58
C VAL B 331 7.98 -2.89 18.48
N ASN B 332 9.22 -3.08 18.02
CA ASN B 332 9.72 -2.21 16.96
C ASN B 332 8.93 -2.41 15.67
N ALA B 333 8.49 -3.65 15.41
CA ALA B 333 7.78 -3.94 14.17
C ALA B 333 6.41 -3.28 14.14
N SER B 334 5.85 -2.91 15.29
CA SER B 334 4.51 -2.35 15.31
C SER B 334 4.47 -0.83 15.45
N MET B 335 5.62 -0.16 15.49
CA MET B 335 5.70 1.29 15.63
C MET B 335 5.89 1.96 14.28
N PRO B 336 5.54 3.24 14.15
CA PRO B 336 5.79 3.97 12.90
C PRO B 336 7.29 4.04 12.61
N ARG B 337 7.62 3.98 11.32
CA ARG B 337 9.01 3.94 10.87
C ARG B 337 9.60 5.33 10.96
N VAL B 338 9.99 5.70 12.17
CA VAL B 338 10.64 6.98 12.44
C VAL B 338 12.06 6.67 12.89
N SER B 339 13.04 7.23 12.19
CA SER B 339 14.44 6.82 12.34
C SER B 339 15.20 7.79 13.25
N TYR B 340 14.80 7.83 14.52
CA TYR B 340 15.63 8.42 15.55
C TYR B 340 15.18 7.89 16.91
N ILE B 341 16.04 8.10 17.91
CA ILE B 341 15.86 7.46 19.22
C ILE B 341 14.69 8.09 19.94
N LYS B 342 13.84 7.24 20.53
CA LYS B 342 12.70 7.64 21.33
C LYS B 342 12.84 7.07 22.74
N ALA B 343 11.94 7.50 23.63
CA ALA B 343 12.03 7.10 25.03
C ALA B 343 11.83 5.60 25.20
N VAL B 344 10.90 5.01 24.45
CA VAL B 344 10.62 3.59 24.57
C VAL B 344 11.85 2.76 24.23
N ASP B 345 12.62 3.21 23.23
CA ASP B 345 13.86 2.51 22.89
C ASP B 345 14.85 2.54 24.05
N ILE B 346 14.96 3.68 24.73
CA ILE B 346 15.84 3.77 25.89
C ILE B 346 15.42 2.77 26.96
N TYR B 347 14.12 2.71 27.24
CA TYR B 347 13.62 1.78 28.25
C TYR B 347 13.94 0.33 27.88
N LEU B 348 13.66 -0.04 26.63
CA LEU B 348 13.85 -1.43 26.20
C LEU B 348 15.32 -1.83 26.22
N TRP B 349 16.21 -0.94 25.78
CA TRP B 349 17.62 -1.31 25.74
C TRP B 349 18.25 -1.32 27.13
N VAL B 350 17.77 -0.48 28.05
CA VAL B 350 18.22 -0.59 29.44
C VAL B 350 17.81 -1.92 30.02
N SER B 351 16.58 -2.36 29.72
CA SER B 351 16.13 -3.69 30.19
C SER B 351 17.02 -4.80 29.61
N PHE B 352 17.35 -4.70 28.33
CA PHE B 352 18.22 -5.70 27.70
C PHE B 352 19.58 -5.74 28.38
N VAL B 353 20.14 -4.57 28.71
CA VAL B 353 21.42 -4.52 29.41
C VAL B 353 21.31 -5.17 30.79
N PHE B 354 20.18 -4.94 31.49
CA PHE B 354 19.98 -5.57 32.79
C PHE B 354 20.01 -7.09 32.69
N VAL B 355 19.32 -7.65 31.69
CA VAL B 355 19.30 -9.10 31.54
C VAL B 355 20.69 -9.63 31.20
N PHE B 356 21.43 -8.88 30.36
CA PHE B 356 22.80 -9.27 30.04
C PHE B 356 23.68 -9.34 31.28
N LEU B 357 23.59 -8.33 32.15
CA LEU B 357 24.36 -8.34 33.39
C LEU B 357 23.93 -9.47 34.31
N SER B 358 22.63 -9.79 34.34
CA SER B 358 22.17 -10.91 35.15
C SER B 358 22.77 -12.23 34.67
N VAL B 359 23.10 -12.34 33.39
CA VAL B 359 23.77 -13.56 32.92
C VAL B 359 25.26 -13.55 33.28
N LEU B 360 25.93 -12.40 33.10
CA LEU B 360 27.34 -12.32 33.46
C LEU B 360 27.56 -12.61 34.94
N GLU B 361 26.60 -12.23 35.79
CA GLU B 361 26.75 -12.44 37.23
C GLU B 361 26.87 -13.93 37.57
N TYR B 362 25.98 -14.76 37.02
CA TYR B 362 26.09 -16.18 37.28
C TYR B 362 27.32 -16.79 36.62
N ALA B 363 27.73 -16.27 35.46
CA ALA B 363 28.98 -16.76 34.88
C ALA B 363 30.14 -16.56 35.86
N ALA B 364 30.25 -15.37 36.44
CA ALA B 364 31.33 -15.11 37.40
C ALA B 364 31.21 -15.99 38.64
N VAL B 365 29.99 -16.18 39.14
CA VAL B 365 29.79 -17.01 40.32
C VAL B 365 30.24 -18.45 40.06
N ASN B 366 29.86 -18.98 38.89
CA ASN B 366 30.25 -20.35 38.55
C ASN B 366 31.75 -20.49 38.42
N TYR B 367 32.41 -19.53 37.76
CA TYR B 367 33.86 -19.61 37.63
C TYR B 367 34.55 -19.58 38.99
N LEU B 368 34.10 -18.68 39.87
CA LEU B 368 34.72 -18.59 41.19
C LEU B 368 34.52 -19.87 41.99
N THR B 369 33.31 -20.46 41.92
CA THR B 369 33.05 -21.70 42.63
C THR B 369 33.96 -22.82 42.13
N THR B 370 34.11 -22.94 40.81
CA THR B 370 34.99 -23.96 40.26
C THR B 370 36.44 -23.77 40.71
N VAL B 371 36.92 -22.52 40.70
CA VAL B 371 38.28 -22.24 41.13
C VAL B 371 38.48 -22.63 42.58
N GLN B 372 37.53 -22.26 43.44
CA GLN B 372 37.66 -22.58 44.87
C GLN B 372 37.67 -24.08 45.11
N GLU B 373 36.77 -24.81 44.44
CA GLU B 373 36.72 -26.27 44.62
C GLU B 373 38.03 -26.92 44.17
N ARG B 374 38.56 -26.50 43.01
CA ARG B 374 39.79 -27.08 42.51
C ARG B 374 40.95 -26.79 43.47
N LYS B 375 41.03 -25.56 44.00
CA LYS B 375 42.09 -25.24 44.94
C LYS B 375 41.99 -26.08 46.20
N GLU B 376 40.77 -26.26 46.73
CA GLU B 376 40.60 -27.09 47.92
C GLU B 376 41.03 -28.52 47.67
N GLN B 377 40.65 -29.09 46.52
CA GLN B 377 41.04 -30.46 46.21
C GLN B 377 42.55 -30.58 46.07
N LYS B 378 43.19 -29.60 45.41
CA LYS B 378 44.63 -29.63 45.27
C LYS B 378 45.33 -29.55 46.63
N LEU B 379 44.81 -28.71 47.53
CA LEU B 379 45.39 -28.61 48.87
C LEU B 379 45.25 -29.91 49.64
N ARG B 380 44.10 -30.57 49.54
CA ARG B 380 43.89 -31.84 50.23
C ARG B 380 44.79 -32.93 49.64
N ASP B 451 26.45 -23.37 51.24
CA ASP B 451 26.23 -21.96 51.58
C ASP B 451 25.95 -21.14 50.33
N THR B 452 25.60 -19.88 50.53
CA THR B 452 25.26 -18.97 49.44
C THR B 452 26.44 -18.06 49.13
N HIS B 453 26.75 -17.91 47.84
CA HIS B 453 27.85 -17.05 47.43
C HIS B 453 27.52 -15.59 47.74
N ALA B 454 28.56 -14.84 48.13
CA ALA B 454 28.35 -13.44 48.50
C ALA B 454 27.86 -12.60 47.33
N ILE B 455 28.25 -12.97 46.10
CA ILE B 455 27.83 -12.21 44.93
C ILE B 455 26.31 -12.28 44.77
N ASP B 456 25.71 -13.46 44.99
CA ASP B 456 24.26 -13.57 44.94
C ASP B 456 23.60 -12.72 46.01
N LYS B 457 24.15 -12.75 47.23
CA LYS B 457 23.57 -11.97 48.33
C LYS B 457 23.58 -10.48 48.01
N TYR B 458 24.67 -9.98 47.43
CA TYR B 458 24.71 -8.56 47.11
C TYR B 458 23.85 -8.24 45.88
N SER B 459 23.79 -9.15 44.91
CA SER B 459 23.00 -8.91 43.70
C SER B 459 21.51 -8.82 44.02
N ARG B 460 21.03 -9.68 44.92
CA ARG B 460 19.61 -9.68 45.27
C ARG B 460 19.14 -8.32 45.75
N ILE B 461 20.04 -7.53 46.34
CA ILE B 461 19.68 -6.19 46.79
C ILE B 461 20.01 -5.15 45.73
N ILE B 462 21.15 -5.29 45.05
CA ILE B 462 21.63 -4.23 44.17
C ILE B 462 20.75 -4.12 42.92
N PHE B 463 20.41 -5.24 42.29
CA PHE B 463 19.68 -5.18 41.03
C PHE B 463 18.32 -4.51 41.15
N PRO B 464 17.42 -4.91 42.07
CA PRO B 464 16.14 -4.19 42.20
C PRO B 464 16.30 -2.72 42.55
N ALA B 465 17.27 -2.38 43.41
CA ALA B 465 17.48 -0.99 43.77
C ALA B 465 17.92 -0.17 42.57
N ALA B 466 18.84 -0.70 41.77
CA ALA B 466 19.28 0.00 40.57
C ALA B 466 18.13 0.19 39.58
N TYR B 467 17.30 -0.85 39.40
CA TYR B 467 16.18 -0.72 38.47
C TYR B 467 15.16 0.31 38.96
N ILE B 468 14.88 0.33 40.27
CA ILE B 468 13.95 1.31 40.82
C ILE B 468 14.49 2.72 40.64
N LEU B 469 15.79 2.91 40.89
CA LEU B 469 16.39 4.22 40.71
C LEU B 469 16.33 4.67 39.25
N PHE B 470 16.60 3.75 38.33
CA PHE B 470 16.50 4.09 36.91
C PHE B 470 15.08 4.48 36.54
N ASN B 471 14.09 3.74 37.03
CA ASN B 471 12.70 4.08 36.72
C ASN B 471 12.33 5.45 37.29
N LEU B 472 12.78 5.76 38.50
CA LEU B 472 12.49 7.06 39.08
C LEU B 472 13.08 8.18 38.22
N ILE B 473 14.35 8.04 37.82
CA ILE B 473 14.98 9.08 37.01
C ILE B 473 14.28 9.21 35.66
N TYR B 474 13.97 8.08 35.03
CA TYR B 474 13.36 8.10 33.70
C TYR B 474 11.99 8.76 33.73
N TRP B 475 11.16 8.40 34.72
CA TRP B 475 9.82 8.97 34.79
C TRP B 475 9.80 10.38 35.36
N SER B 476 10.89 10.82 36.00
CA SER B 476 11.00 12.24 36.32
C SER B 476 11.39 13.05 35.09
N ILE B 477 12.25 12.49 34.23
CA ILE B 477 12.67 13.21 33.04
C ILE B 477 11.52 13.29 32.02
N PHE B 478 10.83 12.17 31.80
CA PHE B 478 9.78 12.10 30.80
C PHE B 478 8.38 12.28 31.39
N SER B 479 8.28 12.63 32.66
CA SER B 479 7.01 12.89 33.33
C SER B 479 6.07 11.69 33.29
N LYS C 74 -13.07 47.79 -20.80
CA LYS C 74 -12.48 46.47 -20.61
C LYS C 74 -10.96 46.57 -20.52
N SER C 75 -10.39 45.89 -19.52
CA SER C 75 -8.95 45.95 -19.31
C SER C 75 -8.17 45.31 -20.44
N GLU C 76 -8.74 44.27 -21.07
CA GLU C 76 -8.05 43.60 -22.16
C GLU C 76 -8.04 44.41 -23.46
N GLN C 77 -8.83 45.49 -23.52
CA GLN C 77 -8.80 46.36 -24.69
C GLN C 77 -7.68 47.40 -24.61
N LEU C 78 -7.08 47.60 -23.43
CA LEU C 78 -5.89 48.45 -23.34
C LEU C 78 -4.69 47.79 -23.98
N LEU C 79 -4.61 46.46 -23.90
CA LEU C 79 -3.57 45.70 -24.57
C LEU C 79 -4.09 45.25 -25.93
N ARG C 80 -3.40 45.65 -27.00
CA ARG C 80 -3.86 45.36 -28.35
C ARG C 80 -3.62 43.88 -28.64
N ILE C 81 -4.50 43.04 -28.07
CA ILE C 81 -4.36 41.60 -28.23
C ILE C 81 -4.58 41.19 -29.69
N ASP C 82 -5.60 41.76 -30.32
CA ASP C 82 -5.96 41.37 -31.68
C ASP C 82 -5.07 42.02 -32.74
N ASP C 83 -4.21 42.95 -32.36
CA ASP C 83 -3.33 43.63 -33.31
C ASP C 83 -1.95 43.01 -33.40
N HIS C 84 -1.71 41.91 -32.68
CA HIS C 84 -0.40 41.28 -32.68
C HIS C 84 -0.56 39.77 -32.72
N ASP C 85 0.47 39.10 -33.24
CA ASP C 85 0.51 37.64 -33.30
C ASP C 85 1.23 37.13 -32.07
N PHE C 86 0.51 36.40 -31.20
CA PHE C 86 1.07 35.89 -29.96
C PHE C 86 1.50 34.43 -30.06
N SER C 87 1.64 33.91 -31.28
CA SER C 87 2.18 32.57 -31.47
C SER C 87 3.70 32.57 -31.60
N MET C 88 4.33 33.74 -31.69
CA MET C 88 5.77 33.85 -31.82
C MET C 88 6.36 34.54 -30.60
N ARG C 89 7.63 34.25 -30.33
CA ARG C 89 8.32 34.84 -29.20
C ARG C 89 8.61 36.31 -29.47
N PRO C 90 8.76 37.12 -28.41
CA PRO C 90 9.16 38.52 -28.61
C PRO C 90 10.53 38.61 -29.26
N GLY C 91 10.69 39.60 -30.13
CA GLY C 91 11.95 39.74 -30.84
C GLY C 91 12.22 38.66 -31.86
N PHE C 92 11.16 38.10 -32.46
CA PHE C 92 11.32 37.03 -33.44
C PHE C 92 12.18 37.49 -34.61
N GLY C 93 13.14 36.65 -34.99
CA GLY C 93 14.06 36.96 -36.05
C GLY C 93 15.31 37.71 -35.62
N GLY C 94 15.42 38.07 -34.35
CA GLY C 94 16.57 38.79 -33.86
C GLY C 94 17.29 38.05 -32.76
N PRO C 95 17.94 38.79 -31.85
CA PRO C 95 18.63 38.16 -30.73
C PRO C 95 17.66 37.46 -29.80
N ALA C 96 18.16 36.43 -29.12
CA ALA C 96 17.35 35.69 -28.17
C ALA C 96 16.95 36.57 -26.99
N ILE C 97 15.78 36.30 -26.44
CA ILE C 97 15.26 37.06 -25.30
C ILE C 97 15.71 36.42 -23.99
N PRO C 98 16.27 37.18 -23.07
CA PRO C 98 16.64 36.62 -21.77
C PRO C 98 15.41 36.39 -20.89
N VAL C 99 15.42 35.26 -20.18
CA VAL C 99 14.36 34.90 -19.25
C VAL C 99 14.99 34.52 -17.93
N GLY C 100 14.58 35.18 -16.86
CA GLY C 100 15.09 34.90 -15.52
C GLY C 100 14.12 34.05 -14.73
N VAL C 101 14.68 33.20 -13.87
CA VAL C 101 13.90 32.23 -13.09
C VAL C 101 14.26 32.37 -11.62
N ASP C 102 13.23 32.45 -10.76
CA ASP C 102 13.39 32.44 -9.32
C ASP C 102 12.56 31.32 -8.74
N VAL C 103 13.12 30.59 -7.78
CA VAL C 103 12.49 29.41 -7.20
C VAL C 103 12.48 29.55 -5.68
N GLN C 104 11.32 29.29 -5.07
CA GLN C 104 11.20 29.22 -3.62
C GLN C 104 10.66 27.84 -3.26
N VAL C 105 11.41 27.10 -2.45
CA VAL C 105 11.03 25.75 -2.07
C VAL C 105 10.13 25.84 -0.84
N GLU C 106 8.92 25.29 -0.96
CA GLU C 106 7.96 25.36 0.13
C GLU C 106 8.10 24.20 1.11
N SER C 107 8.19 22.97 0.60
CA SER C 107 8.33 21.80 1.46
C SER C 107 8.78 20.62 0.62
N LEU C 108 9.31 19.61 1.31
CA LEU C 108 9.60 18.30 0.72
C LEU C 108 8.56 17.31 1.27
N ASP C 109 7.80 16.71 0.36
CA ASP C 109 6.65 15.92 0.78
C ASP C 109 7.05 14.54 1.29
N SER C 110 7.82 13.81 0.49
CA SER C 110 8.21 12.45 0.85
C SER C 110 9.37 12.01 -0.03
N ILE C 111 10.02 10.93 0.39
CA ILE C 111 11.13 10.33 -0.36
C ILE C 111 10.96 8.83 -0.35
N SER C 112 11.18 8.19 -1.49
CA SER C 112 11.01 6.75 -1.64
C SER C 112 12.35 6.13 -2.03
N GLU C 113 12.88 5.29 -1.14
CA GLU C 113 14.17 4.65 -1.39
C GLU C 113 14.07 3.52 -2.41
N VAL C 114 12.95 2.78 -2.40
CA VAL C 114 12.80 1.64 -3.31
C VAL C 114 12.68 2.13 -4.75
N ASP C 115 11.85 3.14 -4.99
CA ASP C 115 11.65 3.69 -6.33
C ASP C 115 12.61 4.81 -6.66
N MET C 116 13.41 5.28 -5.69
CA MET C 116 14.46 6.29 -5.91
C MET C 116 13.88 7.57 -6.52
N ASP C 117 13.04 8.24 -5.74
CA ASP C 117 12.45 9.50 -6.14
C ASP C 117 12.09 10.31 -4.89
N PHE C 118 11.83 11.61 -5.11
CA PHE C 118 11.42 12.50 -4.05
C PHE C 118 10.37 13.47 -4.59
N THR C 119 9.59 14.04 -3.68
CA THR C 119 8.50 14.95 -4.03
C THR C 119 8.76 16.31 -3.41
N MET C 120 8.62 17.37 -4.20
CA MET C 120 8.88 18.73 -3.76
C MET C 120 7.76 19.65 -4.20
N THR C 121 7.43 20.64 -3.37
CA THR C 121 6.47 21.68 -3.70
C THR C 121 7.19 23.03 -3.69
N LEU C 122 6.98 23.82 -4.74
CA LEU C 122 7.78 25.01 -4.93
C LEU C 122 6.99 26.07 -5.68
N TYR C 123 7.50 27.30 -5.64
CA TYR C 123 6.99 28.42 -6.43
C TYR C 123 7.97 28.70 -7.56
N LEU C 124 7.45 28.81 -8.78
CA LEU C 124 8.26 29.09 -9.95
C LEU C 124 7.87 30.44 -10.54
N ARG C 125 8.86 31.30 -10.75
CA ARG C 125 8.63 32.65 -11.25
C ARG C 125 9.50 32.90 -12.48
N HIS C 126 8.92 33.62 -13.46
CA HIS C 126 9.61 33.95 -14.69
C HIS C 126 9.56 35.45 -14.92
N TYR C 127 10.64 36.01 -15.47
CA TYR C 127 10.73 37.43 -15.75
C TYR C 127 11.18 37.63 -17.20
N TRP C 128 10.43 38.43 -17.95
CA TRP C 128 10.81 38.78 -19.31
C TRP C 128 10.10 40.06 -19.70
N LYS C 129 10.55 40.66 -20.79
CA LYS C 129 10.01 41.93 -21.28
C LYS C 129 9.42 41.74 -22.66
N ASP C 130 8.25 42.35 -22.88
CA ASP C 130 7.57 42.28 -24.17
C ASP C 130 7.00 43.65 -24.48
N GLU C 131 7.50 44.29 -25.54
CA GLU C 131 7.03 45.61 -25.92
C GLU C 131 5.58 45.60 -26.43
N ARG C 132 5.07 44.44 -26.86
CA ARG C 132 3.73 44.37 -27.39
C ARG C 132 2.66 44.53 -26.31
N LEU C 133 3.02 44.41 -25.04
CA LEU C 133 2.08 44.55 -23.94
C LEU C 133 2.11 45.92 -23.29
N SER C 134 2.89 46.86 -23.83
CA SER C 134 2.94 48.20 -23.26
C SER C 134 1.61 48.92 -23.49
N PHE C 135 1.15 49.62 -22.45
CA PHE C 135 -0.10 50.36 -22.51
C PHE C 135 0.08 51.75 -21.92
N PRO C 136 -0.59 52.75 -22.48
CA PRO C 136 -0.46 54.11 -21.94
C PRO C 136 -1.12 54.23 -20.57
N SER C 137 -0.57 55.13 -19.76
CA SER C 137 -1.12 55.39 -18.43
C SER C 137 -0.69 56.77 -17.98
N THR C 138 -1.47 57.34 -17.07
CA THR C 138 -1.16 58.62 -16.46
C THR C 138 -0.40 58.48 -15.15
N ASN C 139 -0.05 57.26 -14.77
CA ASN C 139 0.67 56.98 -13.53
C ASN C 139 1.51 55.73 -13.76
N ASN C 140 2.02 55.15 -12.67
CA ASN C 140 2.90 53.99 -12.74
C ASN C 140 2.28 52.76 -12.07
N LEU C 141 0.97 52.60 -12.20
CA LEU C 141 0.29 51.43 -11.65
C LEU C 141 0.28 50.28 -12.66
N SER C 142 0.34 49.06 -12.14
CA SER C 142 0.36 47.85 -12.95
C SER C 142 -0.99 47.15 -12.91
N MET C 143 -1.19 46.24 -13.86
CA MET C 143 -2.41 45.45 -13.96
C MET C 143 -2.11 43.99 -13.69
N THR C 144 -2.97 43.36 -12.89
CA THR C 144 -2.82 41.97 -12.49
C THR C 144 -3.89 41.12 -13.17
N PHE C 145 -3.48 40.03 -13.80
CA PHE C 145 -4.38 39.13 -14.49
C PHE C 145 -4.19 37.71 -13.97
N ASP C 146 -5.25 36.91 -14.06
CA ASP C 146 -5.24 35.55 -13.57
C ASP C 146 -4.83 34.60 -14.71
N GLY C 147 -5.07 33.30 -14.51
CA GLY C 147 -4.66 32.29 -15.47
C GLY C 147 -5.40 32.34 -16.80
N ARG C 148 -6.52 33.07 -16.87
CA ARG C 148 -7.29 33.11 -18.10
C ARG C 148 -6.58 33.89 -19.21
N LEU C 149 -5.65 34.79 -18.87
CA LEU C 149 -4.92 35.54 -19.88
C LEU C 149 -3.74 34.77 -20.45
N VAL C 150 -3.37 33.63 -19.85
CA VAL C 150 -2.21 32.87 -20.33
C VAL C 150 -2.44 32.37 -21.75
N LYS C 151 -3.66 31.91 -22.04
CA LYS C 151 -3.97 31.36 -23.35
C LYS C 151 -3.99 32.41 -24.45
N LYS C 152 -3.97 33.70 -24.11
CA LYS C 152 -4.02 34.76 -25.11
C LYS C 152 -2.67 35.41 -25.37
N ILE C 153 -1.64 35.09 -24.58
CA ILE C 153 -0.32 35.67 -24.73
C ILE C 153 0.72 34.56 -24.78
N TRP C 154 1.96 34.96 -25.04
CA TRP C 154 3.08 34.03 -25.09
C TRP C 154 3.73 33.92 -23.71
N VAL C 155 3.95 32.68 -23.26
CA VAL C 155 4.61 32.43 -21.98
C VAL C 155 5.69 31.37 -22.16
N PRO C 156 6.76 31.40 -21.37
CA PRO C 156 7.81 30.38 -21.51
C PRO C 156 7.32 28.98 -21.19
N ASP C 157 7.84 28.01 -21.93
CA ASP C 157 7.43 26.61 -21.80
C ASP C 157 8.47 25.80 -21.03
N MET C 158 8.61 26.15 -19.75
CA MET C 158 9.53 25.42 -18.89
C MET C 158 8.94 24.07 -18.48
N PHE C 159 9.82 23.08 -18.32
CA PHE C 159 9.40 21.78 -17.84
C PHE C 159 10.52 21.18 -17.00
N PHE C 160 10.16 20.21 -16.17
CA PHE C 160 11.11 19.60 -15.25
C PHE C 160 11.70 18.34 -15.88
N VAL C 161 13.02 18.29 -15.93
CA VAL C 161 13.72 17.18 -16.56
C VAL C 161 13.82 16.02 -15.59
N HIS C 162 13.71 14.80 -16.11
CA HIS C 162 13.80 13.57 -15.31
C HIS C 162 12.75 13.54 -14.21
N SER C 163 11.55 14.00 -14.51
CA SER C 163 10.43 13.92 -13.58
C SER C 163 9.52 12.76 -13.95
N LYS C 164 8.74 12.31 -12.97
CA LYS C 164 7.80 11.22 -13.17
C LYS C 164 6.35 11.67 -13.22
N ARG C 165 5.97 12.64 -12.39
CA ARG C 165 4.62 13.17 -12.40
C ARG C 165 4.62 14.54 -11.73
N SER C 166 3.72 15.40 -12.18
CA SER C 166 3.62 16.75 -11.63
C SER C 166 2.24 17.31 -11.93
N PHE C 167 1.85 18.31 -11.15
CA PHE C 167 0.56 18.97 -11.34
C PHE C 167 0.62 20.37 -10.76
N ILE C 168 -0.32 21.20 -11.19
CA ILE C 168 -0.47 22.57 -10.72
C ILE C 168 -1.75 22.65 -9.88
N HIS C 169 -1.63 23.20 -8.68
CA HIS C 169 -2.77 23.26 -7.77
C HIS C 169 -3.84 24.19 -8.31
N ASP C 170 -5.10 23.81 -8.11
CA ASP C 170 -6.23 24.54 -8.68
C ASP C 170 -7.36 24.73 -7.66
N THR C 171 -7.03 24.92 -6.39
CA THR C 171 -8.02 25.16 -5.35
C THR C 171 -7.70 26.46 -4.64
N THR C 172 -8.67 27.38 -4.58
CA THR C 172 -10.01 27.18 -5.13
C THR C 172 -10.07 27.50 -6.62
N THR C 173 -8.97 28.04 -7.14
CA THR C 173 -8.82 28.30 -8.56
C THR C 173 -7.35 28.07 -8.93
N ASP C 174 -7.05 28.19 -10.21
CA ASP C 174 -5.69 27.97 -10.68
C ASP C 174 -4.73 28.94 -10.00
N ASN C 175 -3.64 28.40 -9.47
CA ASN C 175 -2.63 29.21 -8.77
C ASN C 175 -1.63 29.78 -9.78
N VAL C 176 -2.14 30.65 -10.65
CA VAL C 176 -1.35 31.30 -11.68
C VAL C 176 -1.60 32.80 -11.58
N MET C 177 -0.52 33.58 -11.61
CA MET C 177 -0.62 35.03 -11.49
C MET C 177 0.22 35.68 -12.59
N LEU C 178 -0.30 36.77 -13.15
CA LEU C 178 0.39 37.55 -14.17
C LEU C 178 0.33 39.01 -13.79
N ARG C 179 1.49 39.68 -13.80
CA ARG C 179 1.58 41.11 -13.53
C ARG C 179 2.32 41.77 -14.68
N VAL C 180 1.71 42.81 -15.25
CA VAL C 180 2.24 43.49 -16.42
C VAL C 180 2.55 44.93 -16.05
N GLN C 181 3.78 45.36 -16.27
CA GLN C 181 4.19 46.73 -16.04
C GLN C 181 3.83 47.60 -17.25
N PRO C 182 3.70 48.91 -17.06
CA PRO C 182 3.39 49.79 -18.20
C PRO C 182 4.41 49.73 -19.33
N ASP C 183 5.68 49.47 -19.02
CA ASP C 183 6.72 49.42 -20.03
C ASP C 183 6.87 48.04 -20.66
N GLY C 184 6.05 47.07 -20.27
CA GLY C 184 6.04 45.77 -20.88
C GLY C 184 6.70 44.65 -20.10
N LYS C 185 7.20 44.93 -18.90
CA LYS C 185 7.79 43.88 -18.08
C LYS C 185 6.70 42.97 -17.54
N VAL C 186 6.94 41.66 -17.61
CA VAL C 186 5.93 40.66 -17.27
C VAL C 186 6.50 39.74 -16.19
N LEU C 187 5.70 39.49 -15.16
CA LEU C 187 6.02 38.52 -14.11
C LEU C 187 4.99 37.39 -14.16
N TYR C 188 5.46 36.16 -14.24
CA TYR C 188 4.61 34.99 -14.39
C TYR C 188 4.97 33.99 -13.29
N SER C 189 4.03 33.75 -12.37
CA SER C 189 4.28 32.93 -11.19
C SER C 189 3.23 31.86 -11.07
N LEU C 190 3.65 30.66 -10.67
CA LEU C 190 2.73 29.54 -10.49
C LEU C 190 3.27 28.62 -9.41
N ARG C 191 2.36 27.87 -8.78
CA ARG C 191 2.68 26.96 -7.70
C ARG C 191 2.50 25.54 -8.19
N VAL C 192 3.54 24.71 -8.06
CA VAL C 192 3.57 23.40 -8.70
C VAL C 192 4.17 22.38 -7.73
N THR C 193 3.73 21.13 -7.88
CA THR C 193 4.28 19.99 -7.16
C THR C 193 4.84 18.99 -8.16
N VAL C 194 6.07 18.54 -7.92
CA VAL C 194 6.79 17.72 -8.90
C VAL C 194 7.46 16.54 -8.19
N THR C 195 7.42 15.38 -8.83
CA THR C 195 8.13 14.19 -8.38
C THR C 195 9.25 13.89 -9.37
N ALA C 196 10.48 13.81 -8.87
CA ALA C 196 11.65 13.65 -9.72
C ALA C 196 12.48 12.45 -9.26
N MET C 197 13.19 11.86 -10.20
CA MET C 197 14.03 10.71 -9.91
C MET C 197 15.36 11.14 -9.28
N CYS C 198 15.95 10.24 -8.52
CA CYS C 198 17.26 10.49 -7.91
C CYS C 198 17.91 9.14 -7.65
N ASN C 199 18.95 8.82 -8.42
CA ASN C 199 19.67 7.57 -8.23
C ASN C 199 20.40 7.57 -6.89
N MET C 200 20.32 6.45 -6.19
CA MET C 200 20.91 6.31 -4.86
C MET C 200 21.79 5.08 -4.82
N ASP C 201 22.77 5.10 -3.91
CA ASP C 201 23.67 3.98 -3.70
C ASP C 201 23.65 3.64 -2.21
N PHE C 202 23.29 2.39 -1.90
CA PHE C 202 23.14 1.93 -0.53
C PHE C 202 24.27 0.98 -0.11
N SER C 203 25.39 1.02 -0.81
CA SER C 203 26.49 0.11 -0.47
C SER C 203 27.03 0.39 0.93
N ARG C 204 27.12 1.66 1.32
CA ARG C 204 27.66 2.05 2.62
C ARG C 204 26.56 2.27 3.65
N PHE C 205 25.36 1.76 3.41
CA PHE C 205 24.28 1.90 4.36
C PHE C 205 24.67 1.27 5.69
N PRO C 206 24.35 1.90 6.83
CA PRO C 206 23.61 3.17 6.97
C PRO C 206 24.49 4.42 7.04
N LEU C 207 25.75 4.34 6.61
CA LEU C 207 26.64 5.49 6.60
C LEU C 207 26.72 6.14 5.23
N ASP C 208 25.69 5.97 4.41
CA ASP C 208 25.69 6.50 3.06
C ASP C 208 25.24 7.94 3.01
N THR C 209 25.69 8.64 1.97
CA THR C 209 25.34 10.03 1.71
C THR C 209 24.78 10.12 0.30
N GLN C 210 23.63 10.77 0.14
CA GLN C 210 22.96 10.85 -1.15
C GLN C 210 22.75 12.30 -1.54
N THR C 211 23.03 12.61 -2.81
CA THR C 211 22.86 13.95 -3.37
C THR C 211 21.83 13.89 -4.48
N CYS C 212 20.74 14.64 -4.33
CA CYS C 212 19.67 14.71 -5.30
C CYS C 212 19.58 16.13 -5.87
N SER C 213 19.08 16.22 -7.09
CA SER C 213 18.98 17.50 -7.79
C SER C 213 17.64 17.60 -8.51
N LEU C 214 17.25 18.84 -8.81
CA LEU C 214 16.05 19.15 -9.57
C LEU C 214 16.45 20.02 -10.75
N GLU C 215 15.95 19.66 -11.94
CA GLU C 215 16.40 20.28 -13.19
C GLU C 215 15.24 20.96 -13.90
N ILE C 216 15.52 22.14 -14.45
CA ILE C 216 14.53 22.94 -15.17
C ILE C 216 15.12 23.30 -16.53
N GLU C 217 14.34 23.10 -17.59
CA GLU C 217 14.81 23.34 -18.94
C GLU C 217 13.64 23.76 -19.82
N SER C 218 13.93 24.56 -20.84
CA SER C 218 12.94 24.90 -21.84
C SER C 218 12.70 23.71 -22.77
N TYR C 219 11.45 23.53 -23.19
CA TYR C 219 11.11 22.35 -23.98
C TYR C 219 11.39 22.53 -25.46
N ALA C 220 10.90 23.63 -26.05
CA ALA C 220 10.92 23.78 -27.50
C ALA C 220 11.86 24.87 -28.01
N TYR C 221 12.48 25.64 -27.13
CA TYR C 221 13.31 26.77 -27.52
C TYR C 221 14.77 26.51 -27.14
N THR C 222 15.66 26.63 -28.12
CA THR C 222 17.09 26.42 -27.90
C THR C 222 17.73 27.72 -27.39
N GLU C 223 19.05 27.66 -27.19
CA GLU C 223 19.77 28.82 -26.69
C GLU C 223 19.80 29.96 -27.70
N ASP C 224 19.57 29.68 -28.99
CA ASP C 224 19.54 30.73 -30.00
C ASP C 224 18.27 31.56 -29.95
N ASP C 225 17.19 31.02 -29.36
CA ASP C 225 15.92 31.73 -29.28
C ASP C 225 15.53 32.14 -27.87
N LEU C 226 15.89 31.36 -26.85
CA LEU C 226 15.55 31.66 -25.47
C LEU C 226 16.76 31.41 -24.59
N MET C 227 17.17 32.44 -23.85
CA MET C 227 18.33 32.36 -22.97
C MET C 227 17.83 32.31 -21.53
N LEU C 228 18.08 31.19 -20.86
CA LEU C 228 17.59 30.94 -19.52
C LEU C 228 18.70 31.10 -18.50
N TYR C 229 18.40 31.79 -17.40
CA TYR C 229 19.42 32.04 -16.38
C TYR C 229 18.74 32.31 -15.05
N TRP C 230 19.52 32.22 -13.98
CA TRP C 230 19.08 32.63 -12.65
C TRP C 230 19.10 34.15 -12.56
N LYS C 231 17.99 34.74 -12.13
CA LYS C 231 17.85 36.19 -12.17
C LYS C 231 18.88 36.89 -11.27
N LYS C 232 19.11 36.36 -10.07
CA LYS C 232 20.01 36.99 -9.11
C LYS C 232 21.13 36.05 -8.69
N GLY C 233 21.60 35.19 -9.59
CA GLY C 233 22.68 34.30 -9.25
C GLY C 233 22.27 33.30 -8.17
N ASN C 234 23.10 33.20 -7.13
CA ASN C 234 22.84 32.25 -6.05
C ASN C 234 21.78 32.73 -5.07
N ASP C 235 21.34 33.98 -5.17
CA ASP C 235 20.28 34.50 -4.31
C ASP C 235 18.89 34.20 -4.84
N SER C 236 18.78 33.53 -5.98
CA SER C 236 17.49 33.25 -6.60
C SER C 236 16.79 32.03 -6.02
N LEU C 237 17.43 31.32 -5.09
CA LEU C 237 16.83 30.15 -4.44
C LEU C 237 16.57 30.47 -2.99
N LYS C 238 15.33 30.31 -2.55
CA LYS C 238 14.94 30.49 -1.16
C LYS C 238 14.26 29.23 -0.67
N THR C 239 14.51 28.89 0.60
CA THR C 239 13.96 27.68 1.19
C THR C 239 13.22 28.03 2.48
N ASP C 240 12.19 27.25 2.78
CA ASP C 240 11.42 27.45 4.00
C ASP C 240 12.27 27.17 5.23
N GLU C 241 11.96 27.86 6.32
CA GLU C 241 12.71 27.67 7.56
C GLU C 241 12.42 26.33 8.21
N ARG C 242 11.25 25.75 7.95
CA ARG C 242 10.81 24.53 8.64
C ARG C 242 10.76 23.32 7.70
N ILE C 243 11.58 23.32 6.65
CA ILE C 243 11.67 22.17 5.77
C ILE C 243 12.47 21.07 6.47
N SER C 244 11.92 19.86 6.48
CA SER C 244 12.56 18.74 7.16
C SER C 244 12.01 17.44 6.61
N LEU C 245 12.73 16.36 6.92
CA LEU C 245 12.31 15.01 6.57
C LEU C 245 12.33 14.14 7.82
N SER C 246 11.47 13.12 7.83
CA SER C 246 11.32 12.29 9.02
C SER C 246 12.61 11.52 9.32
N GLN C 247 13.20 10.89 8.31
CA GLN C 247 14.37 10.03 8.51
C GLN C 247 15.62 10.53 7.82
N PHE C 248 15.63 11.78 7.33
CA PHE C 248 16.78 12.33 6.63
C PHE C 248 17.07 13.74 7.13
N LEU C 249 18.33 14.14 6.94
CA LEU C 249 18.77 15.51 7.23
C LEU C 249 19.11 16.20 5.91
N ILE C 250 18.58 17.40 5.71
CA ILE C 250 18.68 18.14 4.46
C ILE C 250 19.63 19.31 4.67
N GLN C 251 20.57 19.48 3.74
CA GLN C 251 21.58 20.52 3.88
C GLN C 251 22.18 20.84 2.52
N GLU C 252 22.93 21.95 2.48
CA GLU C 252 23.74 22.34 1.33
C GLU C 252 22.88 22.52 0.07
N PHE C 253 22.00 23.51 0.14
CA PHE C 253 21.21 23.94 -1.02
C PHE C 253 22.02 24.95 -1.83
N HIS C 254 22.17 24.68 -3.13
CA HIS C 254 22.85 25.62 -4.01
C HIS C 254 22.39 25.37 -5.44
N THR C 255 22.67 26.36 -6.30
CA THR C 255 22.19 26.37 -7.67
C THR C 255 23.36 26.36 -8.65
N THR C 256 23.23 25.60 -9.73
CA THR C 256 24.23 25.53 -10.79
C THR C 256 23.54 25.48 -12.14
N THR C 257 24.32 25.74 -13.19
CA THR C 257 23.83 25.71 -14.56
C THR C 257 24.77 24.88 -15.43
N LYS C 258 24.22 24.30 -16.48
CA LYS C 258 25.02 23.50 -17.42
C LYS C 258 24.29 23.44 -18.76
N LEU C 259 25.06 23.46 -19.84
CA LEU C 259 24.51 23.38 -21.19
C LEU C 259 24.34 21.92 -21.59
N ALA C 260 23.19 21.60 -22.17
CA ALA C 260 22.88 20.25 -22.63
C ALA C 260 22.67 20.27 -24.13
N PHE C 261 23.07 19.19 -24.79
CA PHE C 261 23.00 19.08 -26.24
C PHE C 261 22.04 17.97 -26.62
N TYR C 262 21.16 18.26 -27.59
CA TYR C 262 20.28 17.27 -28.19
C TYR C 262 20.54 17.24 -29.69
N SER C 263 20.82 16.05 -30.23
CA SER C 263 21.14 15.94 -31.64
C SER C 263 19.98 16.33 -32.54
N SER C 264 18.74 16.21 -32.04
CA SER C 264 17.59 16.52 -32.87
C SER C 264 17.43 18.02 -33.08
N THR C 265 17.72 18.82 -32.06
CA THR C 265 17.44 20.25 -32.16
C THR C 265 18.65 21.13 -31.87
N GLY C 266 19.51 20.73 -30.95
CA GLY C 266 20.66 21.54 -30.62
C GLY C 266 20.81 21.76 -29.12
N TRP C 267 21.46 22.85 -28.74
CA TRP C 267 21.84 23.10 -27.36
C TRP C 267 20.70 23.73 -26.57
N TYR C 268 20.68 23.43 -25.27
CA TYR C 268 19.69 23.99 -24.34
C TYR C 268 20.39 24.42 -23.06
N ASN C 269 19.79 25.38 -22.38
CA ASN C 269 20.25 25.83 -21.07
C ASN C 269 19.45 25.12 -19.99
N ARG C 270 20.15 24.60 -18.99
CA ARG C 270 19.53 23.84 -17.92
C ARG C 270 19.93 24.41 -16.56
N LEU C 271 18.97 24.47 -15.64
CA LEU C 271 19.20 24.96 -14.29
C LEU C 271 19.05 23.82 -13.30
N TYR C 272 19.85 23.87 -12.24
CA TYR C 272 19.90 22.81 -11.25
C TYR C 272 19.66 23.35 -9.85
N ILE C 273 19.03 22.53 -9.02
CA ILE C 273 18.87 22.80 -7.58
C ILE C 273 19.37 21.57 -6.85
N ASN C 274 20.45 21.73 -6.08
CA ASN C 274 21.14 20.61 -5.45
C ASN C 274 20.99 20.64 -3.94
N PHE C 275 20.91 19.45 -3.34
CA PHE C 275 20.87 19.31 -1.89
C PHE C 275 21.40 17.92 -1.52
N THR C 276 21.73 17.77 -0.25
CA THR C 276 22.37 16.57 0.26
C THR C 276 21.55 15.97 1.41
N LEU C 277 21.53 14.64 1.48
CA LEU C 277 20.77 13.91 2.49
C LEU C 277 21.68 13.06 3.35
N ARG C 278 21.38 13.02 4.66
CA ARG C 278 22.13 12.21 5.62
C ARG C 278 21.15 11.59 6.60
N ARG C 279 21.61 10.51 7.26
CA ARG C 279 20.79 9.76 8.19
C ARG C 279 21.20 10.06 9.64
N HIS C 280 20.54 9.37 10.56
CA HIS C 280 20.87 9.44 11.99
C HIS C 280 21.66 8.18 12.34
N ILE C 281 22.96 8.35 12.59
CA ILE C 281 23.84 7.20 12.75
C ILE C 281 23.55 6.47 14.06
N PHE C 282 23.35 7.21 15.14
CA PHE C 282 23.27 6.60 16.47
C PHE C 282 22.06 5.68 16.59
N PHE C 283 20.95 6.02 15.94
CA PHE C 283 19.77 5.16 15.98
C PHE C 283 20.08 3.79 15.39
N PHE C 284 20.67 3.77 14.19
CA PHE C 284 21.01 2.49 13.56
C PHE C 284 22.07 1.74 14.36
N LEU C 285 23.05 2.46 14.90
CA LEU C 285 24.06 1.80 15.74
C LEU C 285 23.40 1.09 16.91
N LEU C 286 22.57 1.80 17.66
CA LEU C 286 21.91 1.21 18.83
C LEU C 286 20.99 0.05 18.43
N GLN C 287 20.28 0.19 17.31
CA GLN C 287 19.30 -0.83 16.94
C GLN C 287 19.96 -2.08 16.37
N THR C 288 21.12 -1.96 15.73
CA THR C 288 21.71 -3.08 15.02
C THR C 288 23.03 -3.56 15.59
N TYR C 289 24.02 -2.67 15.74
CA TYR C 289 25.35 -3.12 16.10
C TYR C 289 25.45 -3.53 17.57
N PHE C 290 24.67 -2.87 18.43
CA PHE C 290 24.72 -3.19 19.85
C PHE C 290 24.24 -4.61 20.17
N PRO C 291 23.06 -5.07 19.70
CA PRO C 291 22.66 -6.46 20.02
C PRO C 291 23.61 -7.52 19.49
N ALA C 292 24.16 -7.33 18.29
CA ALA C 292 25.06 -8.32 17.73
C ALA C 292 26.33 -8.44 18.56
N THR C 293 26.91 -7.30 18.95
CA THR C 293 28.10 -7.32 19.79
C THR C 293 27.79 -7.94 21.15
N LEU C 294 26.63 -7.62 21.72
CA LEU C 294 26.26 -8.20 23.01
C LEU C 294 26.12 -9.72 22.91
N MET C 295 25.50 -10.22 21.83
CA MET C 295 25.36 -11.67 21.68
C MET C 295 26.71 -12.34 21.44
N VAL C 296 27.59 -11.71 20.68
CA VAL C 296 28.91 -12.29 20.45
C VAL C 296 29.69 -12.36 21.76
N MET C 297 29.65 -11.30 22.56
CA MET C 297 30.32 -11.32 23.85
C MET C 297 29.67 -12.32 24.80
N LEU C 298 28.36 -12.52 24.70
CA LEU C 298 27.69 -13.51 25.53
C LEU C 298 28.09 -14.93 25.13
N SER C 299 28.39 -15.17 23.85
CA SER C 299 28.82 -16.49 23.41
C SER C 299 30.17 -16.89 23.97
N TRP C 300 30.97 -15.93 24.45
CA TRP C 300 32.26 -16.23 25.05
C TRP C 300 32.17 -16.66 26.50
N VAL C 301 30.98 -16.60 27.10
CA VAL C 301 30.81 -17.00 28.49
C VAL C 301 31.10 -18.49 28.66
N SER C 302 30.73 -19.30 27.68
CA SER C 302 30.85 -20.75 27.81
C SER C 302 32.29 -21.21 27.98
N PHE C 303 33.27 -20.39 27.60
CA PHE C 303 34.67 -20.80 27.76
C PHE C 303 35.09 -20.83 29.21
N TRP C 304 34.32 -20.23 30.12
CA TRP C 304 34.64 -20.18 31.54
C TRP C 304 33.82 -21.18 32.35
N ILE C 305 33.06 -22.06 31.69
CA ILE C 305 32.23 -23.04 32.35
C ILE C 305 32.93 -24.39 32.29
N ASP C 306 32.73 -25.20 33.33
CA ASP C 306 33.36 -26.52 33.41
C ASP C 306 32.94 -27.38 32.22
N ARG C 307 33.91 -28.08 31.64
CA ARG C 307 33.65 -28.93 30.48
C ARG C 307 32.77 -30.13 30.81
N ARG C 308 32.67 -30.50 32.10
CA ARG C 308 31.89 -31.66 32.50
C ARG C 308 30.39 -31.41 32.53
N ALA C 309 29.95 -30.15 32.39
CA ALA C 309 28.53 -29.81 32.40
C ALA C 309 28.05 -29.67 30.95
N VAL C 310 27.89 -30.81 30.28
CA VAL C 310 27.39 -30.81 28.90
C VAL C 310 25.98 -30.22 28.81
N PRO C 311 25.01 -30.61 29.66
CA PRO C 311 23.66 -30.04 29.54
C PRO C 311 23.59 -28.55 29.82
N ALA C 312 24.68 -27.93 30.25
CA ALA C 312 24.74 -26.48 30.37
C ALA C 312 25.49 -25.82 29.23
N ARG C 313 26.52 -26.49 28.70
CA ARG C 313 27.30 -25.92 27.60
C ARG C 313 26.55 -25.98 26.28
N VAL C 314 25.88 -27.10 25.99
CA VAL C 314 25.27 -27.29 24.68
C VAL C 314 24.03 -26.40 24.49
N PRO C 315 23.04 -26.43 25.40
CA PRO C 315 21.87 -25.56 25.21
C PRO C 315 22.21 -24.09 25.14
N LEU C 316 23.22 -23.64 25.88
CA LEU C 316 23.62 -22.24 25.82
C LEU C 316 24.06 -21.86 24.42
N GLY C 317 24.91 -22.68 23.80
CA GLY C 317 25.37 -22.38 22.46
C GLY C 317 24.26 -22.41 21.42
N ILE C 318 23.40 -23.43 21.50
CA ILE C 318 22.36 -23.54 20.48
C ILE C 318 21.34 -22.40 20.64
N THR C 319 21.04 -22.01 21.88
CA THR C 319 20.10 -20.91 22.09
C THR C 319 20.73 -19.57 21.68
N THR C 320 22.04 -19.41 21.87
CA THR C 320 22.71 -18.21 21.36
C THR C 320 22.61 -18.13 19.85
N VAL C 321 22.79 -19.26 19.17
CA VAL C 321 22.64 -19.28 17.71
C VAL C 321 21.21 -18.90 17.31
N LEU C 322 20.23 -19.46 18.01
CA LEU C 322 18.83 -19.12 17.72
C LEU C 322 18.55 -17.64 17.93
N THR C 323 19.07 -17.07 19.02
CA THR C 323 18.84 -15.65 19.30
C THR C 323 19.48 -14.77 18.24
N MET C 324 20.71 -15.12 17.81
CA MET C 324 21.36 -14.34 16.76
C MET C 324 20.58 -14.42 15.46
N SER C 325 20.07 -15.61 15.12
CA SER C 325 19.27 -15.75 13.90
C SER C 325 18.02 -14.88 13.95
N THR C 326 17.33 -14.88 15.10
CA THR C 326 16.13 -14.07 15.23
C THR C 326 16.45 -12.58 15.13
N ILE C 327 17.57 -12.15 15.73
CA ILE C 327 17.97 -10.75 15.65
C ILE C 327 18.25 -10.36 14.21
N ILE C 328 18.96 -11.21 13.48
CA ILE C 328 19.30 -10.91 12.08
C ILE C 328 18.02 -10.81 11.25
N THR C 329 17.08 -11.75 11.45
CA THR C 329 15.84 -11.70 10.69
C THR C 329 15.04 -10.44 10.99
N GLY C 330 14.94 -10.04 12.26
CA GLY C 330 14.20 -8.83 12.60
C GLY C 330 14.85 -7.57 12.02
N VAL C 331 16.17 -7.52 12.03
CA VAL C 331 16.86 -6.37 11.45
C VAL C 331 16.60 -6.34 9.95
N ASN C 332 16.67 -7.49 9.28
CA ASN C 332 16.42 -7.49 7.84
C ASN C 332 14.98 -7.08 7.54
N ALA C 333 14.04 -7.47 8.40
CA ALA C 333 12.63 -7.18 8.15
C ALA C 333 12.34 -5.69 8.27
N SER C 334 13.19 -4.92 8.94
CA SER C 334 12.90 -3.50 9.13
C SER C 334 13.68 -2.58 8.20
N MET C 335 14.50 -3.11 7.29
CA MET C 335 15.28 -2.33 6.35
C MET C 335 14.59 -2.22 5.01
N PRO C 336 14.91 -1.19 4.22
CA PRO C 336 14.35 -1.10 2.86
C PRO C 336 14.76 -2.29 2.01
N ARG C 337 13.84 -2.70 1.13
CA ARG C 337 14.04 -3.89 0.31
C ARG C 337 14.97 -3.55 -0.85
N VAL C 338 16.27 -3.55 -0.53
CA VAL C 338 17.33 -3.30 -1.50
C VAL C 338 18.13 -4.60 -1.63
N SER C 339 18.21 -5.13 -2.84
CA SER C 339 18.73 -6.48 -3.06
C SER C 339 20.19 -6.45 -3.48
N TYR C 340 21.05 -5.99 -2.59
CA TYR C 340 22.49 -6.22 -2.72
C TYR C 340 23.14 -6.06 -1.36
N ILE C 341 24.38 -6.53 -1.26
CA ILE C 341 25.06 -6.65 0.02
C ILE C 341 25.44 -5.26 0.54
N LYS C 342 25.18 -5.03 1.82
CA LYS C 342 25.52 -3.79 2.51
C LYS C 342 26.45 -4.11 3.69
N ALA C 343 26.98 -3.06 4.31
CA ALA C 343 27.94 -3.23 5.39
C ALA C 343 27.33 -3.94 6.59
N VAL C 344 26.09 -3.58 6.93
CA VAL C 344 25.43 -4.17 8.08
C VAL C 344 25.29 -5.68 7.92
N ASP C 345 25.01 -6.13 6.70
CA ASP C 345 24.94 -7.57 6.45
C ASP C 345 26.28 -8.25 6.72
N ILE C 346 27.37 -7.62 6.30
CA ILE C 346 28.70 -8.16 6.55
C ILE C 346 28.92 -8.33 8.06
N TYR C 347 28.59 -7.28 8.82
CA TYR C 347 28.77 -7.33 10.27
C TYR C 347 27.97 -8.47 10.89
N LEU C 348 26.68 -8.56 10.51
CA LEU C 348 25.81 -9.56 11.12
C LEU C 348 26.24 -10.97 10.78
N TRP C 349 26.66 -11.22 9.54
CA TRP C 349 27.03 -12.58 9.17
C TRP C 349 28.39 -12.98 9.74
N VAL C 350 29.31 -12.01 9.92
CA VAL C 350 30.54 -12.32 10.64
C VAL C 350 30.23 -12.71 12.08
N SER C 351 29.30 -12.00 12.72
CA SER C 351 28.90 -12.36 14.07
C SER C 351 28.30 -13.77 14.12
N PHE C 352 27.46 -14.10 13.14
CA PHE C 352 26.88 -15.43 13.07
C PHE C 352 27.95 -16.51 12.94
N VAL C 353 28.96 -16.24 12.11
CA VAL C 353 30.06 -17.19 11.96
C VAL C 353 30.82 -17.36 13.27
N PHE C 354 31.02 -16.26 14.00
CA PHE C 354 31.69 -16.34 15.29
C PHE C 354 30.94 -17.24 16.26
N VAL C 355 29.62 -17.11 16.32
CA VAL C 355 28.84 -17.95 17.23
C VAL C 355 28.90 -19.42 16.80
N PHE C 356 28.87 -19.65 15.49
CA PHE C 356 29.00 -21.02 14.97
C PHE C 356 30.32 -21.65 15.40
N LEU C 357 31.42 -20.91 15.27
CA LEU C 357 32.71 -21.44 15.69
C LEU C 357 32.77 -21.66 17.20
N SER C 358 32.12 -20.80 17.98
CA SER C 358 32.07 -21.00 19.42
C SER C 358 31.34 -22.29 19.79
N VAL C 359 30.42 -22.75 18.94
CA VAL C 359 29.77 -24.03 19.20
C VAL C 359 30.66 -25.20 18.78
N LEU C 360 31.31 -25.09 17.61
CA LEU C 360 32.21 -26.15 17.18
C LEU C 360 33.35 -26.37 18.18
N GLU C 361 33.81 -25.30 18.83
CA GLU C 361 34.91 -25.41 19.77
C GLU C 361 34.56 -26.34 20.93
N TYR C 362 33.38 -26.15 21.55
CA TYR C 362 33.01 -27.05 22.63
C TYR C 362 32.71 -28.45 22.12
N ALA C 363 32.20 -28.59 20.91
CA ALA C 363 32.03 -29.93 20.35
C ALA C 363 33.36 -30.67 20.32
N ALA C 364 34.42 -30.02 19.82
CA ALA C 364 35.73 -30.64 19.76
C ALA C 364 36.27 -30.95 21.15
N VAL C 365 36.08 -30.02 22.10
CA VAL C 365 36.58 -30.25 23.46
C VAL C 365 35.90 -31.47 24.08
N ASN C 366 34.57 -31.58 23.91
CA ASN C 366 33.85 -32.71 24.47
C ASN C 366 34.31 -34.04 23.85
N TYR C 367 34.48 -34.06 22.52
CA TYR C 367 34.93 -35.30 21.89
C TYR C 367 36.30 -35.71 22.39
N LEU C 368 37.23 -34.75 22.49
CA LEU C 368 38.57 -35.08 22.97
C LEU C 368 38.54 -35.58 24.41
N THR C 369 37.73 -34.96 25.27
CA THR C 369 37.64 -35.41 26.65
C THR C 369 37.11 -36.84 26.73
N THR C 370 36.07 -37.15 25.94
CA THR C 370 35.53 -38.51 25.95
C THR C 370 36.57 -39.51 25.48
N VAL C 371 37.32 -39.18 24.42
CA VAL C 371 38.34 -40.08 23.91
C VAL C 371 39.41 -40.35 24.96
N GLN C 372 39.87 -39.28 25.64
CA GLN C 372 40.91 -39.45 26.65
C GLN C 372 40.43 -40.31 27.80
N GLU C 373 39.20 -40.06 28.28
CA GLU C 373 38.68 -40.86 29.40
C GLU C 373 38.54 -42.33 29.02
N ARG C 374 38.04 -42.61 27.82
CA ARG C 374 37.90 -43.99 27.40
C ARG C 374 39.26 -44.68 27.27
N LYS C 375 40.25 -43.98 26.74
CA LYS C 375 41.59 -44.57 26.63
C LYS C 375 42.18 -44.86 28.01
N GLU C 376 42.01 -43.94 28.95
CA GLU C 376 42.52 -44.18 30.30
C GLU C 376 41.84 -45.38 30.95
N GLN C 377 40.52 -45.50 30.80
CA GLN C 377 39.83 -46.64 31.38
C GLN C 377 40.28 -47.94 30.74
N LYS C 378 40.46 -47.95 29.41
CA LYS C 378 40.93 -49.16 28.74
C LYS C 378 42.32 -49.54 29.21
N LEU C 379 43.20 -48.56 29.40
CA LEU C 379 44.54 -48.84 29.89
C LEU C 379 44.52 -49.42 31.30
N ARG C 380 43.68 -48.87 32.17
CA ARG C 380 43.57 -49.40 33.53
C ARG C 380 42.98 -50.80 33.54
N ASP C 451 41.03 -30.26 35.74
CA ASP C 451 41.84 -29.24 35.08
C ASP C 451 41.10 -28.65 33.89
N THR C 452 41.68 -27.61 33.30
CA THR C 452 41.08 -26.91 32.17
C THR C 452 41.72 -27.37 30.86
N HIS C 453 40.90 -27.64 29.87
CA HIS C 453 41.40 -28.07 28.56
C HIS C 453 42.16 -26.93 27.90
N ALA C 454 43.24 -27.29 27.18
CA ALA C 454 44.08 -26.28 26.54
C ALA C 454 43.32 -25.50 25.49
N ILE C 455 42.34 -26.14 24.82
CA ILE C 455 41.57 -25.46 23.80
C ILE C 455 40.80 -24.28 24.38
N ASP C 456 40.20 -24.47 25.57
CA ASP C 456 39.51 -23.37 26.22
C ASP C 456 40.48 -22.24 26.57
N LYS C 457 41.66 -22.59 27.09
CA LYS C 457 42.64 -21.58 27.46
C LYS C 457 43.05 -20.74 26.26
N TYR C 458 43.27 -21.39 25.11
CA TYR C 458 43.66 -20.62 23.93
C TYR C 458 42.49 -19.85 23.34
N SER C 459 41.28 -20.42 23.40
CA SER C 459 40.11 -19.75 22.85
C SER C 459 39.79 -18.46 23.59
N ARG C 460 39.91 -18.49 24.93
CA ARG C 460 39.62 -17.32 25.74
C ARG C 460 40.41 -16.10 25.30
N ILE C 461 41.61 -16.31 24.74
CA ILE C 461 42.42 -15.21 24.25
C ILE C 461 42.18 -14.96 22.77
N ILE C 462 42.03 -16.03 21.98
CA ILE C 462 42.01 -15.88 20.53
C ILE C 462 40.71 -15.22 20.07
N PHE C 463 39.56 -15.64 20.61
CA PHE C 463 38.29 -15.14 20.10
C PHE C 463 38.13 -13.63 20.30
N PRO C 464 38.32 -13.05 21.50
CA PRO C 464 38.21 -11.59 21.63
C PRO C 464 39.22 -10.83 20.78
N ALA C 465 40.44 -11.35 20.65
CA ALA C 465 41.45 -10.67 19.84
C ALA C 465 41.04 -10.65 18.37
N ALA C 466 40.53 -11.79 17.87
CA ALA C 466 40.08 -11.84 16.48
C ALA C 466 38.91 -10.88 16.25
N TYR C 467 37.97 -10.83 17.19
CA TYR C 467 36.83 -9.94 17.02
C TYR C 467 37.25 -8.47 17.05
N ILE C 468 38.18 -8.12 17.94
CA ILE C 468 38.68 -6.75 17.99
C ILE C 468 39.40 -6.38 16.70
N LEU C 469 40.21 -7.29 16.17
CA LEU C 469 40.91 -7.04 14.92
C LEU C 469 39.93 -6.85 13.77
N PHE C 470 38.88 -7.70 13.71
CA PHE C 470 37.87 -7.54 12.67
C PHE C 470 37.17 -6.20 12.79
N ASN C 471 36.83 -5.78 14.01
CA ASN C 471 36.17 -4.49 14.17
C ASN C 471 37.07 -3.34 13.74
N LEU C 472 38.36 -3.42 14.08
CA LEU C 472 39.29 -2.37 13.64
C LEU C 472 39.34 -2.28 12.13
N ILE C 473 39.49 -3.42 11.45
CA ILE C 473 39.57 -3.40 9.99
C ILE C 473 38.27 -2.88 9.38
N TYR C 474 37.13 -3.35 9.90
CA TYR C 474 35.83 -2.96 9.35
C TYR C 474 35.59 -1.46 9.50
N TRP C 475 35.87 -0.91 10.68
CA TRP C 475 35.64 0.51 10.91
C TRP C 475 36.71 1.39 10.30
N SER C 476 37.86 0.83 9.93
CA SER C 476 38.79 1.59 9.12
C SER C 476 38.34 1.63 7.65
N ILE C 477 37.77 0.54 7.16
CA ILE C 477 37.30 0.52 5.77
C ILE C 477 36.07 1.39 5.59
N PHE C 478 35.11 1.28 6.51
CA PHE C 478 33.85 2.01 6.40
C PHE C 478 33.83 3.30 7.22
N SER C 479 34.96 3.69 7.79
CA SER C 479 35.08 4.93 8.55
C SER C 479 34.12 5.00 9.74
N LYS D 74 -0.66 36.75 -39.02
CA LYS D 74 -0.85 35.51 -38.28
C LYS D 74 -0.07 34.37 -38.95
N SER D 75 0.64 33.61 -38.12
CA SER D 75 1.46 32.51 -38.64
C SER D 75 0.60 31.40 -39.24
N GLU D 76 -0.59 31.16 -38.69
CA GLU D 76 -1.45 30.11 -39.21
C GLU D 76 -2.09 30.47 -40.54
N GLN D 77 -2.01 31.73 -40.97
CA GLN D 77 -2.50 32.12 -42.28
C GLN D 77 -1.50 31.85 -43.39
N LEU D 78 -0.23 31.60 -43.06
CA LEU D 78 0.73 31.18 -44.07
C LEU D 78 0.45 29.76 -44.54
N LEU D 79 -0.05 28.91 -43.64
CA LEU D 79 -0.47 27.57 -43.98
C LEU D 79 -1.96 27.59 -44.30
N ARG D 80 -2.32 27.18 -45.51
CA ARG D 80 -3.71 27.24 -45.95
C ARG D 80 -4.50 26.14 -45.24
N ILE D 81 -4.80 26.39 -43.97
CA ILE D 81 -5.52 25.40 -43.16
C ILE D 81 -6.93 25.20 -43.69
N ASP D 82 -7.62 26.29 -44.02
CA ASP D 82 -9.01 26.22 -44.45
C ASP D 82 -9.17 25.79 -45.90
N ASP D 83 -8.08 25.70 -46.66
CA ASP D 83 -8.15 25.31 -48.06
C ASP D 83 -7.92 23.83 -48.29
N HIS D 84 -7.73 23.05 -47.23
CA HIS D 84 -7.45 21.62 -47.36
C HIS D 84 -8.23 20.85 -46.31
N ASP D 85 -8.49 19.58 -46.62
CA ASP D 85 -9.17 18.68 -45.71
C ASP D 85 -8.13 17.91 -44.91
N PHE D 86 -8.09 18.14 -43.60
CA PHE D 86 -7.11 17.51 -42.72
C PHE D 86 -7.66 16.29 -42.00
N SER D 87 -8.78 15.75 -42.45
CA SER D 87 -9.29 14.49 -41.92
C SER D 87 -8.75 13.27 -42.64
N MET D 88 -8.02 13.46 -43.74
CA MET D 88 -7.45 12.36 -44.51
C MET D 88 -5.93 12.42 -44.47
N ARG D 89 -5.31 11.26 -44.65
CA ARG D 89 -3.86 11.18 -44.64
C ARG D 89 -3.28 11.80 -45.92
N PRO D 90 -2.03 12.26 -45.87
CA PRO D 90 -1.39 12.76 -47.08
C PRO D 90 -1.27 11.65 -48.13
N GLY D 91 -1.44 12.03 -49.40
CA GLY D 91 -1.39 11.04 -50.45
C GLY D 91 -2.57 10.10 -50.47
N PHE D 92 -3.74 10.55 -50.02
CA PHE D 92 -4.91 9.69 -49.98
C PHE D 92 -5.26 9.16 -51.36
N GLY D 93 -5.52 7.86 -51.44
CA GLY D 93 -5.81 7.22 -52.70
C GLY D 93 -4.61 6.71 -53.46
N GLY D 94 -3.40 6.95 -52.97
CA GLY D 94 -2.20 6.51 -53.63
C GLY D 94 -1.36 5.60 -52.77
N PRO D 95 -0.04 5.62 -52.99
CA PRO D 95 0.85 4.79 -52.17
C PRO D 95 0.86 5.24 -50.72
N ALA D 96 1.14 4.29 -49.83
CA ALA D 96 1.21 4.58 -48.41
C ALA D 96 2.37 5.54 -48.11
N ILE D 97 2.16 6.37 -47.09
CA ILE D 97 3.17 7.35 -46.68
C ILE D 97 4.10 6.72 -45.64
N PRO D 98 5.41 6.83 -45.82
CA PRO D 98 6.33 6.32 -44.80
C PRO D 98 6.39 7.24 -43.59
N VAL D 99 6.45 6.63 -42.41
CA VAL D 99 6.55 7.36 -41.14
C VAL D 99 7.70 6.75 -40.35
N GLY D 100 8.66 7.57 -39.96
CA GLY D 100 9.80 7.13 -39.17
C GLY D 100 9.62 7.46 -37.69
N VAL D 101 10.17 6.60 -36.85
CA VAL D 101 10.01 6.72 -35.40
C VAL D 101 11.37 6.65 -34.74
N ASP D 102 11.63 7.60 -33.84
CA ASP D 102 12.83 7.60 -33.01
C ASP D 102 12.42 7.66 -31.55
N VAL D 103 13.09 6.86 -30.72
CA VAL D 103 12.75 6.72 -29.31
C VAL D 103 14.00 6.95 -28.47
N GLN D 104 13.87 7.77 -27.43
CA GLN D 104 14.92 7.97 -26.43
C GLN D 104 14.36 7.62 -25.07
N VAL D 105 14.97 6.65 -24.40
CA VAL D 105 14.50 6.18 -23.10
C VAL D 105 15.12 7.07 -22.02
N GLU D 106 14.26 7.70 -21.21
CA GLU D 106 14.74 8.62 -20.19
C GLU D 106 15.05 7.90 -18.88
N SER D 107 14.13 7.05 -18.41
CA SER D 107 14.35 6.32 -17.17
C SER D 107 13.35 5.17 -17.08
N LEU D 108 13.66 4.22 -16.21
CA LEU D 108 12.74 3.16 -15.82
C LEU D 108 12.28 3.44 -14.39
N ASP D 109 10.97 3.60 -14.23
CA ASP D 109 10.45 4.09 -12.95
C ASP D 109 10.40 2.99 -11.89
N SER D 110 9.78 1.86 -12.22
CA SER D 110 9.63 0.78 -11.26
C SER D 110 9.23 -0.48 -12.00
N ILE D 111 9.35 -1.61 -11.30
CA ILE D 111 8.98 -2.92 -11.84
C ILE D 111 8.24 -3.68 -10.74
N SER D 112 7.14 -4.34 -11.12
CA SER D 112 6.32 -5.09 -10.19
C SER D 112 6.32 -6.56 -10.58
N GLU D 113 6.85 -7.40 -9.69
CA GLU D 113 6.93 -8.84 -9.97
C GLU D 113 5.58 -9.52 -9.80
N VAL D 114 4.78 -9.07 -8.83
CA VAL D 114 3.49 -9.71 -8.57
C VAL D 114 2.53 -9.47 -9.72
N ASP D 115 2.44 -8.22 -10.19
CA ASP D 115 1.55 -7.87 -11.29
C ASP D 115 2.21 -8.00 -12.66
N MET D 116 3.51 -8.26 -12.70
CA MET D 116 4.24 -8.52 -13.95
C MET D 116 4.09 -7.36 -14.94
N ASP D 117 4.64 -6.21 -14.54
CA ASP D 117 4.65 -5.02 -15.39
C ASP D 117 5.82 -4.14 -15.01
N PHE D 118 6.13 -3.18 -15.88
CA PHE D 118 7.18 -2.20 -15.66
C PHE D 118 6.74 -0.85 -16.19
N THR D 119 7.37 0.20 -15.68
CA THR D 119 7.04 1.57 -16.04
C THR D 119 8.26 2.24 -16.67
N MET D 120 8.05 2.91 -17.80
CA MET D 120 9.11 3.55 -18.55
C MET D 120 8.69 4.95 -18.96
N THR D 121 9.65 5.88 -18.97
CA THR D 121 9.45 7.24 -19.45
C THR D 121 10.36 7.46 -20.65
N LEU D 122 9.81 8.01 -21.73
CA LEU D 122 10.54 8.06 -22.99
C LEU D 122 10.08 9.26 -23.82
N TYR D 123 10.88 9.59 -24.83
CA TYR D 123 10.55 10.57 -25.84
C TYR D 123 10.21 9.86 -27.14
N LEU D 124 9.07 10.23 -27.74
CA LEU D 124 8.62 9.64 -28.98
C LEU D 124 8.61 10.69 -30.07
N ARG D 125 9.25 10.39 -31.21
CA ARG D 125 9.36 11.33 -32.31
C ARG D 125 8.88 10.68 -33.60
N HIS D 126 8.20 11.47 -34.43
CA HIS D 126 7.66 11.00 -35.71
C HIS D 126 8.14 11.92 -36.82
N TYR D 127 8.42 11.34 -37.98
CA TYR D 127 8.88 12.08 -39.14
C TYR D 127 8.03 11.71 -40.36
N TRP D 128 7.48 12.71 -41.03
CA TRP D 128 6.73 12.48 -42.26
C TRP D 128 6.70 13.78 -43.05
N LYS D 129 6.30 13.67 -44.31
CA LYS D 129 6.25 14.81 -45.22
C LYS D 129 4.83 15.05 -45.70
N ASP D 130 4.43 16.31 -45.75
CA ASP D 130 3.09 16.70 -46.20
C ASP D 130 3.22 17.94 -47.05
N GLU D 131 2.89 17.81 -48.34
CA GLU D 131 2.98 18.95 -49.25
C GLU D 131 1.96 20.04 -48.95
N ARG D 132 0.88 19.71 -48.23
CA ARG D 132 -0.15 20.70 -47.93
C ARG D 132 0.31 21.75 -46.92
N LEU D 133 1.42 21.51 -46.22
CA LEU D 133 1.94 22.44 -45.23
C LEU D 133 3.07 23.30 -45.76
N SER D 134 3.40 23.19 -47.05
CA SER D 134 4.47 24.00 -47.61
C SER D 134 4.06 25.47 -47.66
N PHE D 135 4.98 26.35 -47.31
CA PHE D 135 4.72 27.78 -47.30
C PHE D 135 5.88 28.52 -47.94
N PRO D 136 5.61 29.60 -48.67
CA PRO D 136 6.70 30.36 -49.30
C PRO D 136 7.54 31.09 -48.26
N SER D 137 8.81 31.27 -48.60
CA SER D 137 9.74 31.98 -47.72
C SER D 137 10.89 32.50 -48.54
N THR D 138 11.53 33.56 -48.03
CA THR D 138 12.72 34.14 -48.64
C THR D 138 14.00 33.57 -48.07
N ASN D 139 13.90 32.60 -47.16
CA ASN D 139 15.06 31.98 -46.53
C ASN D 139 14.68 30.53 -46.20
N ASN D 140 15.50 29.89 -45.36
CA ASN D 140 15.29 28.50 -45.00
C ASN D 140 15.00 28.31 -43.51
N LEU D 141 14.27 29.25 -42.92
CA LEU D 141 13.88 29.15 -41.51
C LEU D 141 12.57 28.37 -41.38
N SER D 142 12.45 27.65 -40.26
CA SER D 142 11.29 26.84 -39.96
C SER D 142 10.43 27.50 -38.89
N MET D 143 9.19 27.02 -38.78
CA MET D 143 8.23 27.51 -37.81
C MET D 143 7.92 26.42 -36.79
N THR D 144 7.89 26.81 -35.51
CA THR D 144 7.65 25.89 -34.42
C THR D 144 6.28 26.19 -33.81
N PHE D 145 5.47 25.14 -33.64
CA PHE D 145 4.13 25.26 -33.08
C PHE D 145 4.01 24.31 -31.90
N ASP D 146 3.11 24.67 -30.97
CA ASP D 146 2.89 23.88 -29.77
C ASP D 146 1.75 22.89 -30.01
N GLY D 147 1.22 22.33 -28.92
CA GLY D 147 0.18 21.31 -29.01
C GLY D 147 -1.15 21.81 -29.54
N ARG D 148 -1.36 23.12 -29.60
CA ARG D 148 -2.64 23.64 -30.06
C ARG D 148 -2.85 23.44 -31.56
N LEU D 149 -1.79 23.26 -32.33
CA LEU D 149 -1.92 23.03 -33.76
C LEU D 149 -2.21 21.57 -34.10
N VAL D 150 -2.09 20.67 -33.14
CA VAL D 150 -2.31 19.24 -33.41
C VAL D 150 -3.74 19.00 -33.86
N LYS D 151 -4.70 19.66 -33.21
CA LYS D 151 -6.11 19.45 -33.52
C LYS D 151 -6.51 19.99 -34.89
N LYS D 152 -5.66 20.78 -35.54
CA LYS D 152 -5.98 21.35 -36.84
C LYS D 152 -5.33 20.64 -38.01
N ILE D 153 -4.41 19.70 -37.75
CA ILE D 153 -3.70 18.99 -38.79
C ILE D 153 -3.78 17.48 -38.52
N TRP D 154 -3.27 16.71 -39.46
CA TRP D 154 -3.25 15.26 -39.36
C TRP D 154 -1.95 14.81 -38.71
N VAL D 155 -2.05 13.94 -37.70
CA VAL D 155 -0.87 13.39 -37.03
C VAL D 155 -1.03 11.88 -36.89
N PRO D 156 0.07 11.12 -36.88
CA PRO D 156 -0.05 9.66 -36.74
C PRO D 156 -0.64 9.25 -35.40
N ASP D 157 -1.43 8.18 -35.43
CA ASP D 157 -2.13 7.69 -34.25
C ASP D 157 -1.44 6.44 -33.69
N MET D 158 -0.23 6.66 -33.18
CA MET D 158 0.52 5.58 -32.56
C MET D 158 -0.01 5.29 -31.17
N PHE D 159 0.04 4.01 -30.78
CA PHE D 159 -0.34 3.61 -29.43
C PHE D 159 0.52 2.44 -29.00
N PHE D 160 0.60 2.23 -27.69
CA PHE D 160 1.45 1.19 -27.13
C PHE D 160 0.65 -0.09 -26.92
N VAL D 161 1.15 -1.18 -27.48
CA VAL D 161 0.46 -2.45 -27.43
C VAL D 161 0.74 -3.14 -26.09
N HIS D 162 -0.26 -3.81 -25.56
CA HIS D 162 -0.16 -4.55 -24.30
C HIS D 162 0.26 -3.63 -23.15
N SER D 163 -0.29 -2.43 -23.12
CA SER D 163 -0.08 -1.48 -22.04
C SER D 163 -1.28 -1.50 -21.10
N LYS D 164 -1.05 -1.06 -19.87
CA LYS D 164 -2.09 -0.98 -18.86
C LYS D 164 -2.55 0.45 -18.58
N ARG D 165 -1.64 1.42 -18.56
CA ARG D 165 -1.98 2.80 -18.34
C ARG D 165 -0.85 3.68 -18.84
N SER D 166 -1.20 4.87 -19.31
CA SER D 166 -0.21 5.80 -19.82
C SER D 166 -0.79 7.21 -19.81
N PHE D 167 0.11 8.20 -19.81
CA PHE D 167 -0.30 9.59 -19.83
C PHE D 167 0.81 10.44 -20.43
N ILE D 168 0.44 11.66 -20.85
CA ILE D 168 1.35 12.64 -21.40
C ILE D 168 1.50 13.77 -20.40
N HIS D 169 2.75 14.12 -20.08
CA HIS D 169 3.00 15.15 -19.09
C HIS D 169 2.52 16.51 -19.57
N ASP D 170 1.97 17.31 -18.66
CA ASP D 170 1.36 18.60 -19.02
C ASP D 170 1.76 19.70 -18.05
N THR D 171 2.98 19.67 -17.53
CA THR D 171 3.48 20.70 -16.63
C THR D 171 4.77 21.30 -17.20
N THR D 172 4.80 22.62 -17.36
CA THR D 172 3.71 23.52 -16.99
C THR D 172 2.66 23.62 -18.10
N THR D 173 2.97 23.01 -19.25
CA THR D 173 2.02 22.90 -20.35
C THR D 173 2.27 21.57 -21.04
N ASP D 174 1.44 21.27 -22.04
CA ASP D 174 1.57 20.01 -22.77
C ASP D 174 2.95 19.89 -23.39
N ASN D 175 3.59 18.74 -23.18
CA ASN D 175 4.92 18.49 -23.71
C ASN D 175 4.83 17.94 -25.14
N VAL D 176 4.31 18.78 -26.03
CA VAL D 176 4.13 18.45 -27.43
C VAL D 176 4.77 19.55 -28.27
N MET D 177 5.58 19.15 -29.26
CA MET D 177 6.28 20.10 -30.12
C MET D 177 6.06 19.72 -31.57
N LEU D 178 5.89 20.73 -32.42
CA LEU D 178 5.74 20.55 -33.86
C LEU D 178 6.66 21.50 -34.58
N ARG D 179 7.44 20.98 -35.52
CA ARG D 179 8.34 21.79 -36.34
C ARG D 179 8.05 21.49 -37.81
N VAL D 180 7.81 22.53 -38.58
CA VAL D 180 7.43 22.39 -39.99
C VAL D 180 8.49 23.06 -40.84
N GLN D 181 9.05 22.30 -41.78
CA GLN D 181 10.02 22.82 -42.73
C GLN D 181 9.30 23.50 -43.91
N PRO D 182 9.99 24.42 -44.61
CA PRO D 182 9.35 25.08 -45.75
C PRO D 182 8.88 24.12 -46.84
N ASP D 183 9.55 22.98 -47.02
CA ASP D 183 9.17 22.02 -48.05
C ASP D 183 8.13 21.01 -47.58
N GLY D 184 7.65 21.14 -46.34
CA GLY D 184 6.57 20.31 -45.85
C GLY D 184 6.98 19.19 -44.92
N LYS D 185 8.25 19.07 -44.57
CA LYS D 185 8.68 18.05 -43.62
C LYS D 185 8.24 18.43 -42.21
N VAL D 186 7.69 17.46 -41.48
CA VAL D 186 7.08 17.69 -40.19
C VAL D 186 7.75 16.79 -39.15
N LEU D 187 8.11 17.38 -38.02
CA LEU D 187 8.63 16.65 -36.87
C LEU D 187 7.65 16.80 -35.71
N TYR D 188 7.23 15.67 -35.13
CA TYR D 188 6.22 15.64 -34.08
C TYR D 188 6.79 14.86 -32.90
N SER D 189 7.01 15.55 -31.78
CA SER D 189 7.67 14.97 -30.61
C SER D 189 6.83 15.18 -29.37
N LEU D 190 6.78 14.17 -28.51
CA LEU D 190 6.03 14.26 -27.27
C LEU D 190 6.70 13.37 -26.22
N ARG D 191 6.46 13.72 -24.95
CA ARG D 191 7.05 13.03 -23.81
C ARG D 191 5.94 12.27 -23.08
N VAL D 192 6.12 10.97 -22.91
CA VAL D 192 5.06 10.09 -22.44
C VAL D 192 5.61 9.11 -21.41
N THR D 193 4.74 8.69 -20.48
CA THR D 193 5.04 7.65 -19.52
C THR D 193 4.05 6.51 -19.70
N VAL D 194 4.55 5.28 -19.79
CA VAL D 194 3.73 4.12 -20.15
C VAL D 194 4.05 2.96 -19.21
N THR D 195 3.00 2.23 -18.81
CA THR D 195 3.13 1.00 -18.04
C THR D 195 2.70 -0.17 -18.92
N ALA D 196 3.59 -1.14 -19.09
CA ALA D 196 3.35 -2.25 -20.00
C ALA D 196 3.54 -3.59 -19.28
N MET D 197 2.83 -4.59 -19.75
CA MET D 197 2.90 -5.93 -19.18
C MET D 197 4.16 -6.65 -19.64
N CYS D 198 4.61 -7.60 -18.81
CA CYS D 198 5.76 -8.43 -19.17
C CYS D 198 5.65 -9.74 -18.39
N ASN D 199 5.35 -10.83 -19.09
CA ASN D 199 5.23 -12.12 -18.44
C ASN D 199 6.60 -12.59 -17.94
N MET D 200 6.62 -13.13 -16.72
CA MET D 200 7.85 -13.55 -16.07
C MET D 200 7.71 -14.98 -15.58
N ASP D 201 8.85 -15.66 -15.47
CA ASP D 201 8.91 -17.02 -14.98
C ASP D 201 9.91 -17.07 -13.82
N PHE D 202 9.43 -17.49 -12.65
CA PHE D 202 10.24 -17.52 -11.44
C PHE D 202 10.63 -18.94 -11.03
N SER D 203 10.59 -19.89 -11.97
CA SER D 203 10.91 -21.27 -11.62
C SER D 203 12.36 -21.41 -11.17
N ARG D 204 13.28 -20.68 -11.82
CA ARG D 204 14.70 -20.75 -11.52
C ARG D 204 15.15 -19.65 -10.56
N PHE D 205 14.21 -19.02 -9.86
CA PHE D 205 14.55 -17.98 -8.91
C PHE D 205 15.48 -18.55 -7.84
N PRO D 206 16.52 -17.80 -7.42
CA PRO D 206 16.88 -16.44 -7.87
C PRO D 206 17.87 -16.38 -9.03
N LEU D 207 18.04 -17.48 -9.77
CA LEU D 207 18.92 -17.52 -10.92
C LEU D 207 18.19 -17.31 -12.23
N ASP D 208 17.02 -16.68 -12.19
CA ASP D 208 16.19 -16.49 -13.37
C ASP D 208 16.61 -15.27 -14.17
N THR D 209 16.31 -15.30 -15.46
CA THR D 209 16.57 -14.23 -16.40
C THR D 209 15.27 -13.87 -17.09
N GLN D 210 14.94 -12.57 -17.12
CA GLN D 210 13.67 -12.11 -17.68
C GLN D 210 13.93 -11.12 -18.81
N THR D 211 13.19 -11.29 -19.90
CA THR D 211 13.28 -10.41 -21.06
C THR D 211 11.94 -9.72 -21.27
N CYS D 212 11.93 -8.40 -21.21
CA CYS D 212 10.74 -7.59 -21.41
C CYS D 212 10.89 -6.73 -22.65
N SER D 213 9.75 -6.39 -23.26
CA SER D 213 9.74 -5.61 -24.49
C SER D 213 8.64 -4.56 -24.44
N LEU D 214 8.80 -3.54 -25.28
CA LEU D 214 7.82 -2.47 -25.44
C LEU D 214 7.45 -2.38 -26.91
N GLU D 215 6.15 -2.31 -27.20
CA GLU D 215 5.63 -2.42 -28.55
C GLU D 215 4.89 -1.16 -28.95
N ILE D 216 5.10 -0.73 -30.20
CA ILE D 216 4.47 0.47 -30.75
C ILE D 216 3.82 0.09 -32.07
N GLU D 217 2.57 0.49 -32.25
CA GLU D 217 1.82 0.13 -33.45
C GLU D 217 0.82 1.23 -33.77
N SER D 218 0.50 1.37 -35.05
CA SER D 218 -0.56 2.26 -35.48
C SER D 218 -1.92 1.66 -35.15
N TYR D 219 -2.87 2.51 -34.76
CA TYR D 219 -4.17 2.01 -34.30
C TYR D 219 -5.12 1.75 -35.46
N ALA D 220 -5.31 2.72 -36.34
CA ALA D 220 -6.36 2.67 -37.34
C ALA D 220 -5.87 2.52 -38.78
N TYR D 221 -4.56 2.57 -39.01
CA TYR D 221 -4.01 2.54 -40.37
C TYR D 221 -3.21 1.26 -40.57
N THR D 222 -3.54 0.53 -41.63
CA THR D 222 -2.85 -0.70 -41.96
C THR D 222 -1.60 -0.41 -42.79
N GLU D 223 -0.89 -1.47 -43.19
CA GLU D 223 0.33 -1.30 -43.97
C GLU D 223 0.06 -0.74 -45.36
N ASP D 224 -1.17 -0.85 -45.85
CA ASP D 224 -1.51 -0.30 -47.16
C ASP D 224 -1.65 1.22 -47.14
N ASP D 225 -1.89 1.81 -45.97
CA ASP D 225 -2.05 3.26 -45.85
C ASP D 225 -0.92 3.94 -45.09
N LEU D 226 -0.33 3.28 -44.10
CA LEU D 226 0.74 3.88 -43.31
C LEU D 226 1.84 2.85 -43.12
N MET D 227 3.06 3.20 -43.52
CA MET D 227 4.22 2.32 -43.43
C MET D 227 5.11 2.82 -42.30
N LEU D 228 5.23 2.02 -41.25
CA LEU D 228 5.96 2.39 -40.04
C LEU D 228 7.32 1.69 -40.01
N TYR D 229 8.36 2.45 -39.64
CA TYR D 229 9.70 1.89 -39.63
C TYR D 229 10.58 2.72 -38.71
N TRP D 230 11.72 2.13 -38.32
CA TRP D 230 12.75 2.87 -37.59
C TRP D 230 13.51 3.76 -38.55
N LYS D 231 13.64 5.05 -38.20
CA LYS D 231 14.19 6.02 -39.15
C LYS D 231 15.64 5.70 -39.50
N LYS D 232 16.45 5.32 -38.51
CA LYS D 232 17.87 5.06 -38.72
C LYS D 232 18.27 3.65 -38.31
N GLY D 233 17.38 2.69 -38.49
CA GLY D 233 17.70 1.31 -38.14
C GLY D 233 17.93 1.16 -36.65
N ASN D 234 19.06 0.54 -36.30
CA ASN D 234 19.37 0.27 -34.90
C ASN D 234 19.90 1.49 -34.16
N ASP D 235 20.19 2.58 -34.86
CA ASP D 235 20.64 3.81 -34.24
C ASP D 235 19.50 4.70 -33.77
N SER D 236 18.25 4.28 -33.97
CA SER D 236 17.09 5.08 -33.62
C SER D 236 16.70 4.97 -32.16
N LEU D 237 17.37 4.12 -31.39
CA LEU D 237 17.11 3.96 -29.96
C LEU D 237 18.28 4.50 -29.17
N LYS D 238 18.02 5.44 -28.26
CA LYS D 238 19.02 5.99 -27.37
C LYS D 238 18.55 5.83 -25.93
N THR D 239 19.49 5.54 -25.04
CA THR D 239 19.18 5.32 -23.63
C THR D 239 20.03 6.25 -22.76
N ASP D 240 19.48 6.62 -21.62
CA ASP D 240 20.19 7.47 -20.67
C ASP D 240 21.38 6.74 -20.09
N GLU D 241 22.43 7.51 -19.76
CA GLU D 241 23.64 6.91 -19.19
C GLU D 241 23.42 6.41 -17.77
N ARG D 242 22.46 6.97 -17.05
CA ARG D 242 22.26 6.65 -15.64
C ARG D 242 20.97 5.88 -15.38
N ILE D 243 20.50 5.13 -16.37
CA ILE D 243 19.32 4.28 -16.18
C ILE D 243 19.71 3.07 -15.36
N SER D 244 18.95 2.79 -14.32
CA SER D 244 19.26 1.67 -13.42
C SER D 244 18.02 1.28 -12.66
N LEU D 245 18.07 0.09 -12.05
CA LEU D 245 17.02 -0.42 -11.20
C LEU D 245 17.63 -0.83 -9.86
N SER D 246 16.80 -0.75 -8.81
CA SER D 246 17.30 -1.02 -7.46
C SER D 246 17.74 -2.47 -7.31
N GLN D 247 16.92 -3.41 -7.77
CA GLN D 247 17.19 -4.84 -7.56
C GLN D 247 17.42 -5.60 -8.86
N PHE D 248 17.59 -4.91 -9.98
CA PHE D 248 17.79 -5.57 -11.27
C PHE D 248 18.93 -4.91 -12.03
N LEU D 249 19.50 -5.68 -12.95
CA LEU D 249 20.53 -5.20 -13.87
C LEU D 249 19.95 -5.18 -15.29
N ILE D 250 20.10 -4.06 -15.97
CA ILE D 250 19.50 -3.83 -17.28
C ILE D 250 20.59 -3.86 -18.34
N GLN D 251 20.34 -4.59 -19.43
CA GLN D 251 21.35 -4.77 -20.45
C GLN D 251 20.69 -5.18 -21.76
N GLU D 252 21.47 -5.12 -22.83
CA GLU D 252 21.10 -5.65 -24.14
C GLU D 252 19.83 -4.98 -24.68
N PHE D 253 19.94 -3.67 -24.91
CA PHE D 253 18.89 -2.91 -25.58
C PHE D 253 19.04 -3.02 -27.09
N HIS D 254 17.98 -3.42 -27.77
CA HIS D 254 18.00 -3.50 -29.23
C HIS D 254 16.57 -3.40 -29.75
N THR D 255 16.46 -3.13 -31.04
CA THR D 255 15.18 -2.88 -31.69
C THR D 255 14.92 -3.91 -32.78
N THR D 256 13.67 -4.35 -32.88
CA THR D 256 13.24 -5.30 -33.91
C THR D 256 11.86 -4.90 -34.41
N THR D 257 11.48 -5.47 -35.56
CA THR D 257 10.18 -5.23 -36.18
C THR D 257 9.54 -6.56 -36.55
N LYS D 258 8.21 -6.57 -36.58
CA LYS D 258 7.47 -7.76 -36.96
C LYS D 258 6.08 -7.35 -37.44
N LEU D 259 5.57 -8.06 -38.45
CA LEU D 259 4.24 -7.80 -38.98
C LEU D 259 3.20 -8.57 -38.18
N ALA D 260 2.11 -7.91 -37.83
CA ALA D 260 1.02 -8.50 -37.08
C ALA D 260 -0.25 -8.47 -37.93
N PHE D 261 -1.08 -9.50 -37.78
CA PHE D 261 -2.30 -9.64 -38.57
C PHE D 261 -3.51 -9.57 -37.66
N TYR D 262 -4.50 -8.80 -38.06
CA TYR D 262 -5.80 -8.74 -37.40
C TYR D 262 -6.89 -9.11 -38.41
N SER D 263 -7.72 -10.09 -38.06
CA SER D 263 -8.73 -10.56 -39.00
C SER D 263 -9.76 -9.48 -39.31
N SER D 264 -9.95 -8.52 -38.41
CA SER D 264 -10.97 -7.49 -38.63
C SER D 264 -10.52 -6.49 -39.69
N THR D 265 -9.25 -6.15 -39.72
CA THR D 265 -8.80 -5.08 -40.61
C THR D 265 -7.66 -5.49 -41.54
N GLY D 266 -6.74 -6.33 -41.07
CA GLY D 266 -5.62 -6.73 -41.90
C GLY D 266 -4.29 -6.58 -41.18
N TRP D 267 -3.23 -6.40 -41.96
CA TRP D 267 -1.87 -6.43 -41.44
C TRP D 267 -1.45 -5.06 -40.89
N TYR D 268 -0.58 -5.09 -39.89
CA TYR D 268 -0.03 -3.90 -39.27
C TYR D 268 1.47 -4.08 -39.08
N ASN D 269 2.17 -2.95 -39.03
CA ASN D 269 3.60 -2.92 -38.72
C ASN D 269 3.78 -2.61 -37.24
N ARG D 270 4.64 -3.39 -36.58
CA ARG D 270 4.87 -3.24 -35.16
C ARG D 270 6.35 -3.09 -34.88
N LEU D 271 6.70 -2.21 -33.95
CA LEU D 271 8.07 -1.96 -33.55
C LEU D 271 8.28 -2.43 -32.11
N TYR D 272 9.48 -2.94 -31.83
CA TYR D 272 9.81 -3.52 -30.54
C TYR D 272 11.04 -2.86 -29.95
N ILE D 273 11.04 -2.77 -28.62
CA ILE D 273 12.23 -2.35 -27.85
C ILE D 273 12.47 -3.41 -26.79
N ASN D 274 13.61 -4.10 -26.89
CA ASN D 274 13.90 -5.26 -26.05
C ASN D 274 15.02 -4.97 -25.08
N PHE D 275 14.93 -5.56 -23.89
CA PHE D 275 15.98 -5.48 -22.89
C PHE D 275 15.88 -6.69 -21.96
N THR D 276 16.96 -6.93 -21.22
CA THR D 276 17.10 -8.11 -20.37
C THR D 276 17.37 -7.69 -18.93
N LEU D 277 16.83 -8.46 -17.99
CA LEU D 277 16.96 -8.20 -16.56
C LEU D 277 17.65 -9.35 -15.85
N ARG D 278 18.52 -9.02 -14.90
CA ARG D 278 19.23 -9.99 -14.09
C ARG D 278 19.31 -9.50 -12.65
N ARG D 279 19.54 -10.43 -11.73
CA ARG D 279 19.58 -10.14 -10.31
C ARG D 279 21.02 -10.16 -9.80
N HIS D 280 21.16 -9.94 -8.49
CA HIS D 280 22.45 -10.03 -7.80
C HIS D 280 22.49 -11.38 -7.08
N ILE D 281 23.32 -12.29 -7.59
CA ILE D 281 23.32 -13.67 -7.11
C ILE D 281 23.89 -13.76 -5.69
N PHE D 282 24.99 -13.05 -5.44
CA PHE D 282 25.70 -13.22 -4.18
C PHE D 282 24.87 -12.80 -2.98
N PHE D 283 24.04 -11.76 -3.14
CA PHE D 283 23.18 -11.33 -2.04
C PHE D 283 22.24 -12.45 -1.62
N PHE D 284 21.55 -13.06 -2.59
CA PHE D 284 20.63 -14.14 -2.28
C PHE D 284 21.37 -15.36 -1.74
N LEU D 285 22.54 -15.67 -2.30
CA LEU D 285 23.33 -16.78 -1.78
C LEU D 285 23.64 -16.57 -0.30
N LEU D 286 24.20 -15.41 0.04
CA LEU D 286 24.56 -15.13 1.43
C LEU D 286 23.34 -15.12 2.35
N GLN D 287 22.23 -14.57 1.87
CA GLN D 287 21.05 -14.44 2.73
C GLN D 287 20.33 -15.76 2.94
N THR D 288 20.39 -16.68 1.98
CA THR D 288 19.57 -17.88 2.04
C THR D 288 20.38 -19.17 2.15
N TYR D 289 21.32 -19.40 1.22
CA TYR D 289 21.97 -20.71 1.18
C TYR D 289 22.97 -20.89 2.30
N PHE D 290 23.61 -19.79 2.73
CA PHE D 290 24.60 -19.88 3.80
C PHE D 290 24.00 -20.33 5.13
N PRO D 291 22.93 -19.71 5.66
CA PRO D 291 22.40 -20.18 6.95
C PRO D 291 21.91 -21.61 6.93
N ALA D 292 21.28 -22.06 5.83
CA ALA D 292 20.79 -23.42 5.77
C ALA D 292 21.93 -24.42 5.81
N THR D 293 22.99 -24.16 5.05
CA THR D 293 24.16 -25.05 5.07
C THR D 293 24.82 -25.05 6.45
N LEU D 294 24.91 -23.87 7.08
CA LEU D 294 25.50 -23.81 8.42
C LEU D 294 24.68 -24.61 9.41
N MET D 295 23.35 -24.52 9.36
CA MET D 295 22.52 -25.28 10.29
C MET D 295 22.61 -26.78 10.03
N VAL D 296 22.67 -27.18 8.76
CA VAL D 296 22.80 -28.60 8.44
C VAL D 296 24.13 -29.14 8.96
N MET D 297 25.22 -28.39 8.76
CA MET D 297 26.50 -28.82 9.28
C MET D 297 26.53 -28.81 10.81
N LEU D 298 25.79 -27.89 11.43
CA LEU D 298 25.70 -27.87 12.89
C LEU D 298 24.94 -29.07 13.42
N SER D 299 23.95 -29.57 12.66
CA SER D 299 23.20 -30.74 13.09
C SER D 299 24.04 -32.02 13.13
N TRP D 300 25.19 -32.03 12.44
CA TRP D 300 26.08 -33.19 12.46
C TRP D 300 26.98 -33.22 13.68
N VAL D 301 26.96 -32.18 14.52
CA VAL D 301 27.81 -32.15 15.70
C VAL D 301 27.41 -33.25 16.67
N SER D 302 26.10 -33.54 16.76
CA SER D 302 25.61 -34.48 17.76
C SER D 302 26.16 -35.89 17.57
N PHE D 303 26.64 -36.22 16.37
CA PHE D 303 27.18 -37.55 16.14
C PHE D 303 28.51 -37.78 16.88
N TRP D 304 29.15 -36.71 17.35
CA TRP D 304 30.41 -36.80 18.06
C TRP D 304 30.25 -36.67 19.57
N ILE D 305 29.02 -36.65 20.07
CA ILE D 305 28.74 -36.52 21.49
C ILE D 305 28.38 -37.89 22.05
N ASP D 306 28.76 -38.11 23.32
CA ASP D 306 28.50 -39.38 23.98
C ASP D 306 26.99 -39.68 24.00
N ARG D 307 26.64 -40.93 23.69
CA ARG D 307 25.24 -41.34 23.66
C ARG D 307 24.59 -41.33 25.04
N ARG D 308 25.38 -41.34 26.10
CA ARG D 308 24.85 -41.38 27.47
C ARG D 308 24.34 -40.02 27.95
N ALA D 309 24.61 -38.95 27.21
CA ALA D 309 24.15 -37.61 27.60
C ALA D 309 22.88 -37.28 26.81
N VAL D 310 21.77 -37.89 27.23
CA VAL D 310 20.48 -37.62 26.60
C VAL D 310 20.06 -36.15 26.76
N PRO D 311 20.13 -35.54 27.94
CA PRO D 311 19.71 -34.13 28.07
C PRO D 311 20.57 -33.16 27.28
N ALA D 312 21.66 -33.62 26.66
CA ALA D 312 22.42 -32.78 25.75
C ALA D 312 22.16 -33.10 24.29
N ARG D 313 21.89 -34.37 23.97
CA ARG D 313 21.60 -34.76 22.59
C ARG D 313 20.22 -34.32 22.14
N VAL D 314 19.21 -34.49 22.99
CA VAL D 314 17.83 -34.24 22.57
C VAL D 314 17.55 -32.74 22.39
N PRO D 315 17.82 -31.88 23.39
CA PRO D 315 17.56 -30.45 23.19
C PRO D 315 18.31 -29.85 22.02
N LEU D 316 19.54 -30.31 21.75
CA LEU D 316 20.29 -29.80 20.61
C LEU D 316 19.54 -30.06 19.30
N GLY D 317 19.06 -31.29 19.11
CA GLY D 317 18.33 -31.61 17.90
C GLY D 317 17.03 -30.84 17.76
N ILE D 318 16.26 -30.76 18.84
CA ILE D 318 14.97 -30.08 18.74
C ILE D 318 15.16 -28.58 18.51
N THR D 319 16.19 -27.98 19.14
CA THR D 319 16.44 -26.57 18.92
C THR D 319 16.99 -26.30 17.52
N THR D 320 17.77 -27.23 16.97
CA THR D 320 18.19 -27.10 15.58
C THR D 320 17.01 -27.11 14.64
N VAL D 321 16.03 -28.00 14.90
CA VAL D 321 14.83 -28.03 14.07
C VAL D 321 14.08 -26.71 14.18
N LEU D 322 13.95 -26.19 15.41
CA LEU D 322 13.26 -24.90 15.59
C LEU D 322 13.98 -23.77 14.85
N THR D 323 15.31 -23.75 14.93
CA THR D 323 16.06 -22.69 14.25
C THR D 323 15.91 -22.78 12.74
N MET D 324 15.94 -24.00 12.19
CA MET D 324 15.74 -24.16 10.75
C MET D 324 14.35 -23.70 10.34
N SER D 325 13.34 -24.04 11.15
CA SER D 325 11.98 -23.61 10.83
C SER D 325 11.86 -22.08 10.82
N THR D 326 12.47 -21.42 11.82
CA THR D 326 12.42 -19.96 11.86
C THR D 326 13.15 -19.35 10.66
N ILE D 327 14.29 -19.93 10.28
CA ILE D 327 15.03 -19.42 9.12
C ILE D 327 14.20 -19.56 7.86
N ILE D 328 13.54 -20.70 7.67
CA ILE D 328 12.72 -20.91 6.48
C ILE D 328 11.57 -19.92 6.45
N THR D 329 10.90 -19.72 7.59
CA THR D 329 9.79 -18.77 7.62
C THR D 329 10.25 -17.34 7.31
N GLY D 330 11.39 -16.91 7.86
CA GLY D 330 11.88 -15.56 7.57
C GLY D 330 12.26 -15.38 6.11
N VAL D 331 12.87 -16.40 5.51
CA VAL D 331 13.21 -16.33 4.10
C VAL D 331 11.95 -16.25 3.26
N ASN D 332 10.93 -17.05 3.60
CA ASN D 332 9.69 -16.98 2.83
C ASN D 332 9.03 -15.63 2.98
N ALA D 333 9.13 -15.03 4.16
CA ALA D 333 8.46 -13.75 4.41
C ALA D 333 9.09 -12.61 3.62
N SER D 334 10.33 -12.78 3.16
CA SER D 334 10.99 -11.68 2.46
C SER D 334 11.01 -11.84 0.93
N MET D 335 10.41 -12.89 0.39
CA MET D 335 10.36 -13.15 -1.05
C MET D 335 9.05 -12.66 -1.65
N PRO D 336 9.03 -12.38 -2.96
CA PRO D 336 7.77 -12.00 -3.62
C PRO D 336 6.74 -13.12 -3.52
N ARG D 337 5.48 -12.71 -3.39
CA ARG D 337 4.38 -13.66 -3.18
C ARG D 337 4.03 -14.32 -4.52
N VAL D 338 4.84 -15.31 -4.88
CA VAL D 338 4.64 -16.10 -6.08
C VAL D 338 4.31 -17.52 -5.64
N SER D 339 3.15 -18.02 -6.07
CA SER D 339 2.59 -19.26 -5.52
C SER D 339 2.90 -20.46 -6.42
N TYR D 340 4.18 -20.78 -6.55
CA TYR D 340 4.59 -22.08 -7.08
C TYR D 340 6.01 -22.37 -6.63
N ILE D 341 6.41 -23.62 -6.78
CA ILE D 341 7.66 -24.11 -6.21
C ILE D 341 8.84 -23.54 -6.97
N LYS D 342 9.84 -23.07 -6.23
CA LYS D 342 11.09 -22.55 -6.77
C LYS D 342 12.26 -23.36 -6.24
N ALA D 343 13.45 -23.09 -6.79
CA ALA D 343 14.63 -23.87 -6.42
C ALA D 343 15.00 -23.69 -4.95
N VAL D 344 14.88 -22.45 -4.45
CA VAL D 344 15.24 -22.16 -3.07
C VAL D 344 14.38 -22.97 -2.11
N ASP D 345 13.10 -23.14 -2.43
CA ASP D 345 12.23 -23.96 -1.61
C ASP D 345 12.71 -25.40 -1.55
N ILE D 346 13.13 -25.94 -2.69
CA ILE D 346 13.66 -27.30 -2.73
C ILE D 346 14.86 -27.42 -1.81
N TYR D 347 15.79 -26.47 -1.89
CA TYR D 347 16.98 -26.51 -1.05
C TYR D 347 16.60 -26.47 0.43
N LEU D 348 15.72 -25.55 0.81
CA LEU D 348 15.37 -25.38 2.22
C LEU D 348 14.66 -26.61 2.77
N TRP D 349 13.75 -27.21 1.99
CA TRP D 349 13.01 -28.36 2.52
C TRP D 349 13.88 -29.62 2.55
N VAL D 350 14.84 -29.76 1.63
CA VAL D 350 15.79 -30.85 1.76
C VAL D 350 16.62 -30.70 3.02
N SER D 351 17.03 -29.48 3.34
CA SER D 351 17.76 -29.24 4.59
C SER D 351 16.91 -29.60 5.80
N PHE D 352 15.63 -29.22 5.78
CA PHE D 352 14.73 -29.55 6.88
C PHE D 352 14.61 -31.06 7.05
N VAL D 353 14.50 -31.80 5.94
CA VAL D 353 14.43 -33.25 6.01
C VAL D 353 15.72 -33.83 6.60
N PHE D 354 16.87 -33.26 6.22
CA PHE D 354 18.14 -33.73 6.79
C PHE D 354 18.16 -33.57 8.31
N VAL D 355 17.71 -32.43 8.82
CA VAL D 355 17.71 -32.22 10.27
C VAL D 355 16.73 -33.19 10.95
N PHE D 356 15.59 -33.43 10.32
CA PHE D 356 14.63 -34.39 10.85
C PHE D 356 15.25 -35.79 10.98
N LEU D 357 15.95 -36.24 9.94
CA LEU D 357 16.61 -37.55 9.99
C LEU D 357 17.71 -37.58 11.05
N SER D 358 18.43 -36.47 11.23
CA SER D 358 19.45 -36.41 12.27
C SER D 358 18.84 -36.56 13.66
N VAL D 359 17.57 -36.17 13.84
CA VAL D 359 16.92 -36.41 15.13
C VAL D 359 16.46 -37.86 15.28
N LEU D 360 15.87 -38.42 14.21
CA LEU D 360 15.45 -39.82 14.26
C LEU D 360 16.61 -40.75 14.53
N GLU D 361 17.80 -40.41 14.03
CA GLU D 361 18.97 -41.27 14.21
C GLU D 361 19.31 -41.44 15.70
N TYR D 362 19.38 -40.33 16.44
CA TYR D 362 19.65 -40.45 17.87
C TYR D 362 18.50 -41.11 18.62
N ALA D 363 17.26 -40.90 18.18
CA ALA D 363 16.16 -41.62 18.80
C ALA D 363 16.37 -43.13 18.72
N ALA D 364 16.73 -43.62 17.53
CA ALA D 364 16.96 -45.05 17.33
C ALA D 364 18.15 -45.52 18.17
N VAL D 365 19.23 -44.73 18.21
CA VAL D 365 20.40 -45.13 18.99
C VAL D 365 20.05 -45.26 20.47
N ASN D 366 19.30 -44.29 21.00
CA ASN D 366 18.92 -44.33 22.40
C ASN D 366 18.04 -45.54 22.71
N TYR D 367 17.06 -45.82 21.84
CA TYR D 367 16.21 -46.98 22.08
C TYR D 367 17.01 -48.27 22.09
N LEU D 368 17.92 -48.43 21.12
CA LEU D 368 18.71 -49.65 21.06
C LEU D 368 19.61 -49.79 22.29
N THR D 369 20.21 -48.69 22.74
CA THR D 369 21.05 -48.74 23.93
C THR D 369 20.24 -49.17 25.16
N THR D 370 19.04 -48.60 25.32
CA THR D 370 18.21 -48.99 26.45
C THR D 370 17.84 -50.46 26.40
N VAL D 371 17.47 -50.95 25.21
CA VAL D 371 17.11 -52.36 25.06
C VAL D 371 18.28 -53.26 25.44
N GLN D 372 19.47 -52.94 24.94
CA GLN D 372 20.64 -53.77 25.22
C GLN D 372 20.96 -53.79 26.72
N GLU D 373 20.91 -52.61 27.37
CA GLU D 373 21.21 -52.57 28.80
C GLU D 373 20.20 -53.38 29.60
N ARG D 374 18.91 -53.25 29.26
CA ARG D 374 17.90 -54.01 29.98
C ARG D 374 18.08 -55.51 29.79
N LYS D 375 18.41 -55.94 28.57
CA LYS D 375 18.63 -57.36 28.33
C LYS D 375 19.83 -57.88 29.13
N GLU D 376 20.91 -57.09 29.18
CA GLU D 376 22.09 -57.52 29.93
C GLU D 376 21.77 -57.63 31.41
N GLN D 377 21.03 -56.66 31.97
CA GLN D 377 20.66 -56.74 33.38
C GLN D 377 19.78 -57.95 33.66
N LYS D 378 18.81 -58.21 32.78
CA LYS D 378 17.94 -59.37 32.96
C LYS D 378 18.74 -60.67 32.92
N LEU D 379 19.70 -60.76 32.01
CA LEU D 379 20.53 -61.96 31.92
C LEU D 379 21.37 -62.15 33.19
N ARG D 380 21.94 -61.07 33.72
CA ARG D 380 22.73 -61.16 34.94
C ARG D 380 21.85 -61.53 36.13
N ASP D 451 31.93 -47.52 24.63
CA ASP D 451 32.23 -47.61 23.21
C ASP D 451 31.24 -46.78 22.40
N THR D 452 31.49 -46.68 21.10
CA THR D 452 30.66 -45.89 20.19
C THR D 452 29.72 -46.81 19.43
N HIS D 453 28.45 -46.40 19.35
CA HIS D 453 27.46 -47.18 18.62
C HIS D 453 27.78 -47.19 17.13
N ALA D 454 27.51 -48.32 16.48
CA ALA D 454 27.82 -48.45 15.05
C ALA D 454 27.01 -47.48 14.21
N ILE D 455 25.80 -47.14 14.63
CA ILE D 455 24.96 -46.22 13.88
C ILE D 455 25.62 -44.85 13.78
N ASP D 456 26.20 -44.37 14.89
CA ASP D 456 26.92 -43.10 14.85
C ASP D 456 28.11 -43.16 13.91
N LYS D 457 28.86 -44.27 13.96
CA LYS D 457 30.03 -44.42 13.09
C LYS D 457 29.64 -44.36 11.62
N TYR D 458 28.55 -45.02 11.26
CA TYR D 458 28.13 -44.99 9.85
C TYR D 458 27.51 -43.65 9.48
N SER D 459 26.78 -43.02 10.41
CA SER D 459 26.14 -41.74 10.12
C SER D 459 27.17 -40.65 9.86
N ARG D 460 28.25 -40.63 10.64
CA ARG D 460 29.29 -39.62 10.49
C ARG D 460 29.84 -39.57 9.06
N ILE D 461 29.82 -40.70 8.36
CA ILE D 461 30.27 -40.74 6.97
C ILE D 461 29.12 -40.54 6.00
N ILE D 462 27.96 -41.15 6.29
CA ILE D 462 26.87 -41.16 5.31
C ILE D 462 26.25 -39.78 5.15
N PHE D 463 26.00 -39.07 6.25
CA PHE D 463 25.29 -37.80 6.13
C PHE D 463 26.05 -36.76 5.32
N PRO D 464 27.32 -36.45 5.60
CA PRO D 464 28.03 -35.48 4.75
C PRO D 464 28.14 -35.91 3.30
N ALA D 465 28.33 -37.21 3.03
CA ALA D 465 28.43 -37.68 1.66
C ALA D 465 27.11 -37.48 0.92
N ALA D 466 25.99 -37.80 1.58
CA ALA D 466 24.69 -37.60 0.96
C ALA D 466 24.43 -36.14 0.68
N TYR D 467 24.79 -35.25 1.64
CA TYR D 467 24.56 -33.83 1.40
C TYR D 467 25.42 -33.30 0.27
N ILE D 468 26.68 -33.74 0.18
CA ILE D 468 27.54 -33.30 -0.91
C ILE D 468 27.01 -33.79 -2.25
N LEU D 469 26.54 -35.04 -2.31
CA LEU D 469 25.96 -35.55 -3.55
C LEU D 469 24.73 -34.76 -3.96
N PHE D 470 23.86 -34.45 -2.99
CA PHE D 470 22.69 -33.65 -3.29
C PHE D 470 23.07 -32.28 -3.82
N ASN D 471 24.07 -31.63 -3.21
CA ASN D 471 24.49 -30.32 -3.69
C ASN D 471 25.05 -30.40 -5.09
N LEU D 472 25.83 -31.44 -5.39
CA LEU D 472 26.36 -31.60 -6.74
C LEU D 472 25.24 -31.73 -7.76
N ILE D 473 24.26 -32.59 -7.47
CA ILE D 473 23.16 -32.79 -8.42
C ILE D 473 22.35 -31.50 -8.58
N TYR D 474 22.07 -30.82 -7.47
CA TYR D 474 21.25 -29.61 -7.52
C TYR D 474 21.94 -28.51 -8.32
N TRP D 475 23.23 -28.30 -8.09
CA TRP D 475 23.94 -27.24 -8.78
C TRP D 475 24.32 -27.62 -10.21
N SER D 476 24.27 -28.92 -10.54
CA SER D 476 24.37 -29.28 -11.96
C SER D 476 23.06 -29.03 -12.68
N ILE D 477 21.93 -29.27 -12.01
CA ILE D 477 20.64 -29.05 -12.65
C ILE D 477 20.36 -27.56 -12.82
N PHE D 478 20.61 -26.77 -11.78
CA PHE D 478 20.31 -25.35 -11.79
C PHE D 478 21.52 -24.48 -12.13
N SER D 479 22.63 -25.09 -12.53
CA SER D 479 23.84 -24.38 -12.95
C SER D 479 24.38 -23.46 -11.85
N LYS E 74 -14.45 18.56 -48.19
CA LYS E 74 -14.50 18.05 -46.83
C LYS E 74 -15.21 16.70 -46.78
N SER E 75 -14.60 15.75 -46.07
CA SER E 75 -15.17 14.40 -46.00
C SER E 75 -16.50 14.37 -45.26
N GLU E 76 -16.67 15.25 -44.27
CA GLU E 76 -17.91 15.28 -43.50
C GLU E 76 -19.07 15.88 -44.30
N GLN E 77 -18.81 16.51 -45.43
CA GLN E 77 -19.88 17.03 -46.28
C GLN E 77 -20.45 15.96 -47.21
N LEU E 78 -19.76 14.82 -47.37
CA LEU E 78 -20.34 13.71 -48.10
C LEU E 78 -21.47 13.06 -47.32
N LEU E 79 -21.36 13.04 -45.99
CA LEU E 79 -22.42 12.55 -45.12
C LEU E 79 -23.27 13.73 -44.70
N ARG E 80 -24.57 13.67 -45.01
CA ARG E 80 -25.47 14.79 -44.74
C ARG E 80 -25.74 14.83 -43.23
N ILE E 81 -24.75 15.34 -42.50
CA ILE E 81 -24.87 15.41 -41.04
C ILE E 81 -25.96 16.39 -40.63
N ASP E 82 -26.02 17.55 -41.27
CA ASP E 82 -26.98 18.57 -40.89
C ASP E 82 -28.38 18.33 -41.42
N ASP E 83 -28.56 17.32 -42.28
CA ASP E 83 -29.87 17.02 -42.86
C ASP E 83 -30.62 15.93 -42.09
N HIS E 84 -30.06 15.42 -41.00
CA HIS E 84 -30.69 14.36 -40.25
C HIS E 84 -30.53 14.62 -38.76
N ASP E 85 -31.46 14.06 -37.98
CA ASP E 85 -31.43 14.17 -36.53
C ASP E 85 -30.71 12.94 -35.97
N PHE E 86 -29.55 13.16 -35.34
CA PHE E 86 -28.74 12.08 -34.80
C PHE E 86 -28.95 11.87 -33.31
N SER E 87 -30.02 12.42 -32.75
CA SER E 87 -30.38 12.15 -31.36
C SER E 87 -31.27 10.92 -31.21
N MET E 88 -31.75 10.35 -32.31
CA MET E 88 -32.61 9.17 -32.28
C MET E 88 -31.91 7.99 -32.94
N ARG E 89 -32.32 6.80 -32.54
CA ARG E 89 -31.74 5.58 -33.09
C ARG E 89 -32.22 5.36 -34.52
N PRO E 90 -31.45 4.63 -35.33
CA PRO E 90 -31.91 4.29 -36.68
C PRO E 90 -33.18 3.46 -36.62
N GLY E 91 -34.08 3.70 -37.57
CA GLY E 91 -35.34 2.98 -37.57
C GLY E 91 -36.27 3.37 -36.44
N PHE E 92 -36.20 4.61 -35.98
CA PHE E 92 -37.05 5.06 -34.88
C PHE E 92 -38.53 4.89 -35.24
N GLY E 93 -39.29 4.33 -34.30
CA GLY E 93 -40.69 4.08 -34.50
C GLY E 93 -41.01 2.74 -35.13
N GLY E 94 -40.01 1.96 -35.51
CA GLY E 94 -40.23 0.68 -36.13
C GLY E 94 -39.61 -0.46 -35.34
N PRO E 95 -39.22 -1.53 -36.05
CA PRO E 95 -38.58 -2.66 -35.36
C PRO E 95 -37.23 -2.26 -34.79
N ALA E 96 -36.83 -2.97 -33.74
CA ALA E 96 -35.56 -2.72 -33.09
C ALA E 96 -34.40 -3.06 -34.03
N ILE E 97 -33.30 -2.31 -33.89
CA ILE E 97 -32.11 -2.51 -34.71
C ILE E 97 -31.19 -3.53 -34.07
N PRO E 98 -30.73 -4.55 -34.79
CA PRO E 98 -29.77 -5.48 -34.22
C PRO E 98 -28.38 -4.88 -34.12
N VAL E 99 -27.70 -5.17 -33.01
CA VAL E 99 -26.34 -4.72 -32.78
C VAL E 99 -25.50 -5.92 -32.36
N GLY E 100 -24.42 -6.17 -33.10
CA GLY E 100 -23.52 -7.27 -32.79
C GLY E 100 -22.28 -6.80 -32.05
N VAL E 101 -21.77 -7.67 -31.18
CA VAL E 101 -20.65 -7.33 -30.31
C VAL E 101 -19.58 -8.41 -30.44
N ASP E 102 -18.34 -7.98 -30.63
CA ASP E 102 -17.17 -8.86 -30.64
C ASP E 102 -16.17 -8.37 -29.61
N VAL E 103 -15.59 -9.30 -28.86
CA VAL E 103 -14.69 -8.98 -27.75
C VAL E 103 -13.40 -9.76 -27.93
N GLN E 104 -12.27 -9.09 -27.80
CA GLN E 104 -10.96 -9.72 -27.75
C GLN E 104 -10.28 -9.34 -26.45
N VAL E 105 -9.92 -10.35 -25.66
CA VAL E 105 -9.31 -10.13 -24.36
C VAL E 105 -7.80 -10.00 -24.56
N GLU E 106 -7.24 -8.88 -24.12
CA GLU E 106 -5.82 -8.61 -24.31
C GLU E 106 -4.98 -9.17 -23.16
N SER E 107 -5.38 -8.88 -21.92
CA SER E 107 -4.65 -9.38 -20.77
C SER E 107 -5.51 -9.24 -19.52
N LEU E 108 -5.12 -9.97 -18.49
CA LEU E 108 -5.68 -9.83 -17.14
C LEU E 108 -4.63 -9.16 -16.27
N ASP E 109 -4.97 -8.00 -15.72
CA ASP E 109 -3.95 -7.18 -15.06
C ASP E 109 -3.64 -7.68 -13.65
N SER E 110 -4.67 -7.88 -12.84
CA SER E 110 -4.46 -8.30 -11.46
C SER E 110 -5.78 -8.80 -10.89
N ILE E 111 -5.69 -9.49 -9.76
CA ILE E 111 -6.85 -10.01 -9.05
C ILE E 111 -6.65 -9.77 -7.56
N SER E 112 -7.71 -9.31 -6.88
CA SER E 112 -7.66 -8.99 -5.46
C SER E 112 -8.62 -9.90 -4.72
N GLU E 113 -8.08 -10.75 -3.83
CA GLU E 113 -8.92 -11.67 -3.07
C GLU E 113 -9.65 -10.98 -1.94
N VAL E 114 -9.03 -9.98 -1.31
CA VAL E 114 -9.65 -9.29 -0.18
C VAL E 114 -10.85 -8.49 -0.64
N ASP E 115 -10.70 -7.72 -1.73
CA ASP E 115 -11.78 -6.91 -2.25
C ASP E 115 -12.64 -7.63 -3.28
N MET E 116 -12.24 -8.83 -3.69
CA MET E 116 -13.04 -9.68 -4.58
C MET E 116 -13.35 -8.99 -5.90
N ASP E 117 -12.29 -8.71 -6.66
CA ASP E 117 -12.42 -8.09 -7.97
C ASP E 117 -11.23 -8.48 -8.84
N PHE E 118 -11.36 -8.24 -10.13
CA PHE E 118 -10.30 -8.50 -11.09
C PHE E 118 -10.30 -7.39 -12.15
N THR E 119 -9.15 -7.23 -12.80
CA THR E 119 -8.97 -6.20 -13.81
C THR E 119 -8.65 -6.84 -15.15
N MET E 120 -9.33 -6.38 -16.20
CA MET E 120 -9.18 -6.93 -17.55
C MET E 120 -9.04 -5.79 -18.56
N THR E 121 -8.22 -6.03 -19.58
CA THR E 121 -8.09 -5.11 -20.71
C THR E 121 -8.55 -5.83 -21.97
N LEU E 122 -9.38 -5.16 -22.76
CA LEU E 122 -10.04 -5.82 -23.88
C LEU E 122 -10.35 -4.83 -24.98
N TYR E 123 -10.65 -5.38 -26.16
CA TYR E 123 -11.14 -4.62 -27.30
C TYR E 123 -12.63 -4.88 -27.47
N LEU E 124 -13.41 -3.81 -27.61
CA LEU E 124 -14.85 -3.92 -27.77
C LEU E 124 -15.24 -3.39 -29.15
N ARG E 125 -15.99 -4.18 -29.90
CA ARG E 125 -16.40 -3.82 -31.26
C ARG E 125 -17.91 -3.94 -31.41
N HIS E 126 -18.51 -3.00 -32.14
CA HIS E 126 -19.94 -2.96 -32.38
C HIS E 126 -20.20 -2.91 -33.88
N TYR E 127 -21.27 -3.58 -34.31
CA TYR E 127 -21.65 -3.61 -35.72
C TYR E 127 -23.13 -3.27 -35.84
N TRP E 128 -23.44 -2.30 -36.70
CA TRP E 128 -24.83 -1.94 -36.98
C TRP E 128 -24.88 -1.22 -38.32
N LYS E 129 -26.09 -1.08 -38.84
CA LYS E 129 -26.31 -0.46 -40.14
C LYS E 129 -27.18 0.77 -39.98
N ASP E 130 -26.81 1.83 -40.70
CA ASP E 130 -27.55 3.09 -40.67
C ASP E 130 -27.62 3.64 -42.09
N GLU E 131 -28.83 3.72 -42.64
CA GLU E 131 -28.99 4.23 -44.00
C GLU E 131 -28.69 5.72 -44.11
N ARG E 132 -28.72 6.45 -43.00
CA ARG E 132 -28.48 7.88 -43.05
C ARG E 132 -27.02 8.23 -43.34
N LEU E 133 -26.11 7.27 -43.21
CA LEU E 133 -24.69 7.49 -43.45
C LEU E 133 -24.25 7.04 -44.83
N SER E 134 -25.17 6.58 -45.68
CA SER E 134 -24.80 6.15 -47.02
C SER E 134 -24.35 7.34 -47.86
N PHE E 135 -23.29 7.15 -48.63
CA PHE E 135 -22.75 8.20 -49.47
C PHE E 135 -22.44 7.65 -50.85
N PRO E 136 -22.63 8.43 -51.90
CA PRO E 136 -22.33 7.94 -53.25
C PRO E 136 -20.83 7.80 -53.47
N SER E 137 -20.48 6.85 -54.33
CA SER E 137 -19.07 6.61 -54.66
C SER E 137 -19.01 5.90 -56.01
N THR E 138 -17.86 6.07 -56.67
CA THR E 138 -17.59 5.39 -57.93
C THR E 138 -16.84 4.08 -57.75
N ASN E 139 -16.61 3.67 -56.50
CA ASN E 139 -15.92 2.43 -56.18
C ASN E 139 -16.45 1.92 -54.86
N ASN E 140 -15.74 0.97 -54.25
CA ASN E 140 -16.17 0.33 -53.01
C ASN E 140 -15.20 0.60 -51.86
N LEU E 141 -14.63 1.80 -51.82
CA LEU E 141 -13.73 2.18 -50.74
C LEU E 141 -14.51 2.78 -49.57
N SER E 142 -14.01 2.56 -48.36
CA SER E 142 -14.64 3.04 -47.15
C SER E 142 -13.86 4.21 -46.57
N MET E 143 -14.51 4.94 -45.67
CA MET E 143 -13.92 6.10 -45.00
C MET E 143 -13.73 5.80 -43.52
N THR E 144 -12.57 6.17 -42.99
CA THR E 144 -12.22 5.93 -41.60
C THR E 144 -12.18 7.25 -40.84
N PHE E 145 -12.86 7.30 -39.70
CA PHE E 145 -12.93 8.49 -38.87
C PHE E 145 -12.48 8.16 -37.46
N ASP E 146 -11.96 9.17 -36.77
CA ASP E 146 -11.46 9.01 -35.41
C ASP E 146 -12.57 9.32 -34.41
N GLY E 147 -12.19 9.50 -33.14
CA GLY E 147 -13.16 9.72 -32.08
C GLY E 147 -13.92 11.04 -32.17
N ARG E 148 -13.45 11.98 -33.00
CA ARG E 148 -14.12 13.27 -33.09
C ARG E 148 -15.48 13.19 -33.77
N LEU E 149 -15.73 12.15 -34.58
CA LEU E 149 -17.02 12.00 -35.24
C LEU E 149 -18.06 11.33 -34.35
N VAL E 150 -17.66 10.79 -33.20
CA VAL E 150 -18.61 10.11 -32.32
C VAL E 150 -19.68 11.07 -31.82
N LYS E 151 -19.27 12.29 -31.46
CA LYS E 151 -20.20 13.28 -30.91
C LYS E 151 -21.20 13.78 -31.94
N LYS E 152 -21.00 13.51 -33.23
CA LYS E 152 -21.90 13.99 -34.26
C LYS E 152 -22.86 12.93 -34.77
N ILE E 153 -22.70 11.67 -34.38
CA ILE E 153 -23.54 10.58 -34.83
C ILE E 153 -24.04 9.80 -33.62
N TRP E 154 -24.93 8.84 -33.90
CA TRP E 154 -25.48 7.97 -32.86
C TRP E 154 -24.63 6.71 -32.71
N VAL E 155 -24.27 6.39 -31.47
CA VAL E 155 -23.50 5.18 -31.20
C VAL E 155 -24.13 4.43 -30.02
N PRO E 156 -24.01 3.10 -29.97
CA PRO E 156 -24.60 2.34 -28.86
C PRO E 156 -23.98 2.70 -27.52
N ASP E 157 -24.82 2.71 -26.49
CA ASP E 157 -24.40 3.10 -25.14
C ASP E 157 -24.23 1.85 -24.26
N MET E 158 -23.23 1.05 -24.60
CA MET E 158 -22.90 -0.13 -23.81
C MET E 158 -22.17 0.26 -22.53
N PHE E 159 -22.41 -0.49 -21.47
CA PHE E 159 -21.69 -0.30 -20.22
C PHE E 159 -21.52 -1.64 -19.54
N PHE E 160 -20.55 -1.70 -18.63
CA PHE E 160 -20.20 -2.95 -17.95
C PHE E 160 -20.96 -3.04 -16.63
N VAL E 161 -21.69 -4.14 -16.44
CA VAL E 161 -22.51 -4.32 -15.27
C VAL E 161 -21.64 -4.83 -14.12
N HIS E 162 -21.96 -4.37 -12.90
CA HIS E 162 -21.24 -4.78 -11.69
C HIS E 162 -19.74 -4.46 -11.78
N SER E 163 -19.42 -3.31 -12.35
CA SER E 163 -18.05 -2.83 -12.40
C SER E 163 -17.82 -1.78 -11.33
N LYS E 164 -16.55 -1.59 -10.97
CA LYS E 164 -16.16 -0.61 -9.96
C LYS E 164 -15.50 0.62 -10.55
N ARG E 165 -14.66 0.44 -11.57
CA ARG E 165 -14.01 1.57 -12.23
C ARG E 165 -13.53 1.12 -13.60
N SER E 166 -13.50 2.07 -14.54
CA SER E 166 -13.08 1.77 -15.90
C SER E 166 -12.67 3.07 -16.59
N PHE E 167 -11.85 2.93 -17.63
CA PHE E 167 -11.41 4.07 -18.40
C PHE E 167 -11.04 3.62 -19.81
N ILE E 168 -10.97 4.59 -20.72
CA ILE E 168 -10.59 4.38 -22.11
C ILE E 168 -9.22 5.03 -22.32
N HIS E 169 -8.29 4.26 -22.88
CA HIS E 169 -6.93 4.75 -23.08
C HIS E 169 -6.91 5.90 -24.09
N ASP E 170 -6.06 6.89 -23.84
CA ASP E 170 -6.01 8.10 -24.66
C ASP E 170 -4.59 8.52 -24.98
N THR E 171 -3.68 7.56 -25.16
CA THR E 171 -2.30 7.85 -25.51
C THR E 171 -1.94 7.11 -26.81
N THR E 172 -1.45 7.86 -27.80
CA THR E 172 -1.22 9.29 -27.72
C THR E 172 -2.49 10.10 -28.02
N THR E 173 -3.53 9.38 -28.44
CA THR E 173 -4.85 9.97 -28.65
C THR E 173 -5.89 8.94 -28.27
N ASP E 174 -7.16 9.33 -28.34
CA ASP E 174 -8.24 8.42 -27.98
C ASP E 174 -8.22 7.19 -28.87
N ASN E 175 -8.29 6.01 -28.24
CA ASN E 175 -8.26 4.74 -28.96
C ASN E 175 -9.68 4.36 -29.42
N VAL E 176 -10.22 5.19 -30.31
CA VAL E 176 -11.54 5.01 -30.86
C VAL E 176 -11.44 5.06 -32.38
N MET E 177 -12.07 4.10 -33.05
CA MET E 177 -12.03 4.01 -34.50
C MET E 177 -13.42 3.83 -35.04
N LEU E 178 -13.71 4.49 -36.17
CA LEU E 178 -15.00 4.37 -36.85
C LEU E 178 -14.75 4.12 -38.33
N ARG E 179 -15.40 3.09 -38.88
CA ARG E 179 -15.30 2.77 -40.29
C ARG E 179 -16.71 2.70 -40.87
N VAL E 180 -16.95 3.44 -41.95
CA VAL E 180 -18.27 3.53 -42.54
C VAL E 180 -18.21 2.98 -43.96
N GLN E 181 -19.06 2.01 -44.26
CA GLN E 181 -19.17 1.45 -45.60
C GLN E 181 -20.08 2.31 -46.46
N PRO E 182 -19.94 2.24 -47.79
CA PRO E 182 -20.81 3.04 -48.67
C PRO E 182 -22.29 2.75 -48.48
N ASP E 183 -22.66 1.53 -48.12
CA ASP E 183 -24.06 1.17 -47.94
C ASP E 183 -24.59 1.46 -46.55
N GLY E 184 -23.76 2.03 -45.66
CA GLY E 184 -24.20 2.45 -44.36
C GLY E 184 -23.80 1.56 -43.20
N LYS E 185 -23.04 0.49 -43.45
CA LYS E 185 -22.57 -0.36 -42.37
C LYS E 185 -21.48 0.35 -41.58
N VAL E 186 -21.58 0.28 -40.25
CA VAL E 186 -20.70 1.02 -39.35
C VAL E 186 -20.01 0.06 -38.41
N LEU E 187 -18.69 0.22 -38.26
CA LEU E 187 -17.90 -0.52 -37.29
C LEU E 187 -17.34 0.46 -36.27
N TYR E 188 -17.57 0.18 -34.99
CA TYR E 188 -17.17 1.07 -33.90
C TYR E 188 -16.36 0.27 -32.90
N SER E 189 -15.08 0.60 -32.77
CA SER E 189 -14.15 -0.16 -31.96
C SER E 189 -13.41 0.75 -30.99
N LEU E 190 -13.22 0.27 -29.75
CA LEU E 190 -12.52 1.04 -28.74
C LEU E 190 -11.81 0.08 -27.79
N ARG E 191 -10.75 0.59 -27.16
CA ARG E 191 -9.92 -0.18 -26.24
C ARG E 191 -10.15 0.33 -24.82
N VAL E 192 -10.52 -0.57 -23.92
CA VAL E 192 -10.99 -0.19 -22.59
C VAL E 192 -10.40 -1.11 -21.54
N THR E 193 -10.22 -0.57 -20.33
CA THR E 193 -9.80 -1.34 -19.16
C THR E 193 -10.89 -1.22 -18.10
N VAL E 194 -11.28 -2.36 -17.53
CA VAL E 194 -12.43 -2.42 -16.63
C VAL E 194 -12.09 -3.27 -15.40
N THR E 195 -12.54 -2.82 -14.24
CA THR E 195 -12.43 -3.57 -12.99
C THR E 195 -13.83 -4.00 -12.57
N ALA E 196 -14.03 -5.30 -12.38
CA ALA E 196 -15.35 -5.85 -12.10
C ALA E 196 -15.30 -6.71 -10.84
N MET E 197 -16.43 -6.79 -10.15
CA MET E 197 -16.54 -7.57 -8.93
C MET E 197 -16.72 -9.06 -9.26
N CYS E 198 -16.31 -9.89 -8.31
CA CYS E 198 -16.47 -11.35 -8.45
C CYS E 198 -16.50 -11.94 -7.05
N ASN E 199 -17.66 -12.40 -6.63
CA ASN E 199 -17.79 -13.02 -5.31
C ASN E 199 -17.02 -14.35 -5.27
N MET E 200 -16.30 -14.56 -4.16
CA MET E 200 -15.46 -15.74 -4.01
C MET E 200 -15.77 -16.43 -2.69
N ASP E 201 -15.52 -17.73 -2.65
CA ASP E 201 -15.72 -18.54 -1.46
C ASP E 201 -14.42 -19.26 -1.14
N PHE E 202 -13.88 -19.02 0.05
CA PHE E 202 -12.60 -19.58 0.46
C PHE E 202 -12.75 -20.68 1.51
N SER E 203 -13.94 -21.30 1.60
CA SER E 203 -14.15 -22.34 2.59
C SER E 203 -13.24 -23.54 2.34
N ARG E 204 -13.05 -23.91 1.08
CA ARG E 204 -12.24 -25.06 0.72
C ARG E 204 -10.81 -24.68 0.36
N PHE E 205 -10.36 -23.49 0.76
CA PHE E 205 -9.00 -23.07 0.51
C PHE E 205 -8.02 -24.06 1.14
N PRO E 206 -6.93 -24.41 0.46
CA PRO E 206 -6.51 -23.95 -0.87
C PRO E 206 -6.99 -24.82 -2.04
N LEU E 207 -7.99 -25.67 -1.83
CA LEU E 207 -8.53 -26.51 -2.89
C LEU E 207 -9.80 -25.91 -3.51
N ASP E 208 -9.95 -24.59 -3.41
CA ASP E 208 -11.16 -23.92 -3.90
C ASP E 208 -11.06 -23.62 -5.39
N THR E 209 -12.22 -23.51 -6.03
CA THR E 209 -12.36 -23.17 -7.44
C THR E 209 -13.29 -21.98 -7.54
N GLN E 210 -12.88 -20.96 -8.29
CA GLN E 210 -13.63 -19.72 -8.42
C GLN E 210 -13.97 -19.45 -9.87
N THR E 211 -15.21 -19.05 -10.12
CA THR E 211 -15.70 -18.72 -11.45
C THR E 211 -16.12 -17.26 -11.47
N CYS E 212 -15.48 -16.47 -12.33
CA CYS E 212 -15.76 -15.04 -12.48
C CYS E 212 -16.30 -14.78 -13.89
N SER E 213 -17.09 -13.72 -14.00
CA SER E 213 -17.71 -13.36 -15.27
C SER E 213 -17.66 -11.86 -15.47
N LEU E 214 -17.80 -11.46 -16.74
CA LEU E 214 -17.86 -10.07 -17.15
C LEU E 214 -19.13 -9.85 -17.95
N GLU E 215 -19.87 -8.79 -17.63
CA GLU E 215 -21.21 -8.57 -18.16
C GLU E 215 -21.27 -7.26 -18.93
N ILE E 216 -21.96 -7.30 -20.07
CA ILE E 216 -22.13 -6.14 -20.94
C ILE E 216 -23.61 -5.96 -21.22
N GLU E 217 -24.10 -4.73 -21.08
CA GLU E 217 -25.51 -4.45 -21.24
C GLU E 217 -25.70 -3.03 -21.74
N SER E 218 -26.77 -2.81 -22.50
CA SER E 218 -27.15 -1.47 -22.90
C SER E 218 -27.74 -0.70 -21.72
N TYR E 219 -27.45 0.60 -21.66
CA TYR E 219 -27.85 1.38 -20.50
C TYR E 219 -29.28 1.89 -20.63
N ALA E 220 -29.62 2.53 -21.74
CA ALA E 220 -30.88 3.26 -21.87
C ALA E 220 -31.87 2.65 -22.85
N TYR E 221 -31.48 1.60 -23.58
CA TYR E 221 -32.33 1.02 -24.61
C TYR E 221 -32.73 -0.40 -24.22
N THR E 222 -34.03 -0.67 -24.23
CA THR E 222 -34.56 -1.98 -23.90
C THR E 222 -34.55 -2.88 -25.13
N GLU E 223 -35.05 -4.10 -24.95
CA GLU E 223 -35.07 -5.07 -26.05
C GLU E 223 -36.03 -4.65 -27.17
N ASP E 224 -36.99 -3.76 -26.88
CA ASP E 224 -37.91 -3.29 -27.90
C ASP E 224 -37.26 -2.28 -28.84
N ASP E 225 -36.18 -1.63 -28.44
CA ASP E 225 -35.50 -0.64 -29.26
C ASP E 225 -34.12 -1.08 -29.73
N LEU E 226 -33.39 -1.86 -28.95
CA LEU E 226 -32.05 -2.29 -29.31
C LEU E 226 -31.91 -3.76 -28.97
N MET E 227 -31.54 -4.57 -29.96
CA MET E 227 -31.39 -6.01 -29.80
C MET E 227 -29.89 -6.32 -29.83
N LEU E 228 -29.37 -6.81 -28.70
CA LEU E 228 -27.95 -7.06 -28.52
C LEU E 228 -27.66 -8.55 -28.60
N TYR E 229 -26.61 -8.91 -29.33
CA TYR E 229 -26.28 -10.32 -29.51
C TYR E 229 -24.81 -10.45 -29.88
N TRP E 230 -24.29 -11.67 -29.73
CA TRP E 230 -22.96 -12.00 -30.22
C TRP E 230 -22.99 -12.18 -31.72
N LYS E 231 -22.09 -11.50 -32.42
CA LYS E 231 -22.17 -11.46 -33.89
C LYS E 231 -21.97 -12.84 -34.49
N LYS E 232 -21.02 -13.63 -33.98
CA LYS E 232 -20.70 -14.93 -34.54
C LYS E 232 -20.84 -16.05 -33.51
N GLY E 233 -21.80 -15.91 -32.59
CA GLY E 233 -22.01 -16.95 -31.60
C GLY E 233 -20.82 -17.09 -30.68
N ASN E 234 -20.34 -18.33 -30.52
CA ASN E 234 -19.22 -18.60 -29.62
C ASN E 234 -17.86 -18.24 -30.21
N ASP E 235 -17.82 -17.90 -31.50
CA ASP E 235 -16.57 -17.48 -32.14
C ASP E 235 -16.28 -16.00 -31.96
N SER E 236 -17.16 -15.26 -31.28
CA SER E 236 -17.01 -13.83 -31.11
C SER E 236 -16.07 -13.45 -29.98
N LEU E 237 -15.56 -14.41 -29.22
CA LEU E 237 -14.62 -14.16 -28.14
C LEU E 237 -13.26 -14.72 -28.51
N LYS E 238 -12.24 -13.87 -28.48
CA LYS E 238 -10.86 -14.26 -28.73
C LYS E 238 -10.00 -13.86 -27.54
N THR E 239 -9.03 -14.70 -27.20
CA THR E 239 -8.14 -14.45 -26.07
C THR E 239 -6.69 -14.51 -26.52
N ASP E 240 -5.86 -13.74 -25.84
CA ASP E 240 -4.44 -13.72 -26.14
C ASP E 240 -3.80 -15.06 -25.80
N GLU E 241 -2.75 -15.41 -26.55
CA GLU E 241 -2.07 -16.68 -26.32
C GLU E 241 -1.27 -16.68 -25.02
N ARG E 242 -0.84 -15.51 -24.55
CA ARG E 242 0.04 -15.40 -23.39
C ARG E 242 -0.65 -14.79 -22.18
N ILE E 243 -1.97 -14.95 -22.07
CA ILE E 243 -2.69 -14.49 -20.90
C ILE E 243 -2.44 -15.44 -19.75
N SER E 244 -2.05 -14.90 -18.59
CA SER E 244 -1.72 -15.72 -17.44
C SER E 244 -1.82 -14.88 -16.17
N LEU E 245 -1.86 -15.57 -15.04
CA LEU E 245 -1.86 -14.95 -13.73
C LEU E 245 -0.73 -15.54 -12.89
N SER E 246 -0.22 -14.74 -11.96
CA SER E 246 0.93 -15.17 -11.17
C SER E 246 0.59 -16.37 -10.30
N GLN E 247 -0.54 -16.30 -9.59
CA GLN E 247 -0.90 -17.34 -8.62
C GLN E 247 -2.18 -18.09 -8.99
N PHE E 248 -2.68 -17.93 -10.22
CA PHE E 248 -3.91 -18.59 -10.64
C PHE E 248 -3.73 -19.20 -12.03
N LEU E 249 -4.56 -20.19 -12.31
CA LEU E 249 -4.65 -20.82 -13.63
C LEU E 249 -5.99 -20.47 -14.25
N ILE E 250 -5.95 -20.00 -15.50
CA ILE E 250 -7.14 -19.49 -16.18
C ILE E 250 -7.53 -20.49 -17.27
N GLN E 251 -8.81 -20.82 -17.34
CA GLN E 251 -9.28 -21.83 -18.28
C GLN E 251 -10.78 -21.67 -18.51
N GLU E 252 -11.26 -22.36 -19.54
CA GLU E 252 -12.70 -22.49 -19.83
C GLU E 252 -13.35 -21.12 -20.06
N PHE E 253 -12.91 -20.46 -21.13
CA PHE E 253 -13.51 -19.23 -21.61
C PHE E 253 -14.69 -19.57 -22.52
N HIS E 254 -15.86 -19.01 -22.22
CA HIS E 254 -17.02 -19.20 -23.06
C HIS E 254 -18.00 -18.05 -22.84
N THR E 255 -18.94 -17.92 -23.76
CA THR E 255 -19.88 -16.80 -23.78
C THR E 255 -21.31 -17.30 -23.65
N THR E 256 -22.11 -16.56 -22.88
CA THR E 256 -23.53 -16.86 -22.69
C THR E 256 -24.33 -15.57 -22.68
N THR E 257 -25.65 -15.70 -22.85
CA THR E 257 -26.56 -14.58 -22.83
C THR E 257 -27.73 -14.87 -21.89
N LYS E 258 -28.32 -13.81 -21.35
CA LYS E 258 -29.46 -13.95 -20.46
C LYS E 258 -30.23 -12.64 -20.44
N LEU E 259 -31.56 -12.74 -20.37
CA LEU E 259 -32.43 -11.57 -20.30
C LEU E 259 -32.59 -11.12 -18.85
N ALA E 260 -32.46 -9.81 -18.64
CA ALA E 260 -32.61 -9.21 -17.32
C ALA E 260 -33.79 -8.25 -17.32
N PHE E 261 -34.49 -8.18 -16.20
CA PHE E 261 -35.68 -7.36 -16.07
C PHE E 261 -35.44 -6.26 -15.04
N TYR E 262 -35.83 -5.04 -15.39
CA TYR E 262 -35.83 -3.90 -14.47
C TYR E 262 -37.25 -3.35 -14.40
N SER E 263 -37.77 -3.22 -13.16
CA SER E 263 -39.14 -2.76 -12.99
C SER E 263 -39.32 -1.33 -13.47
N SER E 264 -38.26 -0.53 -13.49
CA SER E 264 -38.40 0.86 -13.88
C SER E 264 -38.60 1.00 -15.39
N THR E 265 -37.93 0.17 -16.18
CA THR E 265 -37.97 0.36 -17.63
C THR E 265 -38.40 -0.88 -18.40
N GLY E 266 -38.02 -2.07 -17.94
CA GLY E 266 -38.39 -3.28 -18.64
C GLY E 266 -37.21 -4.20 -18.87
N TRP E 267 -37.28 -5.02 -19.91
CA TRP E 267 -36.32 -6.08 -20.15
C TRP E 267 -35.09 -5.57 -20.91
N TYR E 268 -33.95 -6.19 -20.64
CA TYR E 268 -32.70 -5.87 -21.29
C TYR E 268 -31.99 -7.16 -21.70
N ASN E 269 -31.15 -7.06 -22.72
CA ASN E 269 -30.30 -8.16 -23.15
C ASN E 269 -28.91 -7.99 -22.54
N ARG E 270 -28.38 -9.07 -21.98
CA ARG E 270 -27.10 -9.05 -21.30
C ARG E 270 -26.19 -10.13 -21.87
N LEU E 271 -24.91 -9.79 -22.03
CA LEU E 271 -23.91 -10.71 -22.53
C LEU E 271 -22.90 -11.03 -21.43
N TYR E 272 -22.41 -12.26 -21.43
CA TYR E 272 -21.52 -12.75 -20.39
C TYR E 272 -20.24 -13.30 -20.98
N ILE E 273 -19.14 -13.13 -20.24
CA ILE E 273 -17.86 -13.76 -20.56
C ILE E 273 -17.40 -14.48 -19.31
N ASN E 274 -17.30 -15.81 -19.38
CA ASN E 274 -17.05 -16.64 -18.21
C ASN E 274 -15.67 -17.30 -18.28
N PHE E 275 -15.04 -17.45 -17.12
CA PHE E 275 -13.78 -18.16 -17.01
C PHE E 275 -13.63 -18.70 -15.60
N THR E 276 -12.71 -19.64 -15.43
CA THR E 276 -12.51 -20.36 -14.19
C THR E 276 -11.07 -20.21 -13.70
N LEU E 277 -10.90 -20.15 -12.38
CA LEU E 277 -9.61 -19.95 -11.75
C LEU E 277 -9.28 -21.12 -10.83
N ARG E 278 -8.01 -21.54 -10.84
CA ARG E 278 -7.53 -22.62 -9.99
C ARG E 278 -6.13 -22.25 -9.48
N ARG E 279 -5.73 -22.90 -8.39
CA ARG E 279 -4.45 -22.63 -7.74
C ARG E 279 -3.46 -23.75 -8.03
N HIS E 280 -2.27 -23.63 -7.43
CA HIS E 280 -1.24 -24.64 -7.48
C HIS E 280 -1.26 -25.41 -6.17
N ILE E 281 -1.72 -26.66 -6.22
CA ILE E 281 -1.95 -27.41 -4.99
C ILE E 281 -0.64 -27.79 -4.32
N PHE E 282 0.35 -28.24 -5.10
CA PHE E 282 1.56 -28.81 -4.52
C PHE E 282 2.35 -27.77 -3.72
N PHE E 283 2.34 -26.51 -4.17
CA PHE E 283 3.04 -25.47 -3.42
C PHE E 283 2.46 -25.34 -2.02
N PHE E 284 1.13 -25.22 -1.91
CA PHE E 284 0.51 -25.09 -0.60
C PHE E 284 0.70 -26.35 0.23
N LEU E 285 0.60 -27.53 -0.40
CA LEU E 285 0.85 -28.77 0.33
C LEU E 285 2.23 -28.75 0.96
N LEU E 286 3.27 -28.49 0.16
CA LEU E 286 4.63 -28.49 0.66
C LEU E 286 4.85 -27.42 1.73
N GLN E 287 4.25 -26.24 1.54
CA GLN E 287 4.50 -25.15 2.47
C GLN E 287 3.77 -25.33 3.79
N THR E 288 2.61 -26.00 3.80
CA THR E 288 1.78 -26.05 4.99
C THR E 288 1.62 -27.43 5.57
N TYR E 289 1.18 -28.42 4.78
CA TYR E 289 0.83 -29.71 5.35
C TYR E 289 2.06 -30.52 5.73
N PHE E 290 3.16 -30.36 4.98
CA PHE E 290 4.38 -31.10 5.28
C PHE E 290 4.98 -30.76 6.65
N PRO E 291 5.22 -29.48 7.00
CA PRO E 291 5.80 -29.21 8.33
C PRO E 291 4.93 -29.67 9.49
N ALA E 292 3.61 -29.52 9.37
CA ALA E 292 2.73 -29.94 10.46
C ALA E 292 2.79 -31.44 10.68
N THR E 293 2.75 -32.21 9.59
CA THR E 293 2.86 -33.66 9.71
C THR E 293 4.22 -34.07 10.27
N LEU E 294 5.29 -33.39 9.83
CA LEU E 294 6.62 -33.70 10.34
C LEU E 294 6.70 -33.43 11.85
N MET E 295 6.14 -32.30 12.31
CA MET E 295 6.17 -32.00 13.73
C MET E 295 5.33 -32.98 14.54
N VAL E 296 4.18 -33.38 14.01
CA VAL E 296 3.35 -34.35 14.72
C VAL E 296 4.08 -35.69 14.84
N MET E 297 4.71 -36.14 13.76
CA MET E 297 5.47 -37.38 13.82
C MET E 297 6.68 -37.25 14.73
N LEU E 298 7.27 -36.06 14.81
CA LEU E 298 8.40 -35.85 15.72
C LEU E 298 7.95 -35.88 17.17
N SER E 299 6.71 -35.46 17.46
CA SER E 299 6.22 -35.50 18.83
C SER E 299 6.03 -36.93 19.35
N TRP E 300 5.96 -37.92 18.46
CA TRP E 300 5.82 -39.31 18.87
C TRP E 300 7.15 -39.95 19.25
N VAL E 301 8.26 -39.24 19.07
CA VAL E 301 9.57 -39.79 19.41
C VAL E 301 9.67 -40.02 20.92
N SER E 302 9.07 -39.13 21.72
CA SER E 302 9.22 -39.21 23.17
C SER E 302 8.66 -40.50 23.76
N PHE E 303 7.76 -41.19 23.05
CA PHE E 303 7.22 -42.43 23.58
C PHE E 303 8.25 -43.55 23.63
N TRP E 304 9.37 -43.40 22.92
CA TRP E 304 10.42 -44.41 22.88
C TRP E 304 11.60 -44.06 23.78
N ILE E 305 11.48 -43.01 24.59
CA ILE E 305 12.55 -42.57 25.49
C ILE E 305 12.23 -43.04 26.90
N ASP E 306 13.28 -43.35 27.66
CA ASP E 306 13.11 -43.84 29.02
C ASP E 306 12.37 -42.81 29.87
N ARG E 307 11.42 -43.30 30.67
CA ARG E 307 10.62 -42.40 31.51
C ARG E 307 11.44 -41.75 32.61
N ARG E 308 12.61 -42.29 32.95
CA ARG E 308 13.43 -41.76 34.03
C ARG E 308 14.21 -40.51 33.63
N ALA E 309 14.23 -40.15 32.34
CA ALA E 309 14.94 -38.96 31.87
C ALA E 309 13.95 -37.83 31.71
N VAL E 310 13.54 -37.26 32.84
CA VAL E 310 12.61 -36.12 32.82
C VAL E 310 13.21 -34.90 32.11
N PRO E 311 14.46 -34.49 32.39
CA PRO E 311 15.02 -33.32 31.69
C PRO E 311 15.20 -33.51 30.20
N ALA E 312 14.97 -34.71 29.67
CA ALA E 312 14.94 -34.92 28.23
C ALA E 312 13.53 -35.02 27.68
N ARG E 313 12.59 -35.57 28.44
CA ARG E 313 11.22 -35.71 27.98
C ARG E 313 10.48 -34.38 28.00
N VAL E 314 10.64 -33.59 29.05
CA VAL E 314 9.84 -32.37 29.21
C VAL E 314 10.26 -31.28 28.21
N PRO E 315 11.55 -30.90 28.12
CA PRO E 315 11.93 -29.87 27.16
C PRO E 315 11.60 -30.23 25.72
N LEU E 316 11.69 -31.51 25.36
CA LEU E 316 11.33 -31.91 24.00
C LEU E 316 9.88 -31.59 23.70
N GLY E 317 8.97 -31.95 24.61
CA GLY E 317 7.56 -31.65 24.38
C GLY E 317 7.26 -30.17 24.33
N ILE E 318 7.82 -29.41 25.27
CA ILE E 318 7.50 -27.97 25.29
C ILE E 318 8.08 -27.28 24.06
N THR E 319 9.27 -27.69 23.61
CA THR E 319 9.85 -27.08 22.42
C THR E 319 9.10 -27.49 21.16
N THR E 320 8.56 -28.72 21.12
CA THR E 320 7.72 -29.11 20.00
C THR E 320 6.46 -28.25 19.94
N VAL E 321 5.86 -27.96 21.11
CA VAL E 321 4.69 -27.09 21.15
C VAL E 321 5.05 -25.70 20.64
N LEU E 322 6.20 -25.17 21.08
CA LEU E 322 6.64 -23.85 20.62
C LEU E 322 6.86 -23.83 19.11
N THR E 323 7.50 -24.87 18.57
CA THR E 323 7.76 -24.93 17.13
C THR E 323 6.46 -24.99 16.34
N MET E 324 5.50 -25.79 16.81
CA MET E 324 4.21 -25.86 16.13
C MET E 324 3.50 -24.51 16.15
N SER E 325 3.55 -23.81 17.29
CA SER E 325 2.93 -22.50 17.38
C SER E 325 3.56 -21.52 16.40
N THR E 326 4.90 -21.52 16.31
CA THR E 326 5.57 -20.62 15.38
C THR E 326 5.21 -20.95 13.93
N ILE E 327 5.13 -22.24 13.61
CA ILE E 327 4.76 -22.65 12.25
C ILE E 327 3.34 -22.17 11.91
N ILE E 328 2.42 -22.33 12.85
CA ILE E 328 1.04 -21.92 12.61
C ILE E 328 0.97 -20.40 12.42
N THR E 329 1.68 -19.64 13.25
CA THR E 329 1.67 -18.19 13.11
C THR E 329 2.26 -17.75 11.76
N GLY E 330 3.36 -18.36 11.33
CA GLY E 330 3.94 -17.99 10.04
C GLY E 330 3.04 -18.32 8.86
N VAL E 331 2.37 -19.47 8.94
CA VAL E 331 1.42 -19.83 7.88
C VAL E 331 0.28 -18.84 7.85
N ASN E 332 -0.25 -18.46 9.02
CA ASN E 332 -1.35 -17.51 9.03
C ASN E 332 -0.90 -16.15 8.49
N ALA E 333 0.35 -15.77 8.77
CA ALA E 333 0.84 -14.47 8.34
C ALA E 333 0.99 -14.38 6.83
N SER E 334 1.07 -15.50 6.13
CA SER E 334 1.30 -15.46 4.70
C SER E 334 0.04 -15.71 3.87
N MET E 335 -1.12 -15.90 4.50
CA MET E 335 -2.39 -16.13 3.81
C MET E 335 -3.19 -14.85 3.66
N PRO E 336 -4.10 -14.79 2.69
CA PRO E 336 -4.98 -13.62 2.57
C PRO E 336 -5.84 -13.44 3.81
N ARG E 337 -6.09 -12.18 4.15
CA ARG E 337 -6.82 -11.83 5.37
C ARG E 337 -8.30 -12.06 5.15
N VAL E 338 -8.70 -13.33 5.26
CA VAL E 338 -10.09 -13.75 5.14
C VAL E 338 -10.52 -14.27 6.51
N SER E 339 -11.56 -13.67 7.07
CA SER E 339 -11.93 -13.91 8.46
C SER E 339 -13.05 -14.94 8.60
N TYR E 340 -12.76 -16.17 8.19
CA TYR E 340 -13.58 -17.31 8.57
C TYR E 340 -12.77 -18.58 8.43
N ILE E 341 -13.29 -19.66 9.02
CA ILE E 341 -12.53 -20.89 9.17
C ILE E 341 -12.38 -21.58 7.82
N LYS E 342 -11.16 -22.04 7.53
CA LYS E 342 -10.83 -22.78 6.32
C LYS E 342 -10.28 -24.15 6.70
N ALA E 343 -10.09 -25.00 5.69
CA ALA E 343 -9.65 -26.37 5.94
C ALA E 343 -8.26 -26.42 6.56
N VAL E 344 -7.36 -25.56 6.08
CA VAL E 344 -5.99 -25.56 6.57
C VAL E 344 -5.95 -25.24 8.06
N ASP E 345 -6.83 -24.34 8.53
CA ASP E 345 -6.92 -24.04 9.95
C ASP E 345 -7.32 -25.28 10.75
N ILE E 346 -8.29 -26.05 10.23
CA ILE E 346 -8.71 -27.27 10.90
C ILE E 346 -7.53 -28.22 11.04
N TYR E 347 -6.78 -28.41 9.95
CA TYR E 347 -5.64 -29.31 9.99
C TYR E 347 -4.60 -28.86 11.03
N LEU E 348 -4.26 -27.57 11.01
CA LEU E 348 -3.23 -27.06 11.91
C LEU E 348 -3.64 -27.16 13.36
N TRP E 349 -4.90 -26.86 13.68
CA TRP E 349 -5.32 -26.89 15.08
C TRP E 349 -5.50 -28.31 15.59
N VAL E 350 -5.88 -29.25 14.71
CA VAL E 350 -5.88 -30.66 15.12
C VAL E 350 -4.47 -31.11 15.44
N SER E 351 -3.49 -30.70 14.63
CA SER E 351 -2.09 -31.04 14.93
C SER E 351 -1.65 -30.44 16.27
N PHE E 352 -2.04 -29.20 16.54
CA PHE E 352 -1.70 -28.57 17.82
C PHE E 352 -2.30 -29.35 18.98
N VAL E 353 -3.55 -29.79 18.84
CA VAL E 353 -4.18 -30.59 19.89
C VAL E 353 -3.44 -31.91 20.10
N PHE E 354 -2.98 -32.53 19.00
CA PHE E 354 -2.22 -33.76 19.13
C PHE E 354 -0.94 -33.57 19.94
N VAL E 355 -0.21 -32.48 19.66
CA VAL E 355 1.02 -32.23 20.41
C VAL E 355 0.72 -31.94 21.89
N PHE E 356 -0.38 -31.22 22.15
CA PHE E 356 -0.80 -30.97 23.52
C PHE E 356 -1.06 -32.27 24.28
N LEU E 357 -1.79 -33.20 23.65
CA LEU E 357 -2.07 -34.48 24.28
C LEU E 357 -0.78 -35.30 24.49
N SER E 358 0.16 -35.20 23.55
CA SER E 358 1.44 -35.89 23.71
C SER E 358 2.20 -35.36 24.92
N VAL E 359 1.99 -34.12 25.30
CA VAL E 359 2.63 -33.61 26.52
C VAL E 359 1.89 -34.07 27.77
N LEU E 360 0.56 -34.02 27.75
CA LEU E 360 -0.21 -34.50 28.90
C LEU E 360 0.07 -35.96 29.20
N GLU E 361 0.33 -36.77 28.16
CA GLU E 361 0.58 -38.19 28.36
C GLU E 361 1.81 -38.43 29.24
N TYR E 362 2.92 -37.76 28.91
CA TYR E 362 4.11 -37.93 29.75
C TYR E 362 3.92 -37.32 31.13
N ALA E 363 3.15 -36.23 31.25
CA ALA E 363 2.86 -35.71 32.58
C ALA E 363 2.19 -36.79 33.45
N ALA E 364 1.19 -37.46 32.90
CA ALA E 364 0.50 -38.51 33.65
C ALA E 364 1.43 -39.67 33.98
N VAL E 365 2.27 -40.06 33.02
CA VAL E 365 3.20 -41.18 33.26
C VAL E 365 4.16 -40.83 34.40
N ASN E 366 4.70 -39.62 34.39
CA ASN E 366 5.63 -39.20 35.44
C ASN E 366 4.95 -39.17 36.80
N TYR E 367 3.74 -38.63 36.87
CA TYR E 367 3.04 -38.60 38.16
C TYR E 367 2.79 -40.01 38.68
N LEU E 368 2.35 -40.91 37.82
CA LEU E 368 2.09 -42.28 38.27
C LEU E 368 3.36 -42.97 38.74
N THR E 369 4.47 -42.76 38.02
CA THR E 369 5.73 -43.36 38.43
C THR E 369 6.17 -42.86 39.80
N THR E 370 6.06 -41.55 40.03
CA THR E 370 6.42 -40.98 41.32
C THR E 370 5.56 -41.56 42.44
N VAL E 371 4.24 -41.68 42.20
CA VAL E 371 3.35 -42.22 43.21
C VAL E 371 3.73 -43.66 43.55
N GLN E 372 3.98 -44.47 42.52
CA GLN E 372 4.32 -45.87 42.76
C GLN E 372 5.62 -46.00 43.54
N GLU E 373 6.64 -45.21 43.18
CA GLU E 373 7.92 -45.30 43.90
C GLU E 373 7.77 -44.88 45.35
N ARG E 374 7.01 -43.81 45.60
CA ARG E 374 6.81 -43.37 46.98
C ARG E 374 6.06 -44.42 47.79
N LYS E 375 5.04 -45.04 47.19
CA LYS E 375 4.30 -46.08 47.91
C LYS E 375 5.20 -47.27 48.24
N GLU E 376 6.04 -47.68 47.28
CA GLU E 376 6.94 -48.80 47.54
C GLU E 376 7.92 -48.48 48.66
N GLN E 377 8.48 -47.27 48.65
CA GLN E 377 9.41 -46.89 49.71
C GLN E 377 8.72 -46.86 51.07
N LYS E 378 7.50 -46.32 51.12
CA LYS E 378 6.76 -46.28 52.38
C LYS E 378 6.47 -47.69 52.89
N LEU E 379 6.11 -48.60 51.98
CA LEU E 379 5.86 -49.98 52.39
C LEU E 379 7.12 -50.65 52.94
N ARG E 380 8.26 -50.42 52.29
CA ARG E 380 9.52 -50.99 52.77
C ARG E 380 9.92 -50.40 54.11
N ASP E 451 11.41 -51.32 33.43
CA ASP E 451 10.37 -51.75 32.51
C ASP E 451 9.70 -50.54 31.88
N THR E 452 8.81 -50.80 30.91
CA THR E 452 8.11 -49.75 30.18
C THR E 452 6.70 -49.61 30.73
N HIS E 453 6.29 -48.36 30.94
CA HIS E 453 4.95 -48.08 31.44
C HIS E 453 3.90 -48.47 30.40
N ALA E 454 2.76 -48.99 30.87
CA ALA E 454 1.71 -49.45 29.96
C ALA E 454 1.15 -48.30 29.13
N ILE E 455 1.14 -47.09 29.69
CA ILE E 455 0.60 -45.95 28.96
C ILE E 455 1.42 -45.68 27.71
N ASP E 456 2.75 -45.77 27.81
CA ASP E 456 3.59 -45.59 26.63
C ASP E 456 3.32 -46.68 25.59
N LYS E 457 3.17 -47.93 26.04
CA LYS E 457 2.93 -49.03 25.13
C LYS E 457 1.63 -48.82 24.36
N TYR E 458 0.57 -48.36 25.04
CA TYR E 458 -0.69 -48.14 24.35
C TYR E 458 -0.64 -46.89 23.48
N SER E 459 0.07 -45.85 23.93
CA SER E 459 0.16 -44.61 23.16
C SER E 459 0.87 -44.82 21.84
N ARG E 460 1.95 -45.61 21.84
CA ARG E 460 2.72 -45.86 20.63
C ARG E 460 1.85 -46.40 19.51
N ILE E 461 0.78 -47.11 19.85
CA ILE E 461 -0.15 -47.63 18.83
C ILE E 461 -1.30 -46.67 18.60
N ILE E 462 -1.84 -46.06 19.66
CA ILE E 462 -3.06 -45.30 19.54
C ILE E 462 -2.84 -44.01 18.77
N PHE E 463 -1.76 -43.28 19.08
CA PHE E 463 -1.58 -41.97 18.45
C PHE E 463 -1.42 -42.05 16.93
N PRO E 464 -0.53 -42.86 16.36
CA PRO E 464 -0.46 -42.94 14.89
C PRO E 464 -1.76 -43.41 14.25
N ALA E 465 -2.46 -44.36 14.87
CA ALA E 465 -3.72 -44.84 14.32
C ALA E 465 -4.77 -43.73 14.30
N ALA E 466 -4.86 -42.96 15.38
CA ALA E 466 -5.81 -41.85 15.42
C ALA E 466 -5.47 -40.80 14.37
N TYR E 467 -4.19 -40.49 14.20
CA TYR E 467 -3.82 -39.49 13.21
C TYR E 467 -4.11 -39.97 11.79
N ILE E 468 -3.85 -41.25 11.51
CA ILE E 468 -4.15 -41.79 10.19
C ILE E 468 -5.65 -41.77 9.92
N LEU E 469 -6.46 -42.13 10.92
CA LEU E 469 -7.90 -42.08 10.75
C LEU E 469 -8.40 -40.66 10.50
N PHE E 470 -7.85 -39.69 11.24
CA PHE E 470 -8.22 -38.30 11.02
C PHE E 470 -7.86 -37.85 9.60
N ASN E 471 -6.67 -38.22 9.13
CA ASN E 471 -6.27 -37.84 7.78
C ASN E 471 -7.19 -38.46 6.73
N LEU E 472 -7.56 -39.73 6.93
CA LEU E 472 -8.47 -40.38 5.99
C LEU E 472 -9.81 -39.65 5.93
N ILE E 473 -10.38 -39.34 7.09
CA ILE E 473 -11.68 -38.65 7.11
C ILE E 473 -11.56 -37.27 6.49
N TYR E 474 -10.50 -36.53 6.83
CA TYR E 474 -10.33 -35.17 6.33
C TYR E 474 -10.18 -35.15 4.82
N TRP E 475 -9.35 -36.04 4.27
CA TRP E 475 -9.13 -36.05 2.83
C TRP E 475 -10.26 -36.71 2.07
N SER E 476 -11.13 -37.47 2.74
CA SER E 476 -12.37 -37.88 2.09
C SER E 476 -13.39 -36.76 2.04
N ILE E 477 -13.43 -35.93 3.08
CA ILE E 477 -14.39 -34.81 3.09
C ILE E 477 -13.97 -33.73 2.10
N PHE E 478 -12.68 -33.37 2.10
CA PHE E 478 -12.17 -32.30 1.26
C PHE E 478 -11.55 -32.79 -0.04
N SER E 479 -11.66 -34.09 -0.34
CA SER E 479 -11.16 -34.67 -1.58
C SER E 479 -9.65 -34.47 -1.75
C1 NAG F . -53.08 7.05 -24.73
C2 NAG F . -53.92 8.03 -23.92
C3 NAG F . -55.20 8.38 -24.69
C4 NAG F . -54.85 8.89 -26.08
C5 NAG F . -53.96 7.87 -26.80
C6 NAG F . -53.49 8.36 -28.15
C7 NAG F . -53.57 7.78 -21.50
C8 NAG F . -54.05 7.12 -20.25
N2 NAG F . -54.25 7.48 -22.61
O3 NAG F . -55.92 9.38 -23.98
O4 NAG F . -56.04 9.08 -26.84
O5 NAG F . -52.79 7.61 -26.02
O6 NAG F . -52.95 7.28 -28.93
O7 NAG F . -52.61 8.54 -21.51
C1 NAG G . -39.23 1.20 7.18
C2 NAG G . -39.95 1.96 8.29
C3 NAG G . -39.13 1.93 9.58
C4 NAG G . -38.79 0.49 9.94
C5 NAG G . -38.13 -0.22 8.76
C6 NAG G . -37.88 -1.68 9.02
C7 NAG G . -41.35 3.72 7.29
C8 NAG G . -41.46 5.17 6.95
N2 NAG G . -40.22 3.34 7.88
O3 NAG G . -39.87 2.54 10.62
O4 NAG G . -37.91 0.47 11.06
O5 NAG G . -38.98 -0.14 7.61
O6 NAG G . -37.52 -1.92 10.37
O7 NAG G . -42.26 2.92 7.04
C1 OCT H . -16.16 -19.81 25.51
C2 OCT H . -17.53 -19.14 25.57
C3 OCT H . -17.71 -18.24 24.35
C4 OCT H . -19.06 -17.55 24.43
C5 OCT H . -19.26 -16.69 23.18
C6 OCT H . -20.67 -16.09 23.21
C7 OCT H . -20.89 -15.26 21.95
C8 OCT H . -22.31 -14.68 21.97
C1 D10 I . -5.38 -33.19 45.26
C2 D10 I . -5.37 -32.06 44.22
C3 D10 I . -6.51 -32.28 43.23
C4 D10 I . -6.28 -31.38 42.02
C5 D10 I . -7.34 -31.69 40.96
C6 D10 I . -8.64 -30.97 41.30
C7 D10 I . -8.68 -29.63 40.57
C8 D10 I . -10.01 -28.95 40.89
C9 D10 I . -10.11 -27.64 40.11
C10 D10 I . -11.36 -26.89 40.54
C1 D10 J . -14.48 -23.82 16.09
C2 D10 J . -14.86 -23.08 17.36
C3 D10 J . -13.72 -23.16 18.37
C4 D10 J . -14.11 -22.38 19.62
C5 D10 J . -13.00 -22.47 20.68
C6 D10 J . -13.35 -21.52 21.82
C7 D10 J . -12.31 -21.66 22.94
C8 D10 J . -12.67 -20.69 24.06
C9 D10 J . -11.92 -21.07 25.33
C10 D10 J . -12.41 -20.20 26.49
O1 7P9 K . -10.05 2.41 27.04
O2 7P9 K . -7.64 2.33 27.57
P1 7P9 K . -9.02 2.60 28.13
O3 7P9 K . -9.08 4.16 28.67
O4 7P9 K . -9.33 1.57 29.39
C1 7P9 K . -10.67 1.28 29.70
C2 7P9 K . -10.78 -0.14 30.31
C3 7P9 K . -9.56 -0.40 31.20
O5 7P9 K . -9.06 -1.68 30.91
C4 7P9 K . -8.23 -2.20 31.91
O6 7P9 K . -8.34 -1.82 33.03
C5 7P9 K . -7.18 -3.26 31.56
C6 7P9 K . -6.90 -4.16 32.78
C7 7P9 K . -5.53 -4.86 32.60
C8 7P9 K . -5.70 -6.38 32.85
C9 7P9 K . -4.38 -7.12 32.54
C10 7P9 K . -3.19 -6.31 33.08
O7 7P9 K . -11.95 -0.23 31.07
C12 7P9 K . -12.56 -1.49 31.05
O8 7P9 K . -13.08 -1.89 30.04
C13 7P9 K . -12.57 -2.38 32.31
C14 7P9 K . -13.31 -3.71 32.01
C11 7P9 K . -11.10 -9.37 35.16
C15 7P9 K . -12.34 -4.89 32.25
C16 7P9 K . -13.14 -6.11 32.74
C17 7P9 K . -12.20 -7.08 33.50
C18 7P9 K . -12.87 -8.44 33.64
C19 7P9 K . -12.58 -9.01 35.03
O1 7P9 L . 5.60 -25.40 56.11
O2 7P9 L . 3.38 -24.31 56.05
P1 7P9 L . 4.88 -24.07 56.10
O3 7P9 L . 5.25 -23.22 57.47
O4 7P9 L . 5.34 -23.20 54.77
C1 7P9 L . 5.50 -21.81 54.91
C2 7P9 L . 4.52 -21.09 53.98
C3 7P9 L . 3.11 -21.22 54.55
O5 7P9 L . 2.37 -22.07 53.73
C4 7P9 L . 1.10 -21.58 53.39
O6 7P9 L . 0.79 -20.47 53.68
C5 7P9 L . 0.10 -22.48 52.64
C6 7P9 L . -0.70 -21.64 51.64
C7 7P9 L . 0.01 -21.66 50.25
C8 7P9 L . -0.30 -20.36 49.50
C9 7P9 L . 0.25 -20.47 48.06
C10 7P9 L . -0.91 -20.25 47.06
O7 7P9 L . 4.87 -19.73 53.89
C12 7P9 L . 5.09 -19.29 52.57
O8 7P9 L . 5.97 -19.76 51.93
C13 7P9 L . 4.18 -18.21 51.96
C14 7P9 L . 4.92 -17.53 50.77
C11 7P9 L . 2.70 -16.89 44.09
C15 7P9 L . 4.04 -17.56 49.50
C16 7P9 L . 4.75 -18.37 48.40
C17 7P9 L . 4.96 -17.47 47.17
C18 7P9 L . 3.65 -17.37 46.36
C19 7P9 L . 3.98 -17.20 44.87
C1 OCT M . -15.14 -21.18 30.69
C2 OCT M . -16.47 -20.83 31.37
C3 OCT M . -17.29 -19.97 30.43
C4 OCT M . -18.66 -19.71 31.07
C5 OCT M . -19.44 -18.67 30.25
C6 OCT M . -20.66 -18.24 31.04
C7 OCT M . -21.34 -17.07 30.34
C8 OCT M . -22.43 -16.51 31.25
C1 D10 N . -3.55 -39.26 36.48
C2 D10 N . -2.96 -37.91 36.94
C3 D10 N . -2.49 -37.12 35.72
C4 D10 N . -2.15 -35.70 36.16
C5 D10 N . -1.95 -34.83 34.91
C6 D10 N . -1.96 -33.36 35.31
C7 D10 N . -2.36 -32.51 34.11
C8 D10 N . -3.02 -31.23 34.60
C9 D10 N . -3.62 -30.47 33.42
C10 D10 N . -4.65 -29.46 33.93
CL CL O . 20.37 -32.12 33.30
CL CL P . 11.85 -18.64 19.35
C1 D10 Q . 9.64 -16.86 50.06
C2 D10 Q . 10.86 -16.50 49.19
C3 D10 Q . 10.45 -16.52 47.72
C4 D10 Q . 11.58 -15.93 46.87
C5 D10 Q . 11.06 -15.70 45.45
C6 D10 Q . 12.03 -14.78 44.71
C7 D10 Q . 11.30 -14.07 43.58
C8 D10 Q . 11.99 -12.75 43.29
C9 D10 Q . 11.15 -11.93 42.31
C10 D10 Q . 11.57 -10.46 42.38
C1 NAG R . -38.66 44.47 2.62
C2 NAG R . -37.94 45.81 2.82
C3 NAG R . -38.93 46.97 2.65
C4 NAG R . -39.65 46.86 1.33
C5 NAG R . -40.30 45.49 1.18
C6 NAG R . -40.95 45.27 -0.16
C7 NAG R . -36.02 45.60 4.33
C8 NAG R . -35.53 45.71 5.74
N2 NAG R . -37.31 45.87 4.13
O3 NAG R . -38.22 48.20 2.73
O4 NAG R . -40.66 47.87 1.24
O5 NAG R . -39.31 44.46 1.33
O6 NAG R . -41.80 44.14 -0.15
O7 NAG R . -35.27 45.29 3.40
C1 NAG S . -10.37 32.84 20.16
C2 NAG S . -9.45 33.96 20.64
C3 NAG S . -8.11 33.40 21.10
C4 NAG S . -8.33 32.30 22.13
C5 NAG S . -9.30 31.25 21.62
C6 NAG S . -9.65 30.21 22.64
C7 NAG S . -10.04 36.03 19.46
C8 NAG S . -9.70 36.95 18.32
N2 NAG S . -9.26 34.95 19.60
O3 NAG S . -7.33 34.45 21.65
O4 NAG S . -7.08 31.69 22.45
O5 NAG S . -10.52 31.87 21.20
O6 NAG S . -8.55 29.90 23.47
O7 NAG S . -10.98 36.25 20.21
C1 OCT T . 4.34 3.58 35.58
C2 OCT T . 4.10 5.08 35.76
C3 OCT T . 3.49 5.65 34.48
C4 OCT T . 3.28 7.15 34.65
C5 OCT T . 2.60 7.71 33.40
C6 OCT T . 2.29 9.18 33.61
C7 OCT T . 1.59 9.74 32.38
C8 OCT T . 1.27 11.22 32.61
C1 D10 U . 18.39 -11.19 52.00
C2 D10 U . 18.09 -10.62 50.62
C3 D10 U . 16.72 -9.93 50.64
C4 D10 U . 16.27 -9.69 49.21
C5 D10 U . 14.85 -9.12 49.22
C6 D10 U . 14.89 -7.63 49.49
C7 D10 U . 14.91 -6.86 48.18
C8 D10 U . 14.90 -5.37 48.47
C9 D10 U . 14.84 -4.58 47.17
C10 D10 U . 14.98 -3.09 47.46
C1 D10 V . -4.17 -1.00 31.78
C2 D10 V . -2.99 -0.14 32.22
C3 D10 V . -1.76 -1.01 32.40
C4 D10 V . -0.58 -0.13 32.82
C5 D10 V . 0.67 -0.97 33.06
C6 D10 V . 1.86 -0.03 33.27
C7 D10 V . 3.11 -0.83 33.61
C8 D10 V . 4.28 0.13 33.80
C9 D10 V . 5.42 -0.58 34.51
C10 D10 V . 6.51 0.43 34.85
O1 7P9 W . 18.15 12.00 19.11
O2 7P9 W . 19.55 10.08 18.46
P1 7P9 W . 19.53 11.40 19.21
O3 7P9 W . 20.62 12.42 18.53
O4 7P9 W . 19.92 11.15 20.80
C1 7P9 W . 19.46 12.07 21.76
C2 7P9 W . 19.26 11.38 23.11
C3 7P9 W . 20.34 10.33 23.32
O5 7P9 W . 19.77 9.14 23.78
C4 7P9 W . 20.67 8.26 24.38
O6 7P9 W . 21.67 8.68 24.86
C5 7P9 W . 20.35 6.76 24.42
C6 7P9 W . 21.03 6.11 25.66
C7 7P9 W . 21.14 4.59 25.43
C8 7P9 W . 20.58 3.85 26.67
C9 7P9 W . 20.57 2.33 26.42
C10 7P9 W . 21.87 1.89 25.70
O7 7P9 W . 19.31 12.33 24.13
C12 7P9 W . 18.46 12.07 25.22
O8 7P9 W . 17.29 12.17 25.09
C13 7P9 W . 19.05 11.66 26.59
C14 7P9 W . 17.91 11.43 27.60
C11 7P9 W . 18.75 6.60 32.37
C15 7P9 W . 17.97 9.98 28.14
C16 7P9 W . 17.48 9.94 29.60
C17 7P9 W . 18.03 8.69 30.28
C18 7P9 W . 17.23 8.42 31.58
C19 7P9 W . 18.20 7.99 32.69
O1 7P9 X . 35.08 -14.36 48.79
O2 7P9 X . 34.58 -11.95 48.97
P1 7P9 X . 35.36 -12.99 48.20
O3 7P9 X . 36.98 -12.67 48.31
O4 7P9 X . 34.90 -12.97 46.61
C1 7P9 X . 35.71 -12.27 45.69
C2 7P9 X . 34.89 -11.14 45.07
C3 7P9 X . 34.68 -10.04 46.10
O5 7P9 X . 33.34 -10.02 46.49
C4 7P9 X . 32.75 -8.75 46.48
O6 7P9 X . 33.35 -7.82 46.05
C5 7P9 X . 31.34 -8.56 47.06
C6 7P9 X . 30.59 -7.50 46.21
C7 7P9 X . 29.80 -8.21 45.09
C8 7P9 X . 29.65 -7.25 43.88
C9 7P9 X . 28.71 -7.88 42.85
C10 7P9 X . 27.53 -6.93 42.58
O7 7P9 X . 35.57 -10.62 43.96
C12 7P9 X . 34.83 -10.65 42.77
O8 7P9 X . 34.49 -11.69 42.30
C13 7P9 X . 34.45 -9.34 42.05
C14 7P9 X . 34.15 -9.64 40.56
C11 7P9 X . 28.24 -8.09 36.99
C15 7P9 X . 32.76 -9.07 40.18
C16 7P9 X . 31.83 -10.22 39.73
C17 7P9 X . 31.35 -9.95 38.29
C18 7P9 X . 30.22 -8.92 38.30
C19 7P9 X . 29.26 -9.22 37.13
C1 OCT Y . 8.23 2.42 39.23
C2 OCT Y . 8.35 3.75 39.97
C3 OCT Y . 7.64 4.84 39.18
C4 OCT Y . 7.69 6.14 39.98
C5 OCT Y . 7.18 7.30 39.12
C6 OCT Y . 7.48 8.61 39.84
C7 OCT Y . 7.17 9.79 38.92
C8 OCT Y . 7.68 11.08 39.56
C1 D10 Z . 35.88 -13.08 37.66
C2 D10 Z . 35.88 -13.92 36.39
C3 D10 Z . 34.54 -13.75 35.67
C4 D10 Z . 34.62 -14.37 34.27
C5 D10 Z . 33.39 -13.95 33.47
C6 D10 Z . 33.63 -14.25 31.99
C7 D10 Z . 32.75 -13.34 31.14
C8 D10 Z . 33.41 -13.13 29.78
C9 D10 Z . 32.66 -12.06 29.00
C10 D10 Z . 33.56 -11.52 27.88
C1 NAG AA . 6.13 57.49 -12.08
C2 NAG AA . 7.18 57.71 -13.17
C3 NAG AA . 7.16 59.16 -13.64
C4 NAG AA . 5.76 59.57 -14.06
C5 NAG AA . 4.76 59.28 -12.94
C6 NAG AA . 3.33 59.55 -13.32
C7 NAG AA . 9.06 56.15 -12.94
C8 NAG AA . 10.43 55.95 -12.36
N2 NAG AA . 8.50 57.34 -12.68
O3 NAG AA . 8.07 59.31 -14.73
O4 NAG AA . 5.73 60.96 -14.37
O5 NAG AA . 4.84 57.89 -12.57
O6 NAG AA . 2.49 59.59 -12.19
O7 NAG AA . 8.49 55.29 -13.59
C1 NAG BA . 26.44 29.41 -5.58
C2 NAG BA . 27.70 29.36 -6.43
C3 NAG BA . 28.35 27.99 -6.34
C4 NAG BA . 28.61 27.63 -4.89
C5 NAG BA . 27.32 27.75 -4.08
C6 NAG BA . 27.53 27.52 -2.60
C7 NAG BA . 27.45 30.93 -8.30
C8 NAG BA . 27.09 31.09 -9.75
N2 NAG BA . 27.38 29.69 -7.82
O3 NAG BA . 29.59 28.01 -7.06
O4 NAG BA . 29.09 26.29 -4.80
O5 NAG BA . 26.78 29.07 -4.23
O6 NAG BA . 28.50 26.51 -2.36
O7 NAG BA . 27.75 31.90 -7.61
C1 OCT CA . 31.61 1.88 17.36
C2 OCT CA . 32.32 2.96 16.55
C3 OCT CA . 31.30 3.67 15.66
C4 OCT CA . 32.02 4.73 14.82
C5 OCT CA . 31.01 5.49 13.98
C6 OCT CA . 31.71 6.62 13.22
C7 OCT CA . 30.70 7.40 12.40
C8 OCT CA . 31.41 8.53 11.68
C1 D10 DA . 43.78 -16.60 31.34
C2 D10 DA . 42.82 -16.15 30.24
C3 D10 DA . 42.59 -14.65 30.35
C4 D10 DA . 41.37 -14.26 29.51
C5 D10 DA . 41.05 -12.79 29.73
C6 D10 DA . 41.96 -11.93 28.87
C7 D10 DA . 41.26 -11.61 27.55
C8 D10 DA . 42.16 -10.71 26.72
C9 D10 DA . 41.45 -10.32 25.43
C10 D10 DA . 42.41 -9.54 24.54
C1 D10 EA . 23.04 5.75 21.77
C2 D10 EA . 24.26 5.35 20.95
C3 D10 EA . 24.53 3.86 21.14
C4 D10 EA . 25.74 3.46 20.29
C5 D10 EA . 26.05 1.98 20.48
C6 D10 EA . 27.13 1.58 19.47
C7 D10 EA . 27.56 0.14 19.69
C8 D10 EA . 28.62 -0.23 18.66
C9 D10 EA . 29.33 -1.51 19.08
C10 D10 EA . 30.51 -1.77 18.14
O1 7P9 FA . 27.94 -5.86 -4.08
O2 7P9 FA . 27.14 -8.17 -3.76
P1 7P9 FA . 28.31 -7.32 -4.20
O3 7P9 FA . 28.69 -7.67 -5.76
O4 7P9 FA . 29.62 -7.63 -3.23
C1 7P9 FA . 30.61 -6.64 -3.09
C2 7P9 FA . 31.30 -6.76 -1.73
C3 7P9 FA . 31.45 -8.24 -1.35
O5 7P9 FA . 31.04 -8.41 -0.02
C4 7P9 FA . 31.49 -9.60 0.56
O6 7P9 FA . 32.47 -10.14 0.14
C5 7P9 FA . 30.72 -10.22 1.74
C6 7P9 FA . 31.69 -11.03 2.63
C7 7P9 FA . 30.88 -12.03 3.49
C8 7P9 FA . 31.30 -11.89 4.96
C9 7P9 FA . 30.41 -12.79 5.85
C10 7P9 FA . 30.17 -14.15 5.17
O7 7P9 FA . 32.56 -6.17 -1.78
C12 7P9 FA . 32.97 -5.53 -0.59
O8 7P9 FA . 32.41 -4.54 -0.23
C13 7P9 FA . 34.11 -6.12 0.26
C14 7P9 FA . 34.34 -5.24 1.50
C11 7P9 FA . 36.31 -8.31 7.29
C15 7P9 FA . 34.14 -6.08 2.78
C16 7P9 FA . 35.08 -5.58 3.89
C17 7P9 FA . 35.29 -6.70 4.94
C18 7P9 FA . 35.87 -6.10 6.22
C19 7P9 FA . 36.96 -7.03 6.78
O1 7P9 GA . 46.65 -32.23 24.51
O2 7P9 GA . 47.67 -30.42 23.18
P1 7P9 GA . 46.91 -31.72 23.11
O3 7P9 GA . 47.80 -32.83 22.28
O4 7P9 GA . 45.47 -31.48 22.33
C1 7P9 GA . 45.39 -31.80 20.97
C2 7P9 GA . 45.06 -30.53 20.16
C3 7P9 GA . 46.29 -29.63 20.12
O5 7P9 GA . 46.05 -28.50 20.91
C4 7P9 GA . 46.38 -27.30 20.30
O6 7P9 GA . 46.70 -27.28 19.15
C5 7P9 GA . 46.34 -25.99 21.10
C6 7P9 GA . 45.83 -24.84 20.20
C7 7P9 GA . 44.31 -24.70 20.33
C8 7P9 GA . 43.72 -24.15 19.02
C9 7P9 GA . 42.23 -23.84 19.23
C10 7P9 GA . 41.95 -22.35 18.91
O7 7P9 GA . 44.69 -30.89 18.86
C12 7P9 GA . 43.41 -30.41 18.47
O8 7P9 GA . 42.45 -30.78 19.06
C13 7P9 GA . 43.28 -29.41 17.31
C14 7P9 GA . 41.85 -29.47 16.76
C11 7P9 GA . 37.28 -24.11 16.05
C15 7P9 GA . 41.23 -28.05 16.72
C16 7P9 GA . 39.99 -28.00 17.63
C17 7P9 GA . 38.75 -27.59 16.79
C18 7P9 GA . 38.75 -26.08 16.57
C19 7P9 GA . 37.30 -25.58 16.48
C1 OCT HA . 35.58 -1.61 18.70
C2 OCT HA . 36.81 -0.87 18.20
C3 OCT HA . 36.38 0.26 17.26
C4 OCT HA . 37.62 1.05 16.84
C5 OCT HA . 37.24 2.06 15.76
C6 OCT HA . 38.53 2.65 15.17
C7 OCT HA . 38.20 3.50 13.95
C8 OCT HA . 39.49 3.90 13.25
C1 D10 IA . 38.71 -33.14 16.62
C2 D10 IA . 37.31 -33.73 16.42
C3 D10 IA . 36.28 -32.61 16.44
C4 D10 IA . 34.92 -33.15 16.00
C5 D10 IA . 33.97 -31.99 15.75
C6 D10 IA . 32.76 -32.49 14.95
C7 D10 IA . 32.13 -31.33 14.20
C8 D10 IA . 31.42 -31.87 12.96
C9 D10 IA . 30.96 -30.70 12.09
C10 D10 IA . 30.69 -31.21 10.67
C1 NAG JA . 18.76 28.07 -48.29
C2 NAG JA . 18.47 27.25 -49.55
C3 NAG JA . 18.74 28.09 -50.80
C4 NAG JA . 17.99 29.41 -50.74
C5 NAG JA . 18.31 30.14 -49.44
C6 NAG JA . 17.51 31.41 -49.25
C7 NAG JA . 18.76 24.85 -49.18
C8 NAG JA . 19.71 23.69 -49.27
N2 NAG JA . 19.25 26.03 -49.58
O3 NAG JA . 18.34 27.36 -51.95
O4 NAG JA . 18.35 30.23 -51.84
O5 NAG JA . 18.01 29.29 -48.32
O6 NAG JA . 18.06 32.22 -48.21
O7 NAG JA . 17.62 24.72 -48.76
C1 NAG KA . 20.01 -4.25 -34.23
C2 NAG KA . 19.86 -5.35 -35.27
C3 NAG KA . 19.60 -6.69 -34.58
C4 NAG KA . 20.68 -6.97 -33.55
C5 NAG KA . 20.82 -5.79 -32.58
C6 NAG KA . 21.96 -5.95 -31.62
C7 NAG KA . 18.98 -4.39 -37.36
C8 NAG KA . 17.77 -4.16 -38.20
N2 NAG KA . 18.79 -5.04 -36.21
O3 NAG KA . 19.57 -7.73 -35.55
O4 NAG KA . 20.36 -8.14 -32.81
O5 NAG KA . 21.07 -4.59 -33.32
O6 NAG KA . 22.12 -7.31 -31.22
O7 NAG KA . 20.10 -4.01 -37.69
C1 OCT LA . 27.87 -22.59 -4.03
C2 OCT LA . 28.04 -22.59 -5.55
C3 OCT LA . 27.23 -21.44 -6.15
C4 OCT LA . 27.35 -21.47 -7.67
C5 OCT LA . 26.59 -20.28 -8.25
C6 OCT LA . 26.82 -20.24 -9.77
C7 OCT LA . 26.08 -19.04 -10.36
C8 OCT LA . 26.32 -19.00 -11.87
C1 D10 MA . 35.79 -41.98 11.67
C2 D10 MA . 34.71 -41.05 11.10
C3 D10 MA . 35.38 -39.96 10.27
C4 D10 MA . 34.37 -38.84 10.01
C5 D10 MA . 35.07 -37.67 9.31
C6 D10 MA . 35.17 -37.97 7.82
C7 D10 MA . 33.97 -37.35 7.10
C8 D10 MA . 34.11 -37.62 5.61
C9 D10 MA . 32.97 -36.94 4.85
C10 D10 MA . 33.03 -37.33 3.39
C1 D10 NA . 29.40 -13.03 -0.27
C2 D10 NA . 29.10 -14.32 -1.02
C3 D10 NA . 28.69 -15.41 -0.03
C4 D10 NA . 28.37 -16.69 -0.79
C5 D10 NA . 27.98 -17.81 0.17
C6 D10 NA . 27.48 -19.00 -0.65
C7 D10 NA . 27.19 -20.18 0.27
C8 D10 NA . 26.67 -21.34 -0.56
C9 D10 NA . 26.74 -22.63 0.24
C10 D10 NA . 26.39 -23.81 -0.66
O1 7P9 OA . 6.02 -26.34 -10.47
O2 7P9 OA . 4.90 -27.05 -8.39
P1 7P9 OA . 5.45 -27.52 -9.73
O3 7P9 OA . 4.22 -28.17 -10.62
O4 7P9 OA . 6.62 -28.65 -9.49
C1 7P9 OA . 7.59 -28.84 -10.48
C2 7P9 OA . 8.91 -29.32 -9.85
C3 7P9 OA . 8.61 -30.29 -8.70
O5 7P9 OA . 9.41 -29.94 -7.60
C4 7P9 OA . 9.51 -30.95 -6.64
O6 7P9 OA . 9.37 -32.09 -6.95
C5 7P9 OA . 9.84 -30.59 -5.18
C6 7P9 OA . 10.59 -31.77 -4.50
C7 7P9 OA . 10.46 -31.63 -2.97
C8 7P9 OA . 11.86 -31.74 -2.32
C9 7P9 OA . 11.77 -31.49 -0.81
C10 7P9 OA . 10.53 -32.18 -0.22
O7 7P9 OA . 9.68 -29.98 -10.82
C12 7P9 OA . 11.08 -29.81 -10.68
O8 7P9 OA . 11.56 -28.74 -10.89
C13 7P9 OA . 11.97 -31.00 -10.26
C14 7P9 OA . 13.43 -30.53 -10.18
C11 7P9 OA . 17.44 -33.38 -5.42
C15 7P9 OA . 13.97 -30.75 -8.75
C16 7P9 OA . 15.48 -31.09 -8.80
C17 7P9 OA . 15.88 -31.84 -7.51
C18 7P9 OA . 17.40 -31.82 -7.37
C19 7P9 OA . 17.89 -33.18 -6.87
O1 7P9 PA . 24.67 -54.24 16.67
O2 7P9 PA . 24.88 -54.09 14.22
P1 7P9 PA . 23.90 -54.28 15.37
O3 7P9 PA . 23.14 -55.73 15.21
O4 7P9 PA . 22.79 -53.06 15.34
C1 7P9 PA . 21.54 -53.31 14.75
C2 7P9 PA . 21.33 -52.37 13.56
C3 7P9 PA . 22.23 -52.82 12.40
O5 7P9 PA . 23.26 -51.88 12.24
C4 7P9 PA . 23.45 -51.49 10.91
O6 7P9 PA . 22.70 -51.84 10.06
C5 7P9 PA . 24.65 -50.60 10.56
C6 7P9 PA . 24.24 -49.60 9.45
C7 7P9 PA . 23.75 -48.28 10.10
C8 7P9 PA . 22.72 -47.61 9.17
C9 7P9 PA . 22.38 -46.21 9.73
C10 7P9 PA . 22.69 -45.14 8.66
O7 7P9 PA . 20.00 -52.42 13.14
C12 7P9 PA . 19.36 -51.16 13.14
O8 7P9 PA . 19.23 -50.56 14.15
C13 7P9 PA . 18.84 -50.56 11.81
C14 7P9 PA . 17.76 -49.50 12.12
C11 7P9 PA . 17.65 -42.74 10.06
C15 7P9 PA . 18.11 -48.17 11.41
C16 7P9 PA . 18.29 -47.06 12.46
C17 7P9 PA . 17.30 -45.92 12.20
C18 7P9 PA . 17.80 -45.04 11.06
C19 7P9 PA . 17.33 -43.59 11.29
C1 OCT QA . 29.08 -27.71 -2.58
C2 OCT QA . 29.54 -28.30 -3.91
C3 OCT QA . 29.14 -27.37 -5.04
C4 OCT QA . 29.69 -27.93 -6.35
C5 OCT QA . 29.13 -27.13 -7.54
C6 OCT QA . 29.48 -27.86 -8.83
C7 OCT QA . 28.76 -27.20 -10.00
C8 OCT QA . 28.95 -28.06 -11.26
C1 D10 RA . 14.67 -49.21 15.81
C2 D10 RA . 13.64 -48.47 16.68
C3 D10 RA . 13.71 -46.97 16.38
C4 D10 RA . 12.54 -46.27 17.05
C5 D10 RA . 12.46 -44.83 16.53
C6 D10 RA . 11.09 -44.24 16.89
C7 D10 RA . 10.75 -43.11 15.92
C8 D10 RA . 9.23 -42.98 15.82
C9 D10 RA . 8.87 -42.02 14.70
C10 D10 RA . 7.42 -42.24 14.29
C1 NAG SA . -17.50 -3.01 -56.20
C2 NAG SA . -18.98 -3.35 -56.29
C3 NAG SA . -19.48 -3.20 -57.73
C4 NAG SA . -19.15 -1.82 -58.26
C5 NAG SA . -17.66 -1.53 -58.09
C6 NAG SA . -17.28 -0.12 -58.49
C7 NAG SA . -19.65 -4.98 -54.57
C8 NAG SA . -19.85 -6.43 -54.24
N2 NAG SA . -19.23 -4.71 -55.81
O3 NAG SA . -20.89 -3.42 -57.77
O4 NAG SA . -19.49 -1.73 -59.64
O5 NAG SA . -17.29 -1.68 -56.71
O6 NAG SA . -15.87 0.01 -58.64
O7 NAG SA . -19.86 -4.09 -53.75
C1 NAG TA . -20.47 -21.71 -26.45
C2 NAG TA . -21.85 -22.34 -26.27
C3 NAG TA . -22.01 -22.85 -24.85
C4 NAG TA . -20.87 -23.80 -24.49
C5 NAG TA . -19.53 -23.13 -24.75
C6 NAG TA . -18.36 -24.05 -24.53
C7 NAG TA . -23.42 -21.27 -27.82
C8 NAG TA . -24.50 -20.23 -27.98
N2 NAG TA . -22.89 -21.38 -26.60
O3 NAG TA . -23.25 -23.53 -24.73
O4 NAG TA . -20.95 -24.16 -23.12
O5 NAG TA . -19.46 -22.68 -26.12
O6 NAG TA . -18.59 -24.93 -23.45
O7 NAG TA . -23.06 -21.96 -28.76
C1 OCT UA . -1.64 -36.04 0.93
C2 OCT UA . -2.78 -36.31 -0.05
C3 OCT UA . -3.06 -35.03 -0.84
C4 OCT UA . -4.22 -35.29 -1.80
C5 OCT UA . -4.47 -34.04 -2.63
C6 OCT UA . -5.55 -34.34 -3.68
C7 OCT UA . -5.78 -33.10 -4.54
C8 OCT UA . -6.85 -33.40 -5.58
C1 D10 VA . 5.31 -52.36 20.20
C2 D10 VA . 4.83 -51.00 19.68
C3 D10 VA . 4.96 -50.97 18.16
C4 D10 VA . 4.84 -49.52 17.68
C5 D10 VA . 5.09 -49.46 16.17
C6 D10 VA . 3.82 -49.86 15.42
C7 D10 VA . 3.03 -48.60 15.07
C8 D10 VA . 1.80 -49.00 14.28
C9 D10 VA . 1.03 -47.76 13.84
C10 D10 VA . -0.28 -48.18 13.19
C1 D10 WA . 6.28 -31.30 -3.83
C2 D10 WA . 4.97 -31.88 -3.28
C3 D10 WA . 5.10 -32.10 -1.78
C4 D10 WA . 3.77 -32.67 -1.26
C5 D10 WA . 3.87 -32.94 0.25
C6 D10 WA . 2.49 -33.31 0.77
C7 D10 WA . 2.55 -33.68 2.23
C8 D10 WA . 1.14 -34.02 2.73
C9 D10 WA . 1.23 -34.76 4.07
C10 D10 WA . -0.16 -35.25 4.45
O1 7P9 XA . -17.58 -21.28 8.76
O2 7P9 XA . -16.73 -20.61 10.97
P1 7P9 XA . -17.77 -21.44 10.25
O3 7P9 XA . -19.27 -20.92 10.67
O4 7P9 XA . -17.60 -23.03 10.66
C1 7P9 XA . -18.05 -24.01 9.77
C2 7P9 XA . -17.22 -25.30 9.92
C3 7P9 XA . -16.87 -25.52 11.40
O5 7P9 XA . -15.52 -25.85 11.50
C4 7P9 XA . -15.17 -26.45 12.71
O6 7P9 XA . -15.99 -27.03 13.35
C5 7P9 XA . -13.73 -26.36 13.24
C6 7P9 XA . -13.40 -27.58 14.12
C7 7P9 XA . -12.18 -27.27 15.02
C8 7P9 XA . -11.15 -28.39 14.89
C9 7P9 XA . -9.87 -28.04 15.68
C10 7P9 XA . -10.25 -27.39 17.03
O7 7P9 XA . -17.96 -26.40 9.45
C12 7P9 XA . -17.18 -27.39 8.83
O8 7P9 XA . -16.67 -27.19 7.78
C13 7P9 XA . -17.01 -28.77 9.51
C14 7P9 XA . -16.13 -29.67 8.63
C11 7P9 XA . -11.98 -34.13 11.75
C15 7P9 XA . -14.87 -30.10 9.42
C16 7P9 XA . -14.43 -31.52 8.99
C17 7P9 XA . -13.58 -32.16 10.09
C18 7P9 XA . -12.82 -33.37 9.52
C19 7P9 XA . -12.84 -34.51 10.54
O1 7P9 YA . -0.94 -50.17 36.17
O2 7P9 YA . -2.72 -50.48 34.48
P1 7P9 YA . -2.31 -49.70 35.72
O3 7P9 YA . -3.40 -49.96 36.92
O4 7P9 YA . -2.25 -48.09 35.36
C1 7P9 YA . -3.35 -47.29 35.70
C2 7P9 YA . -3.95 -46.69 34.42
C3 7P9 YA . -4.68 -47.78 33.64
O5 7P9 YA . -3.96 -48.06 32.48
C4 7P9 YA . -4.74 -48.11 31.33
O6 7P9 YA . -5.89 -47.78 31.37
C5 7P9 YA . -4.12 -48.58 30.00
C6 7P9 YA . -4.72 -47.76 28.83
C7 7P9 YA . -3.81 -46.54 28.55
C8 7P9 YA . -4.67 -45.40 27.96
C9 7P9 YA . -3.75 -44.24 27.51
C10 7P9 YA . -3.99 -43.96 26.01
O7 7P9 YA . -4.86 -45.67 34.77
C12 7P9 YA . -4.57 -44.43 34.18
O8 7P9 YA . -3.55 -43.86 34.45
C13 7P9 YA . -5.56 -43.77 33.19
C14 7P9 YA . -5.30 -42.25 33.13
C11 7P9 YA . -3.92 -38.38 27.38
C15 7P9 YA . -5.11 -41.82 31.66
C16 7P9 YA . -3.69 -41.22 31.47
C17 7P9 YA . -3.80 -39.77 30.97
C18 7P9 YA . -4.10 -39.76 29.46
C19 7P9 YA . -3.46 -38.50 28.83
C1 OCT ZA . -2.30 -39.88 4.77
C2 OCT ZA . -3.42 -40.73 4.16
C3 OCT ZA . -4.06 -39.97 3.01
C4 OCT ZA . -5.11 -40.85 2.34
C5 OCT ZA . -5.92 -40.04 1.33
C6 OCT ZA . -7.12 -40.87 0.89
C7 OCT ZA . -8.05 -40.01 0.04
C8 OCT ZA . -9.34 -40.78 -0.23
#